data_2D8I
#
_entry.id   2D8I
#
_cell.length_a   1.000
_cell.length_b   1.000
_cell.length_c   1.000
_cell.angle_alpha   90.00
_cell.angle_beta   90.00
_cell.angle_gamma   90.00
#
_symmetry.space_group_name_H-M   'P 1'
#
_entity_poly.entity_id   1
_entity_poly.type   'polypeptide(L)'
_entity_poly.pdbx_seq_one_letter_code
;GSSGSSGEIEICPKVTQSIHIEKSDTAADTYGFSLSSVEEDGIRRLYVNSVKETGLASKKGLKAGDEILEINNRAADALN
SSMLKDFLSQPSLGLLVRTYPELEEGVESGPSSG
;
_entity_poly.pdbx_strand_id   A
#
# COMPACT_ATOMS: atom_id res chain seq x y z
N GLY A 1 14.14 7.99 -12.33
CA GLY A 1 13.62 7.20 -13.43
C GLY A 1 14.24 7.57 -14.76
N SER A 2 13.43 8.05 -15.68
CA SER A 2 13.90 8.43 -17.01
C SER A 2 13.15 9.66 -17.52
N SER A 3 13.68 10.27 -18.58
CA SER A 3 13.06 11.46 -19.16
C SER A 3 12.46 12.34 -18.08
N GLY A 4 13.18 12.52 -16.98
CA GLY A 4 12.70 13.34 -15.89
C GLY A 4 13.73 13.53 -14.80
N SER A 5 13.29 13.96 -13.63
CA SER A 5 14.18 14.18 -12.50
C SER A 5 14.60 12.85 -11.87
N SER A 6 15.77 12.85 -11.26
CA SER A 6 16.29 11.64 -10.62
C SER A 6 15.88 11.57 -9.16
N GLY A 7 14.57 11.66 -8.91
CA GLY A 7 14.07 11.62 -7.55
C GLY A 7 14.99 12.32 -6.57
N GLU A 8 15.17 11.72 -5.39
CA GLU A 8 16.03 12.29 -4.37
C GLU A 8 17.40 11.65 -4.38
N ILE A 9 18.42 12.45 -4.70
CA ILE A 9 19.80 11.95 -4.75
C ILE A 9 20.44 11.96 -3.37
N GLU A 10 20.44 10.81 -2.71
CA GLU A 10 21.02 10.68 -1.39
C GLU A 10 21.57 9.28 -1.16
N ILE A 11 22.58 9.17 -0.31
CA ILE A 11 23.19 7.88 0.00
C ILE A 11 22.16 6.90 0.54
N CYS A 12 21.12 7.44 1.18
CA CYS A 12 20.07 6.61 1.75
C CYS A 12 18.70 7.03 1.21
N PRO A 13 18.36 6.55 0.01
CA PRO A 13 17.09 6.86 -0.64
C PRO A 13 15.91 6.20 0.06
N LYS A 14 14.71 6.41 -0.48
CA LYS A 14 13.49 5.83 0.08
C LYS A 14 13.55 4.30 0.02
N VAL A 15 12.63 3.66 0.74
CA VAL A 15 12.57 2.21 0.77
C VAL A 15 11.15 1.71 0.56
N THR A 16 10.99 0.63 -0.20
CA THR A 16 9.68 0.06 -0.47
C THR A 16 9.30 -0.98 0.58
N GLN A 17 8.01 -1.21 0.74
CA GLN A 17 7.52 -2.19 1.71
C GLN A 17 6.34 -2.97 1.16
N SER A 18 6.38 -4.28 1.31
CA SER A 18 5.31 -5.14 0.83
C SER A 18 4.26 -5.40 1.92
N ILE A 19 3.07 -4.87 1.73
CA ILE A 19 2.00 -5.04 2.69
C ILE A 19 0.89 -5.93 2.13
N HIS A 20 0.85 -7.18 2.59
CA HIS A 20 -0.15 -8.14 2.14
C HIS A 20 -1.29 -8.23 3.14
N ILE A 21 -2.52 -8.09 2.64
CA ILE A 21 -3.70 -8.16 3.50
C ILE A 21 -4.45 -9.47 3.28
N GLU A 22 -4.89 -10.08 4.38
CA GLU A 22 -5.62 -11.34 4.30
C GLU A 22 -6.85 -11.30 5.20
N LYS A 23 -8.00 -11.67 4.62
CA LYS A 23 -9.26 -11.68 5.36
C LYS A 23 -9.67 -13.10 5.73
N SER A 24 -10.66 -13.22 6.60
CA SER A 24 -11.15 -14.52 7.03
C SER A 24 -12.29 -15.01 6.14
N ASP A 25 -13.14 -14.08 5.72
CA ASP A 25 -14.27 -14.40 4.87
C ASP A 25 -14.68 -13.19 4.02
N THR A 26 -14.76 -13.39 2.71
CA THR A 26 -15.13 -12.32 1.80
C THR A 26 -16.65 -12.16 1.72
N ALA A 27 -17.36 -13.17 2.21
CA ALA A 27 -18.83 -13.14 2.20
C ALA A 27 -19.35 -12.01 3.08
N ALA A 28 -18.61 -11.68 4.13
CA ALA A 28 -19.01 -10.62 5.04
C ALA A 28 -17.86 -9.65 5.29
N ASP A 29 -16.75 -10.16 5.81
CA ASP A 29 -15.58 -9.35 6.09
C ASP A 29 -14.95 -8.86 4.79
N THR A 30 -15.28 -7.63 4.40
CA THR A 30 -14.75 -7.04 3.18
C THR A 30 -13.93 -5.80 3.48
N TYR A 31 -12.81 -5.64 2.77
CA TYR A 31 -11.94 -4.49 2.97
C TYR A 31 -12.75 -3.20 3.12
N GLY A 32 -12.12 -2.17 3.65
CA GLY A 32 -12.80 -0.90 3.85
C GLY A 32 -12.00 0.27 3.32
N PHE A 33 -11.04 -0.02 2.44
CA PHE A 33 -10.19 1.02 1.86
C PHE A 33 -10.48 1.19 0.37
N SER A 34 -10.61 2.45 -0.06
CA SER A 34 -10.89 2.74 -1.46
C SER A 34 -9.62 3.17 -2.19
N LEU A 35 -9.60 2.95 -3.49
CA LEU A 35 -8.45 3.32 -4.31
C LEU A 35 -8.83 4.33 -5.39
N SER A 36 -8.14 5.46 -5.40
CA SER A 36 -8.42 6.51 -6.37
C SER A 36 -7.32 6.56 -7.44
N SER A 37 -7.68 7.08 -8.62
CA SER A 37 -6.73 7.18 -9.72
C SER A 37 -6.42 8.64 -10.03
N VAL A 38 -5.14 8.95 -10.16
CA VAL A 38 -4.71 10.31 -10.48
C VAL A 38 -3.82 10.34 -11.71
N GLU A 39 -4.31 11.00 -12.76
CA GLU A 39 -3.55 11.11 -14.01
C GLU A 39 -2.76 12.41 -14.07
N GLU A 40 -1.46 12.29 -14.32
CA GLU A 40 -0.59 13.45 -14.40
C GLU A 40 0.49 13.26 -15.47
N ASP A 41 0.48 14.13 -16.47
CA ASP A 41 1.45 14.05 -17.55
C ASP A 41 1.34 12.73 -18.30
N GLY A 42 0.14 12.16 -18.31
CA GLY A 42 -0.08 10.90 -18.99
C GLY A 42 0.22 9.71 -18.10
N ILE A 43 0.87 9.96 -16.97
CA ILE A 43 1.22 8.89 -16.04
C ILE A 43 0.10 8.68 -15.02
N ARG A 44 -0.65 7.59 -15.19
CA ARG A 44 -1.74 7.26 -14.29
C ARG A 44 -1.23 6.57 -13.03
N ARG A 45 -1.53 7.14 -11.88
CA ARG A 45 -1.09 6.56 -10.61
C ARG A 45 -2.29 6.29 -9.69
N LEU A 46 -2.08 5.43 -8.70
CA LEU A 46 -3.14 5.08 -7.76
C LEU A 46 -2.81 5.58 -6.35
N TYR A 47 -3.83 6.05 -5.64
CA TYR A 47 -3.66 6.57 -4.29
C TYR A 47 -4.86 6.23 -3.42
N VAL A 48 -4.59 5.77 -2.21
CA VAL A 48 -5.66 5.41 -1.28
C VAL A 48 -6.52 6.63 -0.93
N ASN A 49 -7.84 6.45 -0.96
CA ASN A 49 -8.76 7.53 -0.65
C ASN A 49 -9.21 7.46 0.82
N SER A 50 -9.50 6.26 1.28
CA SER A 50 -9.94 6.06 2.65
C SER A 50 -9.49 4.70 3.18
N VAL A 51 -9.47 4.56 4.50
CA VAL A 51 -9.06 3.30 5.12
C VAL A 51 -9.85 3.06 6.40
N LYS A 52 -10.54 1.92 6.46
CA LYS A 52 -11.33 1.54 7.63
C LYS A 52 -10.43 1.34 8.84
N GLU A 53 -10.77 2.02 9.94
CA GLU A 53 -10.00 1.91 11.17
C GLU A 53 -9.99 0.47 11.68
N THR A 54 -11.18 -0.05 12.00
CA THR A 54 -11.31 -1.41 12.50
C THR A 54 -11.20 -2.43 11.37
N GLY A 55 -10.13 -2.31 10.58
CA GLY A 55 -9.92 -3.23 9.48
C GLY A 55 -8.53 -3.82 9.47
N LEU A 56 -8.06 -4.22 8.28
CA LEU A 56 -6.74 -4.82 8.14
C LEU A 56 -5.76 -3.82 7.52
N ALA A 57 -6.21 -3.15 6.46
CA ALA A 57 -5.37 -2.17 5.79
C ALA A 57 -4.75 -1.19 6.78
N SER A 58 -5.59 -0.59 7.62
CA SER A 58 -5.11 0.36 8.61
C SER A 58 -4.08 -0.27 9.53
N LYS A 59 -4.54 -1.20 10.37
CA LYS A 59 -3.67 -1.89 11.31
C LYS A 59 -2.38 -2.33 10.62
N LYS A 60 -2.50 -2.76 9.37
CA LYS A 60 -1.35 -3.21 8.60
C LYS A 60 -0.32 -2.10 8.44
N GLY A 61 -0.66 -1.11 7.62
CA GLY A 61 0.24 0.02 7.40
C GLY A 61 -0.22 0.93 6.29
N LEU A 62 -1.53 1.04 6.12
CA LEU A 62 -2.11 1.88 5.08
C LEU A 62 -2.85 3.07 5.70
N LYS A 63 -2.94 4.16 4.93
CA LYS A 63 -3.62 5.36 5.40
C LYS A 63 -4.16 6.17 4.22
N ALA A 64 -5.22 6.93 4.47
CA ALA A 64 -5.84 7.74 3.44
C ALA A 64 -4.85 8.76 2.88
N GLY A 65 -4.25 8.43 1.74
CA GLY A 65 -3.30 9.32 1.11
C GLY A 65 -1.99 8.63 0.78
N ASP A 66 -2.05 7.32 0.58
CA ASP A 66 -0.87 6.53 0.26
C ASP A 66 -0.61 6.53 -1.24
N GLU A 67 0.45 5.83 -1.66
CA GLU A 67 0.80 5.75 -3.06
C GLU A 67 0.95 4.29 -3.50
N ILE A 68 0.05 3.84 -4.37
CA ILE A 68 0.09 2.47 -4.86
C ILE A 68 0.96 2.36 -6.10
N LEU A 69 2.04 1.58 -6.00
CA LEU A 69 2.96 1.39 -7.12
C LEU A 69 2.55 0.17 -7.95
N GLU A 70 2.43 -0.97 -7.28
CA GLU A 70 2.05 -2.21 -7.96
C GLU A 70 1.05 -3.01 -7.12
N ILE A 71 0.28 -3.86 -7.78
CA ILE A 71 -0.71 -4.67 -7.10
C ILE A 71 -0.70 -6.11 -7.63
N ASN A 72 -0.18 -7.02 -6.82
CA ASN A 72 -0.11 -8.43 -7.20
C ASN A 72 0.74 -8.61 -8.46
N ASN A 73 1.81 -7.83 -8.55
CA ASN A 73 2.70 -7.90 -9.71
C ASN A 73 2.03 -7.32 -10.94
N ARG A 74 1.25 -6.26 -10.76
CA ARG A 74 0.57 -5.61 -11.86
C ARG A 74 0.75 -4.10 -11.82
N ALA A 75 0.90 -3.49 -13.00
CA ALA A 75 1.10 -2.05 -13.09
C ALA A 75 -0.22 -1.31 -12.92
N ALA A 76 -0.31 -0.48 -11.90
CA ALA A 76 -1.51 0.29 -11.63
C ALA A 76 -2.08 0.89 -12.91
N ASP A 77 -1.24 1.60 -13.65
CA ASP A 77 -1.65 2.21 -14.90
C ASP A 77 -2.31 1.19 -15.82
N ALA A 78 -1.76 -0.01 -15.85
CA ALA A 78 -2.29 -1.08 -16.69
C ALA A 78 -3.66 -1.55 -16.18
N LEU A 79 -3.85 -1.48 -14.87
CA LEU A 79 -5.12 -1.90 -14.27
C LEU A 79 -6.15 -0.77 -14.35
N ASN A 80 -7.38 -1.15 -14.69
CA ASN A 80 -8.46 -0.17 -14.80
C ASN A 80 -9.56 -0.46 -13.79
N SER A 81 -10.53 0.44 -13.69
CA SER A 81 -11.64 0.28 -12.76
C SER A 81 -12.11 -1.16 -12.72
N SER A 82 -12.21 -1.78 -13.90
CA SER A 82 -12.65 -3.16 -14.00
C SER A 82 -11.77 -4.09 -13.16
N MET A 83 -10.49 -4.12 -13.51
CA MET A 83 -9.54 -4.96 -12.78
C MET A 83 -9.54 -4.64 -11.29
N LEU A 84 -9.35 -3.35 -10.98
CA LEU A 84 -9.33 -2.91 -9.59
C LEU A 84 -10.43 -3.59 -8.78
N LYS A 85 -11.64 -3.59 -9.32
CA LYS A 85 -12.79 -4.20 -8.65
C LYS A 85 -12.51 -5.67 -8.36
N ASP A 86 -12.01 -6.39 -9.36
CA ASP A 86 -11.69 -7.80 -9.20
C ASP A 86 -10.71 -8.02 -8.06
N PHE A 87 -9.69 -7.17 -7.99
CA PHE A 87 -8.68 -7.28 -6.94
C PHE A 87 -9.29 -6.99 -5.57
N LEU A 88 -10.27 -6.10 -5.54
CA LEU A 88 -10.94 -5.74 -4.29
C LEU A 88 -11.92 -6.82 -3.87
N SER A 89 -12.22 -7.74 -4.78
CA SER A 89 -13.15 -8.82 -4.50
C SER A 89 -12.41 -10.11 -4.21
N GLN A 90 -11.22 -10.00 -3.62
CA GLN A 90 -10.40 -11.16 -3.30
C GLN A 90 -10.12 -11.22 -1.79
N PRO A 91 -9.91 -12.45 -1.29
CA PRO A 91 -9.62 -12.67 0.14
C PRO A 91 -8.25 -12.14 0.54
N SER A 92 -7.30 -12.22 -0.40
CA SER A 92 -5.94 -11.76 -0.13
C SER A 92 -5.48 -10.78 -1.20
N LEU A 93 -4.80 -9.72 -0.77
CA LEU A 93 -4.31 -8.70 -1.69
C LEU A 93 -2.87 -8.31 -1.36
N GLY A 94 -2.08 -8.04 -2.40
CA GLY A 94 -0.69 -7.66 -2.20
C GLY A 94 -0.36 -6.33 -2.83
N LEU A 95 -0.22 -5.30 -1.99
CA LEU A 95 0.10 -3.96 -2.47
C LEU A 95 1.57 -3.63 -2.23
N LEU A 96 2.09 -2.69 -3.01
CA LEU A 96 3.48 -2.27 -2.87
C LEU A 96 3.59 -0.75 -2.76
N VAL A 97 3.73 -0.26 -1.54
CA VAL A 97 3.85 1.17 -1.30
C VAL A 97 5.28 1.55 -0.94
N ARG A 98 5.60 2.84 -1.07
CA ARG A 98 6.93 3.33 -0.75
C ARG A 98 6.94 4.07 0.58
N THR A 99 8.11 4.13 1.20
CA THR A 99 8.26 4.82 2.49
C THR A 99 9.66 5.37 2.66
N TYR A 100 9.86 6.15 3.72
CA TYR A 100 11.16 6.74 4.01
C TYR A 100 11.79 6.10 5.24
N PRO A 101 13.12 5.91 5.19
CA PRO A 101 13.87 5.30 6.29
C PRO A 101 13.96 6.23 7.50
N GLU A 102 14.14 5.64 8.68
CA GLU A 102 14.24 6.41 9.92
C GLU A 102 14.86 5.57 11.03
N LEU A 103 15.45 6.25 12.01
CA LEU A 103 16.09 5.57 13.13
C LEU A 103 15.04 5.03 14.11
N GLU A 104 14.13 4.20 13.60
CA GLU A 104 13.08 3.62 14.42
C GLU A 104 13.12 2.10 14.36
N GLU A 105 14.26 1.55 13.93
CA GLU A 105 14.42 0.11 13.82
C GLU A 105 14.80 -0.51 15.17
N GLY A 106 14.17 -1.63 15.50
CA GLY A 106 14.45 -2.30 16.75
C GLY A 106 13.59 -3.53 16.95
N VAL A 107 12.30 -3.32 17.21
CA VAL A 107 11.37 -4.42 17.44
C VAL A 107 10.20 -4.35 16.46
N GLU A 108 9.83 -5.50 15.91
CA GLU A 108 8.72 -5.56 14.97
C GLU A 108 7.42 -5.97 15.67
N SER A 109 6.30 -5.51 15.13
CA SER A 109 5.00 -5.82 15.70
C SER A 109 4.44 -7.13 15.15
N GLY A 110 3.87 -7.95 16.03
CA GLY A 110 3.31 -9.21 15.61
C GLY A 110 3.43 -10.28 16.69
N PRO A 111 3.03 -11.51 16.36
CA PRO A 111 3.09 -12.65 17.28
C PRO A 111 4.53 -13.09 17.57
N SER A 112 5.32 -13.22 16.52
CA SER A 112 6.72 -13.63 16.66
C SER A 112 7.41 -12.81 17.74
N SER A 113 7.45 -13.35 18.95
CA SER A 113 8.09 -12.68 20.07
C SER A 113 8.65 -13.70 21.07
N GLY A 114 9.97 -13.78 21.14
CA GLY A 114 10.61 -14.71 22.06
C GLY A 114 11.01 -16.01 21.39
N GLY A 1 20.08 14.82 -1.45
CA GLY A 1 19.34 13.97 -2.36
C GLY A 1 17.84 14.20 -2.28
N SER A 2 17.08 13.13 -2.11
CA SER A 2 15.62 13.23 -2.02
C SER A 2 15.20 13.71 -0.64
N SER A 3 14.32 14.71 -0.61
CA SER A 3 13.83 15.27 0.64
C SER A 3 12.66 14.46 1.18
N GLY A 4 12.28 14.71 2.42
CA GLY A 4 11.18 13.99 3.04
C GLY A 4 10.76 14.60 4.36
N SER A 5 11.42 14.19 5.43
CA SER A 5 11.11 14.70 6.77
C SER A 5 12.07 15.81 7.18
N SER A 6 11.62 16.67 8.09
CA SER A 6 12.43 17.78 8.56
C SER A 6 13.15 17.42 9.85
N GLY A 7 13.68 16.20 9.91
CA GLY A 7 14.38 15.76 11.11
C GLY A 7 15.74 15.17 10.79
N GLU A 8 15.75 13.94 10.28
CA GLU A 8 17.01 13.26 9.94
C GLU A 8 16.88 12.56 8.60
N ILE A 9 17.76 12.91 7.67
CA ILE A 9 17.75 12.30 6.33
C ILE A 9 18.65 11.08 6.29
N GLU A 10 18.32 10.14 5.41
CA GLU A 10 19.09 8.91 5.27
C GLU A 10 19.86 8.91 3.94
N ILE A 11 21.09 8.43 3.99
CA ILE A 11 21.93 8.36 2.79
C ILE A 11 21.26 7.54 1.70
N CYS A 12 20.47 6.55 2.11
CA CYS A 12 19.78 5.68 1.16
C CYS A 12 18.39 6.25 0.83
N PRO A 13 17.92 5.96 -0.39
CA PRO A 13 16.61 6.43 -0.86
C PRO A 13 15.45 5.74 -0.13
N LYS A 14 14.23 6.08 -0.53
CA LYS A 14 13.04 5.50 0.09
C LYS A 14 13.09 3.97 0.01
N VAL A 15 12.14 3.32 0.69
CA VAL A 15 12.08 1.87 0.69
C VAL A 15 10.66 1.39 0.38
N THR A 16 10.58 0.26 -0.33
CA THR A 16 9.29 -0.31 -0.70
C THR A 16 8.80 -1.30 0.35
N GLN A 17 7.57 -1.09 0.82
CA GLN A 17 6.98 -1.97 1.83
C GLN A 17 5.90 -2.85 1.23
N SER A 18 6.03 -4.17 1.41
CA SER A 18 5.06 -5.11 0.88
C SER A 18 3.94 -5.38 1.89
N ILE A 19 2.79 -4.76 1.67
CA ILE A 19 1.65 -4.93 2.56
C ILE A 19 0.70 -6.00 2.04
N HIS A 20 0.77 -7.19 2.63
CA HIS A 20 -0.09 -8.30 2.23
C HIS A 20 -1.28 -8.44 3.17
N ILE A 21 -2.47 -8.16 2.65
CA ILE A 21 -3.69 -8.24 3.44
C ILE A 21 -4.41 -9.57 3.19
N GLU A 22 -4.83 -10.23 4.27
CA GLU A 22 -5.53 -11.50 4.16
C GLU A 22 -6.73 -11.53 5.11
N LYS A 23 -7.92 -11.66 4.55
CA LYS A 23 -9.15 -11.70 5.34
C LYS A 23 -9.50 -13.14 5.70
N SER A 24 -10.33 -13.30 6.73
CA SER A 24 -10.74 -14.64 7.16
C SER A 24 -11.82 -15.20 6.25
N ASP A 25 -12.73 -14.33 5.81
CA ASP A 25 -13.81 -14.74 4.92
C ASP A 25 -14.23 -13.60 4.01
N THR A 26 -14.49 -13.91 2.75
CA THR A 26 -14.90 -12.91 1.77
C THR A 26 -16.41 -12.73 1.77
N ALA A 27 -17.11 -13.69 2.37
CA ALA A 27 -18.57 -13.64 2.44
C ALA A 27 -19.04 -12.47 3.31
N ALA A 28 -18.26 -12.15 4.33
CA ALA A 28 -18.59 -11.05 5.22
C ALA A 28 -17.43 -10.07 5.36
N ASP A 29 -16.37 -10.50 6.04
CA ASP A 29 -15.19 -9.67 6.23
C ASP A 29 -14.63 -9.19 4.88
N THR A 30 -14.74 -7.90 4.62
CA THR A 30 -14.24 -7.32 3.38
C THR A 30 -13.48 -6.04 3.64
N TYR A 31 -12.56 -5.71 2.74
CA TYR A 31 -11.75 -4.50 2.86
C TYR A 31 -12.64 -3.27 3.03
N GLY A 32 -12.01 -2.10 3.10
CA GLY A 32 -12.76 -0.86 3.27
C GLY A 32 -11.98 0.35 2.81
N PHE A 33 -11.01 0.13 1.93
CA PHE A 33 -10.18 1.22 1.42
C PHE A 33 -10.35 1.36 -0.09
N SER A 34 -10.61 2.58 -0.54
CA SER A 34 -10.79 2.86 -1.97
C SER A 34 -9.51 3.40 -2.59
N LEU A 35 -9.54 3.62 -3.90
CA LEU A 35 -8.38 4.13 -4.61
C LEU A 35 -8.78 5.22 -5.60
N SER A 36 -7.89 6.19 -5.82
CA SER A 36 -8.16 7.28 -6.73
C SER A 36 -7.20 7.25 -7.91
N SER A 37 -7.71 7.55 -9.10
CA SER A 37 -6.90 7.55 -10.32
C SER A 37 -6.54 8.97 -10.72
N VAL A 38 -5.24 9.27 -10.73
CA VAL A 38 -4.75 10.60 -11.10
C VAL A 38 -3.71 10.51 -12.21
N GLU A 39 -3.60 11.57 -13.00
CA GLU A 39 -2.63 11.61 -14.09
C GLU A 39 -1.67 12.78 -13.93
N GLU A 40 -0.41 12.45 -13.65
CA GLU A 40 0.62 13.48 -13.45
C GLU A 40 1.55 13.54 -14.65
N ASP A 41 1.31 14.49 -15.55
CA ASP A 41 2.14 14.65 -16.73
C ASP A 41 2.05 13.42 -17.62
N GLY A 42 0.84 12.87 -17.75
CA GLY A 42 0.65 11.70 -18.58
C GLY A 42 0.79 10.40 -17.80
N ILE A 43 1.56 10.46 -16.71
CA ILE A 43 1.78 9.29 -15.88
C ILE A 43 0.63 9.08 -14.90
N ARG A 44 -0.18 8.06 -15.17
CA ARG A 44 -1.33 7.75 -14.32
C ARG A 44 -0.90 6.91 -13.11
N ARG A 45 -1.31 7.34 -11.92
CA ARG A 45 -0.97 6.63 -10.69
C ARG A 45 -2.19 6.48 -9.80
N LEU A 46 -2.09 5.60 -8.80
CA LEU A 46 -3.18 5.36 -7.87
C LEU A 46 -2.83 5.86 -6.48
N TYR A 47 -3.85 6.17 -5.69
CA TYR A 47 -3.65 6.67 -4.33
C TYR A 47 -4.80 6.25 -3.42
N VAL A 48 -4.48 5.96 -2.17
CA VAL A 48 -5.49 5.55 -1.20
C VAL A 48 -6.39 6.71 -0.81
N ASN A 49 -7.62 6.69 -1.30
CA ASN A 49 -8.58 7.75 -1.00
C ASN A 49 -9.00 7.71 0.48
N SER A 50 -9.45 6.54 0.93
CA SER A 50 -9.88 6.37 2.31
C SER A 50 -9.52 4.98 2.82
N VAL A 51 -9.38 4.86 4.14
CA VAL A 51 -9.03 3.59 4.75
C VAL A 51 -9.82 3.38 6.04
N LYS A 52 -10.41 2.19 6.18
CA LYS A 52 -11.19 1.86 7.36
C LYS A 52 -10.37 2.01 8.63
N GLU A 53 -11.01 2.41 9.71
CA GLU A 53 -10.33 2.59 10.99
C GLU A 53 -10.11 1.24 11.69
N THR A 54 -11.16 0.43 11.72
CA THR A 54 -11.09 -0.88 12.36
C THR A 54 -11.00 -1.99 11.33
N GLY A 55 -9.92 -2.00 10.56
CA GLY A 55 -9.73 -3.02 9.54
C GLY A 55 -8.29 -3.48 9.45
N LEU A 56 -8.01 -4.31 8.44
CA LEU A 56 -6.66 -4.82 8.23
C LEU A 56 -5.75 -3.76 7.65
N ALA A 57 -6.14 -3.22 6.50
CA ALA A 57 -5.37 -2.19 5.82
C ALA A 57 -4.67 -1.28 6.84
N SER A 58 -5.45 -0.44 7.50
CA SER A 58 -4.91 0.49 8.50
C SER A 58 -3.88 -0.21 9.37
N LYS A 59 -4.28 -1.30 10.01
CA LYS A 59 -3.40 -2.06 10.88
C LYS A 59 -2.06 -2.32 10.20
N LYS A 60 -2.10 -2.94 9.03
CA LYS A 60 -0.89 -3.24 8.27
C LYS A 60 -0.01 -2.01 8.15
N GLY A 61 -0.55 -0.95 7.58
CA GLY A 61 0.21 0.28 7.42
C GLY A 61 -0.30 1.13 6.26
N LEU A 62 -1.62 1.20 6.11
CA LEU A 62 -2.21 1.98 5.04
C LEU A 62 -2.92 3.23 5.59
N LYS A 63 -2.90 4.30 4.80
CA LYS A 63 -3.54 5.54 5.21
C LYS A 63 -4.02 6.33 3.99
N ALA A 64 -5.05 7.15 4.20
CA ALA A 64 -5.61 7.96 3.12
C ALA A 64 -4.59 8.95 2.60
N GLY A 65 -4.01 8.65 1.44
CA GLY A 65 -3.02 9.53 0.84
C GLY A 65 -1.90 8.77 0.17
N ASP A 66 -1.52 7.64 0.74
CA ASP A 66 -0.45 6.81 0.18
C ASP A 66 -0.64 6.63 -1.32
N GLU A 67 0.34 6.00 -1.96
CA GLU A 67 0.29 5.76 -3.39
C GLU A 67 0.61 4.31 -3.72
N ILE A 68 -0.27 3.67 -4.47
CA ILE A 68 -0.08 2.27 -4.85
C ILE A 68 0.70 2.15 -6.16
N LEU A 69 1.91 1.60 -6.07
CA LEU A 69 2.74 1.43 -7.25
C LEU A 69 2.32 0.21 -8.07
N GLU A 70 2.19 -0.93 -7.39
CA GLU A 70 1.78 -2.15 -8.06
C GLU A 70 0.85 -2.98 -7.16
N ILE A 71 0.02 -3.81 -7.78
CA ILE A 71 -0.92 -4.64 -7.05
C ILE A 71 -0.82 -6.10 -7.49
N ASN A 72 -0.20 -6.93 -6.65
CA ASN A 72 -0.04 -8.34 -6.96
C ASN A 72 0.79 -8.54 -8.22
N ASN A 73 1.83 -7.72 -8.37
CA ASN A 73 2.72 -7.81 -9.53
C ASN A 73 2.02 -7.27 -10.78
N ARG A 74 1.18 -6.25 -10.58
CA ARG A 74 0.46 -5.64 -11.70
C ARG A 74 0.61 -4.13 -11.68
N ALA A 75 0.74 -3.54 -12.87
CA ALA A 75 0.89 -2.09 -12.98
C ALA A 75 -0.42 -1.37 -12.67
N ALA A 76 -0.42 -0.62 -11.58
CA ALA A 76 -1.60 0.12 -11.16
C ALA A 76 -2.29 0.77 -12.36
N ASP A 77 -1.50 1.50 -13.16
CA ASP A 77 -2.04 2.17 -14.34
C ASP A 77 -2.74 1.18 -15.27
N ALA A 78 -2.13 0.01 -15.43
CA ALA A 78 -2.70 -1.03 -16.29
C ALA A 78 -4.04 -1.52 -15.75
N LEU A 79 -4.16 -1.56 -14.42
CA LEU A 79 -5.38 -2.01 -13.78
C LEU A 79 -6.46 -0.94 -13.86
N ASN A 80 -7.63 -1.32 -14.38
CA ASN A 80 -8.74 -0.39 -14.52
C ASN A 80 -9.79 -0.63 -13.43
N SER A 81 -10.78 0.24 -13.37
CA SER A 81 -11.84 0.13 -12.38
C SER A 81 -12.38 -1.31 -12.32
N SER A 82 -12.66 -1.87 -13.49
CA SER A 82 -13.19 -3.23 -13.58
C SER A 82 -12.27 -4.21 -12.84
N MET A 83 -11.02 -4.29 -13.27
CA MET A 83 -10.05 -5.18 -12.66
C MET A 83 -9.98 -4.94 -11.15
N LEU A 84 -9.70 -3.71 -10.76
CA LEU A 84 -9.60 -3.35 -9.35
C LEU A 84 -10.69 -4.04 -8.54
N LYS A 85 -11.93 -3.93 -9.01
CA LYS A 85 -13.06 -4.53 -8.33
C LYS A 85 -12.82 -6.02 -8.10
N ASP A 86 -12.39 -6.72 -9.14
CA ASP A 86 -12.13 -8.15 -9.05
C ASP A 86 -11.03 -8.43 -8.03
N PHE A 87 -10.06 -7.53 -7.94
CA PHE A 87 -8.96 -7.68 -6.99
C PHE A 87 -9.47 -7.65 -5.55
N LEU A 88 -10.40 -6.73 -5.28
CA LEU A 88 -10.96 -6.59 -3.94
C LEU A 88 -11.86 -7.77 -3.60
N SER A 89 -12.37 -8.43 -4.63
CA SER A 89 -13.24 -9.59 -4.45
C SER A 89 -12.44 -10.81 -4.03
N GLN A 90 -11.13 -10.64 -3.87
CA GLN A 90 -10.26 -11.73 -3.46
C GLN A 90 -9.99 -11.69 -1.96
N PRO A 91 -9.88 -12.87 -1.35
CA PRO A 91 -9.63 -13.00 0.09
C PRO A 91 -8.22 -12.56 0.48
N SER A 92 -7.32 -12.52 -0.51
CA SER A 92 -5.95 -12.11 -0.26
C SER A 92 -5.48 -11.13 -1.34
N LEU A 93 -4.89 -10.02 -0.89
CA LEU A 93 -4.40 -9.00 -1.81
C LEU A 93 -2.98 -8.55 -1.43
N GLY A 94 -2.18 -8.23 -2.43
CA GLY A 94 -0.82 -7.78 -2.17
C GLY A 94 -0.54 -6.41 -2.74
N LEU A 95 -0.57 -5.39 -1.88
CA LEU A 95 -0.32 -4.02 -2.30
C LEU A 95 1.15 -3.66 -2.12
N LEU A 96 1.64 -2.73 -2.94
CA LEU A 96 3.02 -2.29 -2.87
C LEU A 96 3.11 -0.76 -2.82
N VAL A 97 3.36 -0.24 -1.62
CA VAL A 97 3.48 1.20 -1.43
C VAL A 97 4.87 1.59 -0.97
N ARG A 98 5.26 2.84 -1.24
CA ARG A 98 6.57 3.33 -0.85
C ARG A 98 6.52 4.00 0.52
N THR A 99 7.65 3.99 1.21
CA THR A 99 7.74 4.60 2.54
C THR A 99 9.13 5.17 2.80
N TYR A 100 9.27 5.89 3.91
CA TYR A 100 10.56 6.48 4.27
C TYR A 100 11.21 5.71 5.41
N PRO A 101 12.52 5.46 5.28
CA PRO A 101 13.29 4.73 6.29
C PRO A 101 13.48 5.55 7.57
N GLU A 102 13.04 4.98 8.68
CA GLU A 102 13.16 5.65 9.98
C GLU A 102 13.79 4.73 11.02
N LEU A 103 14.52 5.33 11.96
CA LEU A 103 15.18 4.56 13.01
C LEU A 103 14.17 4.11 14.07
N GLU A 104 14.68 3.45 15.11
CA GLU A 104 13.82 2.97 16.19
C GLU A 104 12.77 1.99 15.66
N GLU A 105 13.23 0.99 14.92
CA GLU A 105 12.33 -0.01 14.35
C GLU A 105 12.10 -1.16 15.33
N GLY A 106 11.07 -1.03 16.16
CA GLY A 106 10.77 -2.07 17.13
C GLY A 106 9.76 -1.62 18.16
N VAL A 107 8.72 -0.92 17.71
CA VAL A 107 7.68 -0.44 18.60
C VAL A 107 6.86 -1.58 19.19
N GLU A 108 6.05 -1.27 20.20
CA GLU A 108 5.22 -2.28 20.84
C GLU A 108 5.98 -3.59 21.00
N SER A 109 7.30 -3.49 21.15
CA SER A 109 8.14 -4.67 21.31
C SER A 109 8.47 -4.91 22.78
N GLY A 110 8.70 -6.17 23.13
CA GLY A 110 9.02 -6.51 24.50
C GLY A 110 7.79 -6.55 25.39
N PRO A 111 7.08 -7.69 25.38
CA PRO A 111 5.87 -7.87 26.19
C PRO A 111 6.18 -7.97 27.68
N SER A 112 5.27 -7.43 28.49
CA SER A 112 5.45 -7.45 29.94
C SER A 112 4.24 -8.07 30.63
N SER A 113 4.38 -8.37 31.92
CA SER A 113 3.30 -8.97 32.69
C SER A 113 3.43 -8.63 34.17
N GLY A 114 2.32 -8.74 34.90
CA GLY A 114 2.33 -8.44 36.32
C GLY A 114 1.83 -9.61 37.16
N GLY A 1 10.77 32.15 2.03
CA GLY A 1 9.88 33.07 1.33
C GLY A 1 8.55 33.21 2.02
N SER A 2 7.55 33.68 1.27
CA SER A 2 6.21 33.87 1.82
C SER A 2 5.63 32.54 2.30
N SER A 3 4.50 32.62 3.00
CA SER A 3 3.85 31.43 3.54
C SER A 3 2.47 31.26 2.92
N GLY A 4 2.28 30.16 2.18
CA GLY A 4 1.01 29.90 1.55
C GLY A 4 0.92 28.49 0.98
N SER A 5 1.97 28.06 0.28
CA SER A 5 2.00 26.73 -0.31
C SER A 5 3.21 25.95 0.18
N SER A 6 3.02 24.66 0.43
CA SER A 6 4.10 23.80 0.91
C SER A 6 4.30 22.62 -0.03
N GLY A 7 5.56 22.37 -0.39
CA GLY A 7 5.87 21.26 -1.28
C GLY A 7 7.35 21.18 -1.62
N GLU A 8 8.12 20.56 -0.74
CA GLU A 8 9.56 20.42 -0.95
C GLU A 8 9.98 18.96 -0.87
N ILE A 9 10.84 18.54 -1.80
CA ILE A 9 11.32 17.17 -1.83
C ILE A 9 12.52 16.98 -0.91
N GLU A 10 12.40 16.03 0.01
CA GLU A 10 13.47 15.75 0.97
C GLU A 10 14.68 15.14 0.26
N ILE A 11 15.82 15.15 0.94
CA ILE A 11 17.05 14.60 0.38
C ILE A 11 17.14 13.10 0.63
N CYS A 12 16.90 12.71 1.88
CA CYS A 12 16.96 11.29 2.25
C CYS A 12 16.19 10.43 1.25
N PRO A 13 16.75 9.26 0.92
CA PRO A 13 16.15 8.33 -0.03
C PRO A 13 14.89 7.68 0.54
N LYS A 14 14.33 6.73 -0.21
CA LYS A 14 13.12 6.04 0.21
C LYS A 14 13.29 4.52 0.05
N VAL A 15 12.35 3.77 0.62
CA VAL A 15 12.39 2.31 0.54
C VAL A 15 11.02 1.74 0.18
N THR A 16 11.02 0.65 -0.58
CA THR A 16 9.79 0.01 -0.98
C THR A 16 9.33 -1.03 0.03
N GLN A 17 8.04 -1.05 0.33
CA GLN A 17 7.48 -1.99 1.29
C GLN A 17 6.17 -2.58 0.78
N SER A 18 6.06 -3.90 0.82
CA SER A 18 4.86 -4.58 0.36
C SER A 18 4.01 -5.05 1.54
N ILE A 19 2.72 -4.75 1.49
CA ILE A 19 1.81 -5.13 2.56
C ILE A 19 0.85 -6.22 2.09
N HIS A 20 0.92 -7.39 2.72
CA HIS A 20 0.06 -8.51 2.38
C HIS A 20 -1.17 -8.56 3.29
N ILE A 21 -2.33 -8.26 2.75
CA ILE A 21 -3.57 -8.27 3.51
C ILE A 21 -4.35 -9.56 3.28
N GLU A 22 -4.99 -10.07 4.33
CA GLU A 22 -5.77 -11.29 4.24
C GLU A 22 -7.01 -11.21 5.12
N LYS A 23 -8.18 -11.22 4.50
CA LYS A 23 -9.44 -11.15 5.22
C LYS A 23 -9.88 -12.54 5.67
N SER A 24 -10.85 -12.59 6.58
CA SER A 24 -11.35 -13.85 7.10
C SER A 24 -12.80 -14.07 6.67
N ASP A 25 -13.00 -14.93 5.68
CA ASP A 25 -14.33 -15.24 5.18
C ASP A 25 -14.86 -14.09 4.33
N THR A 26 -14.10 -13.71 3.32
CA THR A 26 -14.49 -12.62 2.43
C THR A 26 -16.00 -12.62 2.20
N ALA A 27 -16.60 -13.79 2.24
CA ALA A 27 -18.05 -13.92 2.04
C ALA A 27 -18.78 -12.72 2.60
N ALA A 28 -18.34 -12.24 3.76
CA ALA A 28 -18.96 -11.08 4.40
C ALA A 28 -17.95 -9.95 4.59
N ASP A 29 -16.94 -10.21 5.41
CA ASP A 29 -15.91 -9.20 5.68
C ASP A 29 -15.23 -8.76 4.39
N THR A 30 -15.11 -7.44 4.22
CA THR A 30 -14.48 -6.89 3.03
C THR A 30 -13.67 -5.64 3.36
N TYR A 31 -12.52 -5.50 2.71
CA TYR A 31 -11.64 -4.35 2.94
C TYR A 31 -12.45 -3.06 3.02
N GLY A 32 -11.94 -2.09 3.77
CA GLY A 32 -12.62 -0.83 3.92
C GLY A 32 -11.79 0.34 3.42
N PHE A 33 -11.10 0.14 2.30
CA PHE A 33 -10.25 1.18 1.74
C PHE A 33 -10.50 1.30 0.23
N SER A 34 -10.40 2.53 -0.28
CA SER A 34 -10.62 2.78 -1.70
C SER A 34 -9.32 3.24 -2.37
N LEU A 35 -9.31 3.22 -3.70
CA LEU A 35 -8.14 3.63 -4.46
C LEU A 35 -8.52 4.61 -5.57
N SER A 36 -7.89 5.78 -5.57
CA SER A 36 -8.16 6.80 -6.57
C SER A 36 -7.05 6.84 -7.62
N SER A 37 -7.45 7.12 -8.87
CA SER A 37 -6.50 7.17 -9.97
C SER A 37 -6.34 8.60 -10.47
N VAL A 38 -5.10 8.98 -10.75
CA VAL A 38 -4.82 10.33 -11.25
C VAL A 38 -3.77 10.30 -12.36
N GLU A 39 -4.11 10.90 -13.50
CA GLU A 39 -3.20 10.95 -14.64
C GLU A 39 -2.48 12.28 -14.70
N GLU A 40 -1.18 12.26 -14.37
CA GLU A 40 -0.36 13.47 -14.39
C GLU A 40 0.67 13.40 -15.51
N ASP A 41 0.61 14.37 -16.42
CA ASP A 41 1.54 14.43 -17.54
C ASP A 41 1.48 13.15 -18.36
N GLY A 42 0.34 12.46 -18.31
CA GLY A 42 0.18 11.23 -19.05
C GLY A 42 0.40 10.00 -18.19
N ILE A 43 1.15 10.17 -17.11
CA ILE A 43 1.45 9.07 -16.20
C ILE A 43 0.32 8.87 -15.20
N ARG A 44 -0.26 7.67 -15.20
CA ARG A 44 -1.35 7.35 -14.29
C ARG A 44 -0.81 6.80 -12.97
N ARG A 45 -1.30 7.35 -11.86
CA ARG A 45 -0.87 6.90 -10.53
C ARG A 45 -2.07 6.55 -9.66
N LEU A 46 -1.80 5.94 -8.51
CA LEU A 46 -2.86 5.55 -7.59
C LEU A 46 -2.60 6.11 -6.20
N TYR A 47 -3.68 6.40 -5.47
CA TYR A 47 -3.57 6.94 -4.13
C TYR A 47 -4.74 6.50 -3.26
N VAL A 48 -4.44 6.09 -2.03
CA VAL A 48 -5.47 5.64 -1.11
C VAL A 48 -6.29 6.82 -0.57
N ASN A 49 -7.57 6.85 -0.91
CA ASN A 49 -8.46 7.92 -0.47
C ASN A 49 -8.88 7.71 0.98
N SER A 50 -9.35 6.51 1.28
CA SER A 50 -9.79 6.18 2.64
C SER A 50 -9.36 4.77 3.03
N VAL A 51 -9.43 4.47 4.32
CA VAL A 51 -9.04 3.16 4.82
C VAL A 51 -9.96 2.72 5.96
N LYS A 52 -10.26 1.42 5.99
CA LYS A 52 -11.12 0.87 7.04
C LYS A 52 -10.62 1.26 8.42
N GLU A 53 -11.43 2.05 9.13
CA GLU A 53 -11.07 2.50 10.47
C GLU A 53 -10.72 1.31 11.36
N THR A 54 -11.57 0.29 11.34
CA THR A 54 -11.35 -0.90 12.14
C THR A 54 -11.26 -2.15 11.27
N GLY A 55 -10.35 -2.13 10.31
CA GLY A 55 -10.17 -3.27 9.43
C GLY A 55 -8.79 -3.88 9.52
N LEU A 56 -8.18 -4.15 8.37
CA LEU A 56 -6.85 -4.74 8.34
C LEU A 56 -5.82 -3.75 7.81
N ALA A 57 -5.94 -3.42 6.52
CA ALA A 57 -5.02 -2.48 5.89
C ALA A 57 -4.57 -1.40 6.88
N SER A 58 -5.49 -0.99 7.75
CA SER A 58 -5.20 0.04 8.73
C SER A 58 -4.22 -0.48 9.79
N LYS A 59 -4.54 -1.62 10.37
CA LYS A 59 -3.70 -2.23 11.40
C LYS A 59 -2.42 -2.78 10.77
N LYS A 60 -2.32 -2.71 9.45
CA LYS A 60 -1.15 -3.20 8.74
C LYS A 60 -0.12 -2.09 8.56
N GLY A 61 -0.55 -0.97 7.99
CA GLY A 61 0.35 0.15 7.78
C GLY A 61 -0.23 1.20 6.85
N LEU A 62 -1.20 0.79 6.03
CA LEU A 62 -1.84 1.70 5.10
C LEU A 62 -2.54 2.84 5.84
N LYS A 63 -2.90 3.88 5.10
CA LYS A 63 -3.58 5.03 5.68
C LYS A 63 -4.00 6.02 4.59
N ALA A 64 -5.04 6.80 4.88
CA ALA A 64 -5.53 7.79 3.93
C ALA A 64 -4.47 8.85 3.64
N GLY A 65 -3.66 8.60 2.61
CA GLY A 65 -2.62 9.55 2.25
C GLY A 65 -1.37 8.85 1.73
N ASP A 66 -1.56 7.83 0.90
CA ASP A 66 -0.45 7.09 0.35
C ASP A 66 -0.64 6.84 -1.14
N GLU A 67 0.39 6.32 -1.80
CA GLU A 67 0.32 6.04 -3.23
C GLU A 67 0.67 4.58 -3.52
N ILE A 68 0.03 4.01 -4.52
CA ILE A 68 0.26 2.62 -4.90
C ILE A 68 1.22 2.53 -6.08
N LEU A 69 2.14 1.57 -6.01
CA LEU A 69 3.11 1.37 -7.08
C LEU A 69 2.79 0.12 -7.89
N GLU A 70 2.27 -0.90 -7.22
CA GLU A 70 1.90 -2.15 -7.89
C GLU A 70 0.92 -2.94 -7.04
N ILE A 71 0.13 -3.78 -7.70
CA ILE A 71 -0.86 -4.60 -7.02
C ILE A 71 -0.78 -6.06 -7.46
N ASN A 72 -0.16 -6.89 -6.62
CA ASN A 72 -0.01 -8.31 -6.92
C ASN A 72 0.80 -8.50 -8.20
N ASN A 73 1.85 -7.71 -8.35
CA ASN A 73 2.71 -7.79 -9.53
C ASN A 73 2.00 -7.26 -10.77
N ARG A 74 1.26 -6.17 -10.59
CA ARG A 74 0.53 -5.56 -11.70
C ARG A 74 0.64 -4.04 -11.66
N ALA A 75 0.82 -3.43 -12.83
CA ALA A 75 0.94 -1.98 -12.93
C ALA A 75 -0.40 -1.30 -12.71
N ALA A 76 -0.45 -0.39 -11.74
CA ALA A 76 -1.68 0.33 -11.43
C ALA A 76 -2.32 0.88 -12.70
N ASP A 77 -1.50 1.43 -13.58
CA ASP A 77 -1.99 2.00 -14.84
C ASP A 77 -2.68 0.93 -15.68
N ALA A 78 -2.15 -0.28 -15.65
CA ALA A 78 -2.72 -1.39 -16.40
C ALA A 78 -4.08 -1.78 -15.86
N LEU A 79 -4.24 -1.69 -14.54
CA LEU A 79 -5.48 -2.04 -13.88
C LEU A 79 -6.55 -0.97 -14.13
N ASN A 80 -7.76 -1.40 -14.45
CA ASN A 80 -8.86 -0.48 -14.71
C ASN A 80 -10.01 -0.71 -13.73
N SER A 81 -10.93 0.24 -13.67
CA SER A 81 -12.08 0.14 -12.77
C SER A 81 -12.54 -1.30 -12.65
N SER A 82 -12.75 -1.96 -13.79
CA SER A 82 -13.20 -3.35 -13.80
C SER A 82 -12.26 -4.24 -13.00
N MET A 83 -11.05 -4.43 -13.53
CA MET A 83 -10.05 -5.25 -12.86
C MET A 83 -9.99 -4.93 -11.36
N LEU A 84 -9.74 -3.66 -11.05
CA LEU A 84 -9.64 -3.22 -9.66
C LEU A 84 -10.75 -3.84 -8.82
N LYS A 85 -11.98 -3.79 -9.34
CA LYS A 85 -13.12 -4.35 -8.63
C LYS A 85 -12.88 -5.81 -8.27
N ASP A 86 -12.48 -6.61 -9.26
CA ASP A 86 -12.20 -8.02 -9.04
C ASP A 86 -11.13 -8.22 -7.97
N PHE A 87 -10.01 -7.52 -8.14
CA PHE A 87 -8.90 -7.61 -7.19
C PHE A 87 -9.39 -7.43 -5.77
N LEU A 88 -10.22 -6.41 -5.55
CA LEU A 88 -10.76 -6.12 -4.23
C LEU A 88 -11.71 -7.22 -3.78
N SER A 89 -12.21 -7.99 -4.74
CA SER A 89 -13.14 -9.09 -4.44
C SER A 89 -12.37 -10.32 -3.97
N GLN A 90 -11.07 -10.16 -3.75
CA GLN A 90 -10.23 -11.26 -3.30
C GLN A 90 -9.93 -11.14 -1.81
N PRO A 91 -9.88 -12.29 -1.13
CA PRO A 91 -9.60 -12.35 0.31
C PRO A 91 -8.15 -11.98 0.64
N SER A 92 -7.26 -12.23 -0.32
CA SER A 92 -5.84 -11.92 -0.13
C SER A 92 -5.32 -11.03 -1.25
N LEU A 93 -4.83 -9.85 -0.88
CA LEU A 93 -4.30 -8.90 -1.86
C LEU A 93 -2.92 -8.42 -1.45
N GLY A 94 -2.10 -8.06 -2.45
CA GLY A 94 -0.76 -7.59 -2.18
C GLY A 94 -0.49 -6.24 -2.80
N LEU A 95 -0.23 -5.24 -1.95
CA LEU A 95 0.05 -3.89 -2.44
C LEU A 95 1.51 -3.53 -2.23
N LEU A 96 2.03 -2.65 -3.07
CA LEU A 96 3.42 -2.22 -2.98
C LEU A 96 3.52 -0.70 -2.86
N VAL A 97 3.70 -0.22 -1.62
CA VAL A 97 3.81 1.21 -1.36
C VAL A 97 5.22 1.57 -0.90
N ARG A 98 5.57 2.85 -1.05
CA ARG A 98 6.88 3.33 -0.65
C ARG A 98 6.83 3.96 0.74
N THR A 99 7.95 3.91 1.46
CA THR A 99 8.03 4.47 2.79
C THR A 99 9.41 5.07 3.06
N TYR A 100 9.55 5.75 4.19
CA TYR A 100 10.81 6.37 4.56
C TYR A 100 11.60 5.48 5.51
N PRO A 101 12.92 5.40 5.30
CA PRO A 101 13.81 4.59 6.13
C PRO A 101 13.97 5.16 7.54
N GLU A 102 14.20 4.27 8.50
CA GLU A 102 14.37 4.68 9.89
C GLU A 102 14.76 3.50 10.77
N LEU A 103 15.40 3.79 11.90
CA LEU A 103 15.82 2.75 12.83
C LEU A 103 14.69 2.38 13.78
N GLU A 104 13.49 2.19 13.24
CA GLU A 104 12.33 1.84 14.04
C GLU A 104 11.68 0.56 13.53
N GLU A 105 12.45 -0.51 13.48
CA GLU A 105 11.95 -1.80 13.01
C GLU A 105 12.97 -2.92 13.28
N GLY A 106 12.56 -4.15 13.01
CA GLY A 106 13.44 -5.28 13.22
C GLY A 106 12.69 -6.58 13.37
N VAL A 107 11.93 -6.71 14.45
CA VAL A 107 11.16 -7.91 14.71
C VAL A 107 9.75 -7.58 15.21
N GLU A 108 8.79 -8.39 14.83
CA GLU A 108 7.40 -8.18 15.23
C GLU A 108 7.19 -8.62 16.68
N SER A 109 7.01 -7.64 17.56
CA SER A 109 6.80 -7.92 18.99
C SER A 109 5.47 -8.64 19.20
N GLY A 110 5.52 -9.78 19.88
CA GLY A 110 4.31 -10.53 20.15
C GLY A 110 3.64 -10.12 21.45
N PRO A 111 3.94 -10.86 22.53
CA PRO A 111 3.38 -10.59 23.86
C PRO A 111 3.92 -9.30 24.46
N SER A 112 3.38 -8.92 25.62
CA SER A 112 3.80 -7.71 26.31
C SER A 112 3.93 -6.55 25.31
N SER A 113 2.87 -6.31 24.55
CA SER A 113 2.86 -5.23 23.57
C SER A 113 2.34 -3.94 24.19
N GLY A 114 3.22 -2.95 24.28
CA GLY A 114 2.83 -1.67 24.86
C GLY A 114 3.98 -0.99 25.57
N GLY A 1 26.73 18.15 -6.86
CA GLY A 1 26.70 17.09 -7.84
C GLY A 1 25.31 16.50 -8.01
N SER A 2 25.07 15.37 -7.37
CA SER A 2 23.78 14.70 -7.45
C SER A 2 23.46 14.33 -8.90
N SER A 3 24.47 13.85 -9.62
CA SER A 3 24.29 13.46 -11.02
C SER A 3 25.03 12.16 -11.32
N GLY A 4 24.64 11.51 -12.41
CA GLY A 4 25.27 10.27 -12.79
C GLY A 4 24.41 9.06 -12.48
N SER A 5 23.96 8.96 -11.24
CA SER A 5 23.12 7.85 -10.81
C SER A 5 21.84 8.35 -10.14
N SER A 6 20.74 8.29 -10.88
CA SER A 6 19.45 8.74 -10.35
C SER A 6 19.00 7.87 -9.18
N GLY A 7 18.93 6.56 -9.42
CA GLY A 7 18.52 5.64 -8.38
C GLY A 7 19.66 5.23 -7.48
N GLU A 8 19.35 4.97 -6.22
CA GLU A 8 20.36 4.56 -5.26
C GLU A 8 19.73 3.93 -4.02
N ILE A 9 20.36 2.89 -3.49
CA ILE A 9 19.85 2.20 -2.32
C ILE A 9 20.49 2.73 -1.04
N GLU A 10 19.65 3.21 -0.13
CA GLU A 10 20.14 3.76 1.14
C GLU A 10 18.99 3.98 2.12
N ILE A 11 19.33 4.22 3.38
CA ILE A 11 18.32 4.46 4.40
C ILE A 11 17.83 5.91 4.37
N CYS A 12 18.71 6.81 3.97
CA CYS A 12 18.36 8.24 3.89
C CYS A 12 17.02 8.43 3.20
N PRO A 13 16.93 7.98 1.94
CA PRO A 13 15.71 8.10 1.14
C PRO A 13 14.59 7.18 1.64
N LYS A 14 13.53 7.08 0.87
CA LYS A 14 12.39 6.24 1.24
C LYS A 14 12.62 4.79 0.78
N VAL A 15 11.66 3.93 1.08
CA VAL A 15 11.75 2.52 0.69
C VAL A 15 10.38 1.98 0.28
N THR A 16 10.39 0.83 -0.39
CA THR A 16 9.15 0.21 -0.84
C THR A 16 8.73 -0.92 0.09
N GLN A 17 7.50 -0.85 0.59
CA GLN A 17 6.98 -1.87 1.50
C GLN A 17 5.83 -2.63 0.85
N SER A 18 5.90 -3.96 0.92
CA SER A 18 4.87 -4.81 0.34
C SER A 18 3.86 -5.24 1.40
N ILE A 19 2.68 -4.64 1.36
CA ILE A 19 1.63 -4.97 2.33
C ILE A 19 0.70 -6.03 1.77
N HIS A 20 0.63 -7.17 2.48
CA HIS A 20 -0.23 -8.27 2.06
C HIS A 20 -1.36 -8.49 3.06
N ILE A 21 -2.58 -8.11 2.66
CA ILE A 21 -3.74 -8.27 3.51
C ILE A 21 -4.50 -9.54 3.19
N GLU A 22 -5.03 -10.19 4.22
CA GLU A 22 -5.79 -11.43 4.04
C GLU A 22 -7.07 -11.40 4.87
N LYS A 23 -8.18 -11.79 4.25
CA LYS A 23 -9.48 -11.82 4.92
C LYS A 23 -10.00 -13.25 5.03
N SER A 24 -10.30 -13.67 6.26
CA SER A 24 -10.81 -15.02 6.49
C SER A 24 -12.00 -15.31 5.59
N ASP A 25 -12.90 -14.35 5.48
CA ASP A 25 -14.09 -14.51 4.64
C ASP A 25 -14.21 -13.36 3.64
N THR A 26 -15.22 -13.43 2.78
CA THR A 26 -15.44 -12.40 1.78
C THR A 26 -16.84 -11.80 1.90
N ALA A 27 -17.84 -12.57 1.48
CA ALA A 27 -19.23 -12.12 1.55
C ALA A 27 -19.52 -11.45 2.89
N ALA A 28 -18.78 -11.83 3.91
CA ALA A 28 -18.95 -11.26 5.25
C ALA A 28 -17.95 -10.16 5.52
N ASP A 29 -16.67 -10.48 5.38
CA ASP A 29 -15.60 -9.50 5.60
C ASP A 29 -15.26 -8.77 4.31
N THR A 30 -15.27 -7.44 4.37
CA THR A 30 -14.96 -6.62 3.21
C THR A 30 -14.09 -5.42 3.60
N TYR A 31 -12.96 -5.27 2.91
CA TYR A 31 -12.04 -4.17 3.18
C TYR A 31 -12.80 -2.86 3.35
N GLY A 32 -12.10 -1.83 3.81
CA GLY A 32 -12.72 -0.54 4.01
C GLY A 32 -11.89 0.59 3.43
N PHE A 33 -10.87 0.24 2.65
CA PHE A 33 -10.00 1.23 2.03
C PHE A 33 -10.32 1.39 0.55
N SER A 34 -10.24 2.62 0.05
CA SER A 34 -10.51 2.91 -1.35
C SER A 34 -9.27 3.42 -2.06
N LEU A 35 -9.36 3.58 -3.38
CA LEU A 35 -8.24 4.07 -4.17
C LEU A 35 -8.71 5.08 -5.21
N SER A 36 -7.90 6.12 -5.43
CA SER A 36 -8.23 7.16 -6.39
C SER A 36 -7.19 7.22 -7.50
N SER A 37 -7.67 7.25 -8.75
CA SER A 37 -6.77 7.31 -9.90
C SER A 37 -6.52 8.75 -10.32
N VAL A 38 -5.25 9.10 -10.45
CA VAL A 38 -4.87 10.46 -10.85
C VAL A 38 -3.89 10.44 -12.01
N GLU A 39 -4.29 11.02 -13.13
CA GLU A 39 -3.43 11.06 -14.31
C GLU A 39 -2.52 12.28 -14.29
N GLU A 40 -1.22 12.04 -14.20
CA GLU A 40 -0.24 13.12 -14.16
C GLU A 40 0.55 13.19 -15.47
N ASP A 41 0.16 14.10 -16.35
CA ASP A 41 0.84 14.27 -17.63
C ASP A 41 0.96 12.93 -18.35
N GLY A 42 -0.12 12.16 -18.36
CA GLY A 42 -0.11 10.86 -19.02
C GLY A 42 0.27 9.73 -18.08
N ILE A 43 1.05 10.07 -17.05
CA ILE A 43 1.47 9.07 -16.07
C ILE A 43 0.38 8.80 -15.05
N ARG A 44 -0.29 7.66 -15.21
CA ARG A 44 -1.36 7.28 -14.30
C ARG A 44 -0.80 6.82 -12.96
N ARG A 45 -1.44 7.23 -11.87
CA ARG A 45 -1.01 6.87 -10.53
C ARG A 45 -2.20 6.63 -9.61
N LEU A 46 -2.02 5.75 -8.63
CA LEU A 46 -3.09 5.43 -7.69
C LEU A 46 -2.72 5.88 -6.28
N TYR A 47 -3.73 6.26 -5.50
CA TYR A 47 -3.51 6.72 -4.14
C TYR A 47 -4.65 6.27 -3.23
N VAL A 48 -4.36 6.19 -1.94
CA VAL A 48 -5.36 5.77 -0.96
C VAL A 48 -6.06 6.98 -0.34
N ASN A 49 -7.38 7.02 -0.46
CA ASN A 49 -8.16 8.12 0.10
C ASN A 49 -8.63 7.80 1.52
N SER A 50 -9.29 6.65 1.67
CA SER A 50 -9.79 6.23 2.98
C SER A 50 -9.30 4.83 3.32
N VAL A 51 -9.24 4.53 4.62
CA VAL A 51 -8.78 3.23 5.07
C VAL A 51 -9.54 2.80 6.33
N LYS A 52 -9.73 1.48 6.48
CA LYS A 52 -10.43 0.94 7.63
C LYS A 52 -9.84 1.48 8.94
N GLU A 53 -10.71 1.89 9.85
CA GLU A 53 -10.28 2.43 11.13
C GLU A 53 -9.77 1.30 12.05
N THR A 54 -10.52 0.21 12.10
CA THR A 54 -10.15 -0.93 12.92
C THR A 54 -10.23 -2.24 12.13
N GLY A 55 -9.69 -2.23 10.92
CA GLY A 55 -9.72 -3.41 10.09
C GLY A 55 -8.34 -4.03 9.91
N LEU A 56 -7.99 -4.35 8.66
CA LEU A 56 -6.70 -4.96 8.36
C LEU A 56 -5.75 -3.92 7.77
N ALA A 57 -6.17 -3.28 6.68
CA ALA A 57 -5.36 -2.27 6.02
C ALA A 57 -4.60 -1.44 7.04
N SER A 58 -5.30 -0.55 7.71
CA SER A 58 -4.69 0.32 8.71
C SER A 58 -3.70 -0.46 9.57
N LYS A 59 -4.21 -1.43 10.32
CA LYS A 59 -3.37 -2.26 11.18
C LYS A 59 -2.01 -2.52 10.53
N LYS A 60 -2.03 -3.10 9.34
CA LYS A 60 -0.80 -3.41 8.62
C LYS A 60 0.09 -2.17 8.53
N GLY A 61 -0.39 -1.15 7.82
CA GLY A 61 0.38 0.07 7.67
C GLY A 61 -0.32 1.09 6.80
N LEU A 62 -1.15 0.61 5.88
CA LEU A 62 -1.89 1.50 4.98
C LEU A 62 -2.51 2.66 5.74
N LYS A 63 -2.85 3.72 5.01
CA LYS A 63 -3.46 4.90 5.61
C LYS A 63 -3.93 5.87 4.55
N ALA A 64 -5.01 6.60 4.85
CA ALA A 64 -5.56 7.57 3.92
C ALA A 64 -4.50 8.57 3.47
N GLY A 65 -4.01 8.40 2.25
CA GLY A 65 -3.00 9.30 1.73
C GLY A 65 -1.70 8.58 1.40
N ASP A 66 -1.81 7.43 0.76
CA ASP A 66 -0.64 6.64 0.39
C ASP A 66 -0.43 6.66 -1.12
N GLU A 67 0.69 6.09 -1.56
CA GLU A 67 1.02 6.05 -2.98
C GLU A 67 1.20 4.61 -3.45
N ILE A 68 0.30 4.16 -4.32
CA ILE A 68 0.36 2.80 -4.84
C ILE A 68 1.27 2.73 -6.07
N LEU A 69 2.02 1.63 -6.18
CA LEU A 69 2.93 1.45 -7.31
C LEU A 69 2.56 0.19 -8.09
N GLU A 70 2.15 -0.85 -7.37
CA GLU A 70 1.77 -2.11 -8.00
C GLU A 70 0.74 -2.85 -7.15
N ILE A 71 -0.06 -3.69 -7.81
CA ILE A 71 -1.08 -4.46 -7.12
C ILE A 71 -1.04 -5.92 -7.52
N ASN A 72 -0.47 -6.77 -6.67
CA ASN A 72 -0.37 -8.20 -6.94
C ASN A 72 0.50 -8.45 -8.18
N ASN A 73 1.67 -7.82 -8.21
CA ASN A 73 2.59 -7.98 -9.33
C ASN A 73 1.98 -7.44 -10.62
N ARG A 74 1.15 -6.40 -10.48
CA ARG A 74 0.50 -5.79 -11.63
C ARG A 74 0.65 -4.27 -11.59
N ALA A 75 1.01 -3.69 -12.74
CA ALA A 75 1.19 -2.25 -12.84
C ALA A 75 -0.16 -1.53 -12.87
N ALA A 76 -0.41 -0.71 -11.87
CA ALA A 76 -1.66 0.04 -11.79
C ALA A 76 -2.09 0.53 -13.17
N ASP A 77 -1.24 1.33 -13.80
CA ASP A 77 -1.55 1.86 -15.13
C ASP A 77 -2.00 0.75 -16.07
N ALA A 78 -1.39 -0.42 -15.93
CA ALA A 78 -1.73 -1.56 -16.77
C ALA A 78 -3.09 -2.13 -16.40
N LEU A 79 -3.48 -1.95 -15.14
CA LEU A 79 -4.76 -2.45 -14.65
C LEU A 79 -5.87 -1.45 -14.93
N ASN A 80 -7.08 -1.96 -15.16
CA ASN A 80 -8.23 -1.11 -15.45
C ASN A 80 -9.28 -1.23 -14.34
N SER A 81 -10.19 -0.27 -14.29
CA SER A 81 -11.24 -0.26 -13.28
C SER A 81 -11.81 -1.67 -13.08
N SER A 82 -11.96 -2.40 -14.19
CA SER A 82 -12.48 -3.76 -14.13
C SER A 82 -11.62 -4.65 -13.25
N MET A 83 -10.31 -4.51 -13.38
CA MET A 83 -9.37 -5.29 -12.59
C MET A 83 -9.51 -4.98 -11.10
N LEU A 84 -9.26 -3.72 -10.75
CA LEU A 84 -9.36 -3.28 -9.37
C LEU A 84 -10.54 -3.94 -8.66
N LYS A 85 -11.68 -3.97 -9.33
CA LYS A 85 -12.89 -4.57 -8.79
C LYS A 85 -12.67 -6.05 -8.50
N ASP A 86 -12.17 -6.77 -9.49
CA ASP A 86 -11.91 -8.21 -9.34
C ASP A 86 -10.99 -8.46 -8.16
N PHE A 87 -9.88 -7.74 -8.09
CA PHE A 87 -8.92 -7.89 -7.01
C PHE A 87 -9.60 -7.72 -5.65
N LEU A 88 -10.25 -6.57 -5.47
CA LEU A 88 -10.94 -6.29 -4.21
C LEU A 88 -11.95 -7.37 -3.88
N SER A 89 -12.34 -8.14 -4.90
CA SER A 89 -13.30 -9.22 -4.71
C SER A 89 -12.64 -10.47 -4.15
N GLN A 90 -11.37 -10.32 -3.77
CA GLN A 90 -10.62 -11.44 -3.21
C GLN A 90 -10.21 -11.16 -1.77
N PRO A 91 -10.15 -12.22 -0.95
CA PRO A 91 -9.77 -12.12 0.46
C PRO A 91 -8.30 -11.77 0.64
N SER A 92 -7.50 -12.06 -0.37
CA SER A 92 -6.07 -11.78 -0.32
C SER A 92 -5.66 -10.78 -1.40
N LEU A 93 -4.95 -9.74 -0.99
CA LEU A 93 -4.50 -8.72 -1.93
C LEU A 93 -3.11 -8.21 -1.56
N GLY A 94 -2.39 -7.68 -2.55
CA GLY A 94 -1.06 -7.17 -2.30
C GLY A 94 -0.88 -5.74 -2.81
N LEU A 95 -0.49 -4.84 -1.91
CA LEU A 95 -0.29 -3.45 -2.26
C LEU A 95 1.15 -3.03 -2.03
N LEU A 96 1.80 -2.53 -3.07
CA LEU A 96 3.19 -2.09 -2.98
C LEU A 96 3.27 -0.56 -2.94
N VAL A 97 3.45 -0.02 -1.74
CA VAL A 97 3.55 1.43 -1.57
C VAL A 97 4.93 1.82 -1.06
N ARG A 98 5.28 3.09 -1.23
CA ARG A 98 6.57 3.60 -0.80
C ARG A 98 6.42 4.47 0.45
N THR A 99 7.36 4.33 1.38
CA THR A 99 7.33 5.09 2.62
C THR A 99 8.74 5.33 3.15
N TYR A 100 8.89 6.39 3.94
CA TYR A 100 10.19 6.73 4.51
C TYR A 100 10.50 5.86 5.73
N PRO A 101 11.74 5.39 5.83
CA PRO A 101 12.19 4.55 6.94
C PRO A 101 12.29 5.32 8.25
N GLU A 102 11.69 4.76 9.31
CA GLU A 102 11.71 5.41 10.61
C GLU A 102 12.96 5.01 11.40
N LEU A 103 13.15 5.64 12.54
CA LEU A 103 14.31 5.36 13.40
C LEU A 103 13.96 4.33 14.47
N GLU A 104 12.75 3.78 14.37
CA GLU A 104 12.31 2.78 15.33
C GLU A 104 12.64 1.37 14.86
N GLU A 105 13.63 1.27 13.97
CA GLU A 105 14.05 -0.02 13.43
C GLU A 105 15.56 -0.04 13.21
N GLY A 106 16.13 -1.25 13.22
CA GLY A 106 17.56 -1.40 13.02
C GLY A 106 18.25 -1.97 14.23
N VAL A 107 19.01 -1.14 14.93
CA VAL A 107 19.73 -1.57 16.13
C VAL A 107 18.92 -1.32 17.39
N GLU A 108 18.18 -2.33 17.83
CA GLU A 108 17.36 -2.21 19.03
C GLU A 108 18.18 -2.53 20.28
N SER A 109 17.63 -2.18 21.44
CA SER A 109 18.31 -2.42 22.71
C SER A 109 17.38 -3.13 23.69
N GLY A 110 17.71 -4.38 24.01
CA GLY A 110 16.90 -5.15 24.94
C GLY A 110 15.41 -4.91 24.74
N PRO A 111 14.83 -4.05 25.60
CA PRO A 111 13.40 -3.72 25.53
C PRO A 111 13.06 -2.89 24.31
N SER A 112 11.98 -3.28 23.63
CA SER A 112 11.54 -2.56 22.43
C SER A 112 10.16 -1.94 22.63
N SER A 113 10.14 -0.73 23.17
CA SER A 113 8.88 -0.04 23.43
C SER A 113 8.26 0.47 22.13
N GLY A 114 6.95 0.25 21.98
CA GLY A 114 6.27 0.69 20.77
C GLY A 114 4.77 0.42 20.84
N GLY A 1 25.73 -1.00 -17.84
CA GLY A 1 25.89 -2.25 -17.12
C GLY A 1 24.63 -2.65 -16.37
N SER A 2 24.07 -1.70 -15.63
CA SER A 2 22.86 -1.96 -14.86
C SER A 2 23.05 -3.17 -13.94
N SER A 3 24.22 -3.25 -13.32
CA SER A 3 24.53 -4.36 -12.42
C SER A 3 24.02 -4.08 -11.02
N GLY A 4 22.81 -3.54 -10.92
CA GLY A 4 22.23 -3.23 -9.62
C GLY A 4 22.47 -1.79 -9.22
N SER A 5 23.70 -1.33 -9.41
CA SER A 5 24.05 0.05 -9.05
C SER A 5 23.02 1.03 -9.58
N SER A 6 22.10 1.43 -8.71
CA SER A 6 21.04 2.37 -9.08
C SER A 6 21.21 3.68 -8.34
N GLY A 7 20.62 4.74 -8.88
CA GLY A 7 20.71 6.05 -8.26
C GLY A 7 19.47 6.38 -7.44
N GLU A 8 18.77 7.44 -7.82
CA GLU A 8 17.57 7.86 -7.11
C GLU A 8 17.85 8.03 -5.61
N ILE A 9 19.01 8.59 -5.29
CA ILE A 9 19.39 8.81 -3.91
C ILE A 9 19.00 10.21 -3.43
N GLU A 10 18.63 10.31 -2.16
CA GLU A 10 18.24 11.59 -1.59
C GLU A 10 18.39 11.58 -0.07
N ILE A 11 18.39 12.77 0.53
CA ILE A 11 18.53 12.89 1.98
C ILE A 11 17.70 11.84 2.70
N CYS A 12 16.48 11.62 2.22
CA CYS A 12 15.59 10.64 2.82
C CYS A 12 15.18 9.58 1.80
N PRO A 13 16.00 8.53 1.67
CA PRO A 13 15.75 7.43 0.74
C PRO A 13 14.57 6.57 1.16
N LYS A 14 13.44 6.71 0.45
CA LYS A 14 12.25 5.94 0.76
C LYS A 14 12.44 4.47 0.39
N VAL A 15 11.87 3.59 1.21
CA VAL A 15 11.97 2.15 0.97
C VAL A 15 10.61 1.55 0.65
N THR A 16 10.63 0.46 -0.13
CA THR A 16 9.39 -0.21 -0.52
C THR A 16 8.99 -1.27 0.51
N GLN A 17 7.71 -1.31 0.85
CA GLN A 17 7.20 -2.27 1.81
C GLN A 17 6.00 -3.04 1.25
N SER A 18 6.13 -4.35 1.17
CA SER A 18 5.07 -5.20 0.64
C SER A 18 4.02 -5.48 1.72
N ILE A 19 2.82 -4.95 1.52
CA ILE A 19 1.73 -5.14 2.48
C ILE A 19 0.68 -6.09 1.92
N HIS A 20 0.64 -7.31 2.45
CA HIS A 20 -0.33 -8.31 2.00
C HIS A 20 -1.48 -8.42 2.98
N ILE A 21 -2.68 -8.07 2.53
CA ILE A 21 -3.86 -8.14 3.38
C ILE A 21 -4.66 -9.41 3.11
N GLU A 22 -4.95 -10.15 4.17
CA GLU A 22 -5.70 -11.40 4.05
C GLU A 22 -6.96 -11.36 4.92
N LYS A 23 -8.10 -11.62 4.30
CA LYS A 23 -9.37 -11.63 5.02
C LYS A 23 -9.76 -13.04 5.43
N SER A 24 -10.28 -13.17 6.66
CA SER A 24 -10.70 -14.47 7.18
C SER A 24 -12.00 -14.92 6.54
N ASP A 25 -13.03 -14.08 6.65
CA ASP A 25 -14.33 -14.38 6.07
C ASP A 25 -14.71 -13.37 5.01
N THR A 26 -14.26 -13.61 3.78
CA THR A 26 -14.55 -12.71 2.67
C THR A 26 -16.06 -12.57 2.45
N ALA A 27 -16.77 -13.68 2.57
CA ALA A 27 -18.22 -13.68 2.40
C ALA A 27 -18.83 -12.38 2.89
N ALA A 28 -18.51 -12.00 4.12
CA ALA A 28 -19.03 -10.78 4.70
C ALA A 28 -17.94 -9.71 4.80
N ASP A 29 -16.90 -10.00 5.55
CA ASP A 29 -15.79 -9.06 5.72
C ASP A 29 -15.20 -8.67 4.36
N THR A 30 -15.03 -7.36 4.16
CA THR A 30 -14.49 -6.84 2.92
C THR A 30 -13.73 -5.54 3.15
N TYR A 31 -12.52 -5.47 2.62
CA TYR A 31 -11.70 -4.27 2.76
C TYR A 31 -12.55 -3.01 2.68
N GLY A 32 -12.11 -1.96 3.36
CA GLY A 32 -12.84 -0.70 3.36
C GLY A 32 -11.99 0.46 2.89
N PHE A 33 -10.98 0.17 2.08
CA PHE A 33 -10.09 1.20 1.57
C PHE A 33 -10.36 1.47 0.09
N SER A 34 -10.51 2.74 -0.26
CA SER A 34 -10.78 3.13 -1.64
C SER A 34 -9.50 3.60 -2.32
N LEU A 35 -9.59 3.84 -3.63
CA LEU A 35 -8.44 4.31 -4.40
C LEU A 35 -8.86 5.35 -5.42
N SER A 36 -8.09 6.43 -5.50
CA SER A 36 -8.38 7.51 -6.44
C SER A 36 -7.42 7.48 -7.63
N SER A 37 -7.95 7.76 -8.81
CA SER A 37 -7.14 7.75 -10.02
C SER A 37 -6.75 9.18 -10.42
N VAL A 38 -5.45 9.45 -10.44
CA VAL A 38 -4.94 10.77 -10.80
C VAL A 38 -4.04 10.69 -12.03
N GLU A 39 -4.47 11.36 -13.10
CA GLU A 39 -3.69 11.37 -14.35
C GLU A 39 -2.75 12.58 -14.39
N GLU A 40 -1.51 12.32 -14.77
CA GLU A 40 -0.51 13.39 -14.86
C GLU A 40 0.46 13.14 -16.01
N ASP A 41 0.37 14.00 -17.03
CA ASP A 41 1.24 13.87 -18.19
C ASP A 41 1.02 12.53 -18.89
N GLY A 42 -0.23 12.07 -18.89
CA GLY A 42 -0.54 10.80 -19.52
C GLY A 42 -0.39 9.62 -18.57
N ILE A 43 0.46 9.78 -17.57
CA ILE A 43 0.70 8.72 -16.59
C ILE A 43 -0.33 8.77 -15.47
N ARG A 44 -1.10 7.70 -15.33
CA ARG A 44 -2.13 7.62 -14.29
C ARG A 44 -1.59 6.90 -13.06
N ARG A 45 -1.79 7.51 -11.89
CA ARG A 45 -1.33 6.93 -10.63
C ARG A 45 -2.51 6.66 -9.69
N LEU A 46 -2.26 5.86 -8.66
CA LEU A 46 -3.29 5.53 -7.70
C LEU A 46 -2.94 6.06 -6.31
N TYR A 47 -3.96 6.40 -5.53
CA TYR A 47 -3.75 6.93 -4.18
C TYR A 47 -4.89 6.50 -3.26
N VAL A 48 -4.52 6.02 -2.07
CA VAL A 48 -5.50 5.58 -1.09
C VAL A 48 -6.35 6.75 -0.60
N ASN A 49 -7.62 6.75 -0.99
CA ASN A 49 -8.55 7.81 -0.58
C ASN A 49 -9.10 7.56 0.82
N SER A 50 -9.43 6.30 1.09
CA SER A 50 -9.98 5.91 2.38
C SER A 50 -9.36 4.62 2.89
N VAL A 51 -9.49 4.36 4.18
CA VAL A 51 -8.93 3.16 4.78
C VAL A 51 -9.90 2.56 5.79
N LYS A 52 -9.96 1.23 5.84
CA LYS A 52 -10.83 0.52 6.76
C LYS A 52 -10.44 0.80 8.21
N GLU A 53 -11.32 1.45 8.95
CA GLU A 53 -11.07 1.78 10.35
C GLU A 53 -10.93 0.50 11.18
N THR A 54 -9.82 0.41 11.92
CA THR A 54 -9.57 -0.75 12.75
C THR A 54 -9.77 -2.05 11.99
N GLY A 55 -9.46 -2.02 10.69
CA GLY A 55 -9.62 -3.20 9.87
C GLY A 55 -8.32 -3.94 9.65
N LEU A 56 -8.03 -4.28 8.40
CA LEU A 56 -6.80 -5.00 8.07
C LEU A 56 -5.78 -4.07 7.41
N ALA A 57 -6.21 -3.36 6.37
CA ALA A 57 -5.34 -2.43 5.66
C ALA A 57 -4.58 -1.55 6.64
N SER A 58 -5.30 -0.84 7.49
CA SER A 58 -4.69 0.05 8.48
C SER A 58 -3.65 -0.69 9.30
N LYS A 59 -4.12 -1.61 10.14
CA LYS A 59 -3.23 -2.40 11.00
C LYS A 59 -1.93 -2.72 10.27
N LYS A 60 -2.04 -3.36 9.11
CA LYS A 60 -0.88 -3.72 8.31
C LYS A 60 0.02 -2.51 8.09
N GLY A 61 -0.54 -1.46 7.48
CA GLY A 61 0.22 -0.26 7.22
C GLY A 61 -0.34 0.54 6.05
N LEU A 62 -1.59 0.96 6.18
CA LEU A 62 -2.24 1.73 5.13
C LEU A 62 -2.96 2.94 5.71
N LYS A 63 -3.15 3.97 4.89
CA LYS A 63 -3.81 5.19 5.32
C LYS A 63 -4.19 6.07 4.13
N ALA A 64 -5.13 6.98 4.34
CA ALA A 64 -5.56 7.88 3.28
C ALA A 64 -4.48 8.90 2.93
N GLY A 65 -3.67 8.56 1.93
CA GLY A 65 -2.61 9.46 1.50
C GLY A 65 -1.35 8.71 1.09
N ASP A 66 -1.53 7.52 0.51
CA ASP A 66 -0.41 6.71 0.07
C ASP A 66 -0.46 6.50 -1.44
N GLU A 67 0.66 6.02 -2.00
CA GLU A 67 0.74 5.78 -3.43
C GLU A 67 1.05 4.31 -3.72
N ILE A 68 0.13 3.65 -4.43
CA ILE A 68 0.31 2.25 -4.77
C ILE A 68 1.16 2.08 -6.02
N LEU A 69 2.32 1.44 -5.85
CA LEU A 69 3.22 1.21 -6.97
C LEU A 69 2.80 -0.01 -7.79
N GLU A 70 2.38 -1.06 -7.10
CA GLU A 70 1.94 -2.28 -7.75
C GLU A 70 0.93 -3.03 -6.89
N ILE A 71 0.15 -3.91 -7.54
CA ILE A 71 -0.86 -4.68 -6.83
C ILE A 71 -0.86 -6.13 -7.31
N ASN A 72 -0.32 -7.02 -6.47
CA ASN A 72 -0.26 -8.44 -6.80
C ASN A 72 0.59 -8.67 -8.04
N ASN A 73 1.78 -8.08 -8.06
CA ASN A 73 2.69 -8.23 -9.18
C ASN A 73 2.09 -7.65 -10.45
N ARG A 74 1.41 -6.51 -10.31
CA ARG A 74 0.78 -5.86 -11.45
C ARG A 74 0.91 -4.33 -11.33
N ALA A 75 1.20 -3.68 -12.45
CA ALA A 75 1.34 -2.23 -12.47
C ALA A 75 0.01 -1.54 -12.19
N ALA A 76 0.04 -0.54 -11.32
CA ALA A 76 -1.17 0.20 -10.97
C ALA A 76 -1.85 0.76 -12.20
N ASP A 77 -1.13 1.59 -12.96
CA ASP A 77 -1.67 2.19 -14.17
C ASP A 77 -2.29 1.12 -15.07
N ALA A 78 -1.61 -0.01 -15.21
CA ALA A 78 -2.08 -1.10 -16.04
C ALA A 78 -3.49 -1.54 -15.62
N LEU A 79 -3.72 -1.54 -14.30
CA LEU A 79 -5.02 -1.95 -13.77
C LEU A 79 -6.05 -0.85 -13.96
N ASN A 80 -7.21 -1.21 -14.49
CA ASN A 80 -8.29 -0.25 -14.71
C ASN A 80 -9.46 -0.50 -13.76
N SER A 81 -10.32 0.50 -13.63
CA SER A 81 -11.48 0.40 -12.74
C SER A 81 -12.04 -1.02 -12.74
N SER A 82 -12.19 -1.60 -13.93
CA SER A 82 -12.72 -2.94 -14.07
C SER A 82 -11.87 -3.94 -13.29
N MET A 83 -10.61 -4.06 -13.66
CA MET A 83 -9.70 -4.98 -12.99
C MET A 83 -9.69 -4.73 -11.49
N LEU A 84 -9.46 -3.48 -11.10
CA LEU A 84 -9.42 -3.11 -9.68
C LEU A 84 -10.59 -3.73 -8.93
N LYS A 85 -11.78 -3.61 -9.49
CA LYS A 85 -12.99 -4.16 -8.87
C LYS A 85 -12.76 -5.60 -8.44
N ASP A 86 -12.43 -6.46 -9.40
CA ASP A 86 -12.18 -7.87 -9.12
C ASP A 86 -11.13 -8.03 -8.03
N PHE A 87 -9.98 -7.39 -8.22
CA PHE A 87 -8.89 -7.46 -7.25
C PHE A 87 -9.41 -7.19 -5.84
N LEU A 88 -10.07 -6.05 -5.66
CA LEU A 88 -10.60 -5.67 -4.36
C LEU A 88 -11.55 -6.75 -3.84
N SER A 89 -12.13 -7.52 -4.75
CA SER A 89 -13.06 -8.58 -4.37
C SER A 89 -12.32 -9.90 -4.17
N GLN A 90 -11.11 -9.82 -3.63
CA GLN A 90 -10.30 -11.01 -3.37
C GLN A 90 -10.02 -11.17 -1.89
N PRO A 91 -9.91 -12.43 -1.44
CA PRO A 91 -9.64 -12.75 -0.04
C PRO A 91 -8.22 -12.37 0.39
N SER A 92 -7.36 -12.15 -0.61
CA SER A 92 -5.97 -11.79 -0.34
C SER A 92 -5.45 -10.81 -1.38
N LEU A 93 -4.90 -9.69 -0.92
CA LEU A 93 -4.37 -8.68 -1.82
C LEU A 93 -2.95 -8.29 -1.43
N GLY A 94 -2.12 -7.97 -2.42
CA GLY A 94 -0.75 -7.58 -2.16
C GLY A 94 -0.41 -6.22 -2.73
N LEU A 95 -0.38 -5.21 -1.87
CA LEU A 95 -0.06 -3.86 -2.30
C LEU A 95 1.40 -3.52 -2.03
N LEU A 96 1.98 -2.68 -2.87
CA LEU A 96 3.38 -2.28 -2.72
C LEU A 96 3.50 -0.76 -2.61
N VAL A 97 3.65 -0.27 -1.39
CA VAL A 97 3.78 1.17 -1.15
C VAL A 97 5.16 1.51 -0.61
N ARG A 98 5.52 2.78 -0.69
CA ARG A 98 6.81 3.24 -0.22
C ARG A 98 6.68 3.95 1.14
N THR A 99 7.72 3.88 1.94
CA THR A 99 7.72 4.51 3.26
C THR A 99 9.11 5.02 3.63
N TYR A 100 9.16 5.98 4.55
CA TYR A 100 10.43 6.55 5.00
C TYR A 100 11.06 5.69 6.08
N PRO A 101 12.35 5.40 5.93
CA PRO A 101 13.10 4.59 6.90
C PRO A 101 13.32 5.32 8.23
N GLU A 102 12.89 4.68 9.31
CA GLU A 102 13.04 5.26 10.64
C GLU A 102 13.22 4.18 11.70
N LEU A 103 13.47 4.60 12.93
CA LEU A 103 13.67 3.66 14.03
C LEU A 103 12.34 3.08 14.50
N GLU A 104 11.27 3.41 13.77
CA GLU A 104 9.94 2.92 14.10
C GLU A 104 9.53 1.78 13.17
N GLU A 105 10.47 0.90 12.87
CA GLU A 105 10.21 -0.23 11.98
C GLU A 105 9.77 -1.45 12.78
N GLY A 106 8.50 -1.82 12.62
CA GLY A 106 7.97 -2.96 13.33
C GLY A 106 6.51 -2.79 13.71
N VAL A 107 5.63 -3.52 13.02
CA VAL A 107 4.20 -3.45 13.28
C VAL A 107 3.90 -3.68 14.75
N GLU A 108 3.52 -2.61 15.46
CA GLU A 108 3.21 -2.70 16.87
C GLU A 108 1.71 -2.48 17.11
N SER A 109 0.88 -3.08 16.26
CA SER A 109 -0.56 -2.94 16.37
C SER A 109 -1.18 -4.21 16.93
N GLY A 110 -2.41 -4.08 17.45
CA GLY A 110 -3.09 -5.24 18.01
C GLY A 110 -4.49 -4.90 18.47
N PRO A 111 -5.42 -5.85 18.31
CA PRO A 111 -6.82 -5.68 18.71
C PRO A 111 -6.99 -5.64 20.22
N SER A 112 -7.24 -4.44 20.75
CA SER A 112 -7.42 -4.26 22.18
C SER A 112 -8.57 -5.11 22.70
N SER A 113 -8.25 -6.26 23.29
CA SER A 113 -9.25 -7.17 23.82
C SER A 113 -9.48 -6.91 25.31
N GLY A 114 -10.74 -6.91 25.72
CA GLY A 114 -11.07 -6.67 27.11
C GLY A 114 -10.33 -5.49 27.69
N GLY A 1 4.28 -11.20 15.12
CA GLY A 1 5.15 -11.91 14.21
C GLY A 1 6.47 -12.30 14.84
N SER A 2 7.03 -13.41 14.40
CA SER A 2 8.31 -13.90 14.93
C SER A 2 9.43 -12.91 14.63
N SER A 3 9.62 -12.62 13.35
CA SER A 3 10.67 -11.70 12.92
C SER A 3 10.07 -10.39 12.43
N GLY A 4 10.79 -9.30 12.66
CA GLY A 4 10.31 -8.00 12.24
C GLY A 4 11.40 -7.14 11.64
N SER A 5 11.58 -5.93 12.17
CA SER A 5 12.60 -5.02 11.66
C SER A 5 13.72 -4.84 12.68
N SER A 6 14.96 -4.91 12.21
CA SER A 6 16.12 -4.75 13.08
C SER A 6 16.33 -3.29 13.46
N GLY A 7 16.32 -2.42 12.45
CA GLY A 7 16.52 -1.00 12.69
C GLY A 7 17.96 -0.59 12.51
N GLU A 8 18.40 -0.49 11.27
CA GLU A 8 19.78 -0.09 10.97
C GLU A 8 19.81 1.12 10.05
N ILE A 9 20.40 2.21 10.54
CA ILE A 9 20.49 3.44 9.76
C ILE A 9 21.35 3.24 8.51
N GLU A 10 20.88 3.75 7.39
CA GLU A 10 21.62 3.62 6.12
C GLU A 10 21.36 4.82 5.22
N ILE A 11 22.22 5.01 4.23
CA ILE A 11 22.08 6.12 3.30
C ILE A 11 20.92 5.90 2.35
N CYS A 12 20.68 4.65 1.99
CA CYS A 12 19.58 4.31 1.08
C CYS A 12 18.36 5.18 1.35
N PRO A 13 17.73 5.66 0.26
CA PRO A 13 16.54 6.52 0.36
C PRO A 13 15.32 5.76 0.85
N LYS A 14 14.14 6.36 0.66
CA LYS A 14 12.90 5.74 1.09
C LYS A 14 12.92 4.23 0.85
N VAL A 15 12.17 3.49 1.66
CA VAL A 15 12.11 2.04 1.53
C VAL A 15 10.70 1.58 1.20
N THR A 16 10.60 0.59 0.32
CA THR A 16 9.31 0.05 -0.09
C THR A 16 8.84 -1.03 0.86
N GLN A 17 7.54 -1.04 1.15
CA GLN A 17 6.97 -2.04 2.06
C GLN A 17 5.78 -2.74 1.41
N SER A 18 5.82 -4.07 1.39
CA SER A 18 4.75 -4.86 0.80
C SER A 18 3.67 -5.18 1.83
N ILE A 19 2.46 -4.70 1.58
CA ILE A 19 1.34 -4.93 2.50
C ILE A 19 0.48 -6.09 2.02
N HIS A 20 0.64 -7.24 2.66
CA HIS A 20 -0.12 -8.44 2.29
C HIS A 20 -1.34 -8.57 3.19
N ILE A 21 -2.51 -8.24 2.64
CA ILE A 21 -3.77 -8.34 3.39
C ILE A 21 -4.49 -9.64 3.08
N GLU A 22 -5.21 -10.15 4.06
CA GLU A 22 -5.96 -11.40 3.89
C GLU A 22 -7.19 -11.42 4.81
N LYS A 23 -8.36 -11.67 4.22
CA LYS A 23 -9.60 -11.72 4.98
C LYS A 23 -10.11 -13.16 5.08
N SER A 24 -10.97 -13.40 6.06
CA SER A 24 -11.53 -14.73 6.26
C SER A 24 -12.59 -15.05 5.21
N ASP A 25 -13.69 -14.31 5.26
CA ASP A 25 -14.78 -14.51 4.30
C ASP A 25 -15.23 -13.18 3.70
N THR A 26 -14.75 -12.89 2.49
CA THR A 26 -15.11 -11.65 1.81
C THR A 26 -16.61 -11.46 1.76
N ALA A 27 -17.35 -12.56 1.76
CA ALA A 27 -18.80 -12.51 1.72
C ALA A 27 -19.34 -11.43 2.65
N ALA A 28 -18.77 -11.37 3.85
CA ALA A 28 -19.20 -10.39 4.84
C ALA A 28 -18.08 -9.39 5.14
N ASP A 29 -16.97 -9.89 5.66
CA ASP A 29 -15.83 -9.04 5.98
C ASP A 29 -15.20 -8.46 4.72
N THR A 30 -15.16 -7.13 4.64
CA THR A 30 -14.60 -6.45 3.48
C THR A 30 -13.55 -5.42 3.91
N TYR A 31 -12.45 -5.37 3.18
CA TYR A 31 -11.37 -4.43 3.49
C TYR A 31 -11.93 -3.12 4.02
N GLY A 32 -12.55 -2.34 3.14
CA GLY A 32 -13.12 -1.07 3.54
C GLY A 32 -12.40 0.11 2.92
N PHE A 33 -11.23 -0.15 2.33
CA PHE A 33 -10.44 0.90 1.70
C PHE A 33 -10.61 0.87 0.18
N SER A 34 -10.79 2.04 -0.41
CA SER A 34 -10.96 2.14 -1.85
C SER A 34 -9.71 2.75 -2.50
N LEU A 35 -9.62 2.62 -3.82
CA LEU A 35 -8.49 3.15 -4.56
C LEU A 35 -8.94 4.19 -5.58
N SER A 36 -8.30 5.36 -5.55
CA SER A 36 -8.64 6.44 -6.47
C SER A 36 -7.61 6.56 -7.58
N SER A 37 -8.08 6.59 -8.83
CA SER A 37 -7.20 6.69 -9.99
C SER A 37 -7.01 8.15 -10.40
N VAL A 38 -5.76 8.53 -10.62
CA VAL A 38 -5.43 9.90 -11.02
C VAL A 38 -4.43 9.92 -12.17
N GLU A 39 -4.70 10.74 -13.16
CA GLU A 39 -3.81 10.85 -14.32
C GLU A 39 -3.19 12.25 -14.40
N GLU A 40 -1.86 12.29 -14.49
CA GLU A 40 -1.14 13.55 -14.57
C GLU A 40 -0.06 13.49 -15.64
N ASP A 41 -0.25 14.26 -16.72
CA ASP A 41 0.71 14.30 -17.80
C ASP A 41 0.86 12.92 -18.45
N GLY A 42 -0.26 12.21 -18.56
CA GLY A 42 -0.23 10.88 -19.15
C GLY A 42 0.19 9.81 -18.17
N ILE A 43 0.65 10.24 -16.99
CA ILE A 43 1.09 9.31 -15.96
C ILE A 43 -0.06 8.94 -15.03
N ARG A 44 -0.55 7.72 -15.17
CA ARG A 44 -1.65 7.24 -14.33
C ARG A 44 -1.12 6.55 -13.08
N ARG A 45 -1.81 6.75 -11.96
CA ARG A 45 -1.43 6.15 -10.69
C ARG A 45 -2.62 5.99 -9.76
N LEU A 46 -2.46 5.17 -8.73
CA LEU A 46 -3.53 4.94 -7.77
C LEU A 46 -3.15 5.50 -6.40
N TYR A 47 -4.17 5.82 -5.61
CA TYR A 47 -3.96 6.37 -4.27
C TYR A 47 -5.08 5.96 -3.33
N VAL A 48 -4.75 5.81 -2.05
CA VAL A 48 -5.72 5.43 -1.03
C VAL A 48 -6.61 6.62 -0.65
N ASN A 49 -7.84 6.62 -1.16
CA ASN A 49 -8.78 7.69 -0.87
C ASN A 49 -9.27 7.61 0.56
N SER A 50 -9.70 6.42 0.98
CA SER A 50 -10.18 6.21 2.33
C SER A 50 -9.72 4.86 2.88
N VAL A 51 -9.59 4.77 4.20
CA VAL A 51 -9.16 3.54 4.84
C VAL A 51 -10.12 3.13 5.94
N LYS A 52 -10.17 1.84 6.24
CA LYS A 52 -11.06 1.31 7.28
C LYS A 52 -10.44 1.53 8.66
N GLU A 53 -11.30 1.75 9.65
CA GLU A 53 -10.85 1.95 11.02
C GLU A 53 -10.54 0.63 11.71
N THR A 54 -9.38 0.55 12.34
CA THR A 54 -8.96 -0.66 13.05
C THR A 54 -9.08 -1.88 12.14
N GLY A 55 -8.81 -1.68 10.85
CA GLY A 55 -8.90 -2.78 9.90
C GLY A 55 -7.55 -3.45 9.68
N LEU A 56 -7.47 -4.24 8.61
CA LEU A 56 -6.23 -4.94 8.28
C LEU A 56 -5.25 -4.02 7.57
N ALA A 57 -5.68 -3.46 6.45
CA ALA A 57 -4.84 -2.54 5.68
C ALA A 57 -4.05 -1.62 6.59
N SER A 58 -4.75 -0.80 7.35
CA SER A 58 -4.12 0.14 8.27
C SER A 58 -3.03 -0.55 9.08
N LYS A 59 -3.39 -1.65 9.72
CA LYS A 59 -2.44 -2.41 10.53
C LYS A 59 -1.17 -2.71 9.74
N LYS A 60 -1.32 -3.41 8.62
CA LYS A 60 -0.20 -3.76 7.78
C LYS A 60 0.73 -2.56 7.57
N GLY A 61 0.17 -1.49 7.01
CA GLY A 61 0.96 -0.30 6.76
C GLY A 61 0.34 0.60 5.70
N LEU A 62 -0.98 0.70 5.72
CA LEU A 62 -1.69 1.54 4.75
C LEU A 62 -2.29 2.76 5.43
N LYS A 63 -2.66 3.75 4.62
CA LYS A 63 -3.24 4.98 5.14
C LYS A 63 -4.09 5.67 4.08
N ALA A 64 -4.80 6.72 4.48
CA ALA A 64 -5.66 7.46 3.56
C ALA A 64 -4.86 8.50 2.78
N GLY A 65 -3.55 8.28 2.70
CA GLY A 65 -2.69 9.20 1.97
C GLY A 65 -1.44 8.54 1.44
N ASP A 66 -1.59 7.32 0.94
CA ASP A 66 -0.46 6.57 0.40
C ASP A 66 -0.64 6.32 -1.10
N GLU A 67 0.47 6.04 -1.78
CA GLU A 67 0.43 5.79 -3.22
C GLU A 67 0.80 4.33 -3.52
N ILE A 68 -0.09 3.64 -4.21
CA ILE A 68 0.14 2.24 -4.57
C ILE A 68 0.95 2.13 -5.86
N LEU A 69 2.22 1.75 -5.73
CA LEU A 69 3.10 1.61 -6.88
C LEU A 69 2.68 0.41 -7.73
N GLU A 70 2.65 -0.77 -7.11
CA GLU A 70 2.27 -1.99 -7.81
C GLU A 70 1.26 -2.80 -7.00
N ILE A 71 0.43 -3.57 -7.69
CA ILE A 71 -0.58 -4.38 -7.04
C ILE A 71 -0.43 -5.85 -7.41
N ASN A 72 0.14 -6.64 -6.50
CA ASN A 72 0.35 -8.07 -6.74
C ASN A 72 1.23 -8.29 -7.96
N ASN A 73 2.27 -7.48 -8.10
CA ASN A 73 3.18 -7.59 -9.22
C ASN A 73 2.54 -7.10 -10.51
N ARG A 74 1.64 -6.13 -10.38
CA ARG A 74 0.94 -5.57 -11.53
C ARG A 74 1.07 -4.05 -11.56
N ALA A 75 1.26 -3.49 -12.75
CA ALA A 75 1.40 -2.06 -12.92
C ALA A 75 0.06 -1.35 -12.70
N ALA A 76 -0.01 -0.56 -11.63
CA ALA A 76 -1.23 0.17 -11.30
C ALA A 76 -1.87 0.75 -12.56
N ASP A 77 -1.05 1.39 -13.39
CA ASP A 77 -1.54 2.00 -14.62
C ASP A 77 -2.06 0.93 -15.58
N ALA A 78 -1.44 -0.25 -15.56
CA ALA A 78 -1.84 -1.35 -16.41
C ALA A 78 -3.23 -1.87 -16.02
N LEU A 79 -3.60 -1.66 -14.77
CA LEU A 79 -4.90 -2.10 -14.27
C LEU A 79 -5.97 -1.05 -14.52
N ASN A 80 -7.18 -1.50 -14.85
CA ASN A 80 -8.29 -0.61 -15.11
C ASN A 80 -9.37 -0.74 -14.03
N SER A 81 -10.19 0.29 -13.90
CA SER A 81 -11.26 0.29 -12.91
C SER A 81 -11.83 -1.11 -12.73
N SER A 82 -12.13 -1.76 -13.84
CA SER A 82 -12.70 -3.11 -13.81
C SER A 82 -11.83 -4.05 -12.99
N MET A 83 -10.63 -4.34 -13.49
CA MET A 83 -9.69 -5.22 -12.80
C MET A 83 -9.61 -4.86 -11.32
N LEU A 84 -9.34 -3.60 -11.04
CA LEU A 84 -9.23 -3.12 -9.67
C LEU A 84 -10.33 -3.71 -8.80
N LYS A 85 -11.58 -3.50 -9.20
CA LYS A 85 -12.72 -4.01 -8.46
C LYS A 85 -12.54 -5.49 -8.14
N ASP A 86 -12.33 -6.29 -9.18
CA ASP A 86 -12.14 -7.73 -9.01
C ASP A 86 -11.08 -8.02 -7.95
N PHE A 87 -10.00 -7.24 -7.98
CA PHE A 87 -8.92 -7.41 -7.02
C PHE A 87 -9.40 -7.17 -5.60
N LEU A 88 -10.23 -6.14 -5.42
CA LEU A 88 -10.76 -5.80 -4.11
C LEU A 88 -11.86 -6.79 -3.70
N SER A 89 -12.38 -7.52 -4.66
CA SER A 89 -13.42 -8.50 -4.40
C SER A 89 -12.84 -9.79 -3.82
N GLN A 90 -11.51 -9.83 -3.70
CA GLN A 90 -10.83 -10.99 -3.16
C GLN A 90 -10.44 -10.77 -1.69
N PRO A 91 -10.38 -11.86 -0.93
CA PRO A 91 -10.03 -11.81 0.50
C PRO A 91 -8.56 -11.46 0.71
N SER A 92 -7.72 -11.85 -0.23
CA SER A 92 -6.29 -11.58 -0.15
C SER A 92 -5.85 -10.62 -1.24
N LEU A 93 -4.85 -9.79 -0.94
CA LEU A 93 -4.33 -8.83 -1.90
C LEU A 93 -2.93 -8.36 -1.50
N GLY A 94 -2.14 -7.97 -2.49
CA GLY A 94 -0.79 -7.51 -2.23
C GLY A 94 -0.52 -6.15 -2.84
N LEU A 95 -0.15 -5.19 -2.00
CA LEU A 95 0.14 -3.83 -2.47
C LEU A 95 1.60 -3.48 -2.20
N LEU A 96 2.08 -2.45 -2.88
CA LEU A 96 3.45 -1.99 -2.71
C LEU A 96 3.53 -0.47 -2.58
N VAL A 97 3.62 0.00 -1.33
CA VAL A 97 3.69 1.43 -1.07
C VAL A 97 5.06 1.82 -0.52
N ARG A 98 5.48 3.05 -0.81
CA ARG A 98 6.77 3.54 -0.34
C ARG A 98 6.62 4.23 1.02
N THR A 99 7.62 4.03 1.89
CA THR A 99 7.60 4.62 3.22
C THR A 99 8.97 5.20 3.57
N TYR A 100 8.97 6.18 4.46
CA TYR A 100 10.21 6.82 4.89
C TYR A 100 10.78 6.14 6.13
N PRO A 101 12.08 5.83 6.08
CA PRO A 101 12.78 5.17 7.19
C PRO A 101 12.94 6.09 8.39
N GLU A 102 12.69 5.55 9.59
CA GLU A 102 12.81 6.32 10.82
C GLU A 102 14.09 5.95 11.56
N LEU A 103 14.38 6.70 12.63
CA LEU A 103 15.57 6.45 13.43
C LEU A 103 15.30 5.40 14.50
N GLU A 104 16.22 4.44 14.63
CA GLU A 104 16.07 3.38 15.62
C GLU A 104 14.61 2.99 15.79
N GLU A 105 13.88 2.94 14.68
CA GLU A 105 12.47 2.57 14.71
C GLU A 105 12.28 1.18 15.30
N GLY A 106 11.02 0.80 15.50
CA GLY A 106 10.72 -0.51 16.05
C GLY A 106 10.39 -0.45 17.52
N VAL A 107 11.40 -0.22 18.36
CA VAL A 107 11.22 -0.14 19.79
C VAL A 107 10.53 1.18 20.19
N GLU A 108 9.89 1.18 21.34
CA GLU A 108 9.19 2.37 21.83
C GLU A 108 10.18 3.36 22.42
N SER A 109 9.88 4.64 22.28
CA SER A 109 10.74 5.70 22.79
C SER A 109 10.00 7.03 22.85
N GLY A 110 10.44 7.91 23.74
CA GLY A 110 9.81 9.21 23.88
C GLY A 110 10.73 10.25 24.48
N PRO A 111 11.58 10.85 23.63
CA PRO A 111 12.55 11.87 24.05
C PRO A 111 11.86 13.17 24.44
N SER A 112 11.69 13.37 25.74
CA SER A 112 11.05 14.59 26.25
C SER A 112 11.46 14.86 27.69
N SER A 113 12.26 15.90 27.88
CA SER A 113 12.73 16.28 29.20
C SER A 113 11.56 16.44 30.17
N GLY A 114 11.83 16.20 31.45
CA GLY A 114 10.79 16.32 32.46
C GLY A 114 10.02 15.03 32.66
N GLY A 1 27.06 -18.22 -5.88
CA GLY A 1 25.87 -17.40 -5.76
C GLY A 1 26.17 -16.01 -5.23
N SER A 2 25.22 -15.10 -5.36
CA SER A 2 25.39 -13.73 -4.90
C SER A 2 24.06 -13.14 -4.44
N SER A 3 24.13 -12.13 -3.58
CA SER A 3 22.93 -11.49 -3.05
C SER A 3 23.25 -10.07 -2.59
N GLY A 4 22.20 -9.28 -2.39
CA GLY A 4 22.38 -7.90 -1.95
C GLY A 4 21.59 -7.59 -0.69
N SER A 5 21.45 -6.30 -0.39
CA SER A 5 20.72 -5.87 0.80
C SER A 5 20.18 -4.46 0.61
N SER A 6 19.29 -4.05 1.52
CA SER A 6 18.69 -2.72 1.46
C SER A 6 19.53 -1.71 2.25
N GLY A 7 19.92 -2.10 3.45
CA GLY A 7 20.72 -1.22 4.28
C GLY A 7 19.91 -0.56 5.37
N GLU A 8 20.40 0.58 5.87
CA GLU A 8 19.70 1.30 6.93
C GLU A 8 20.06 2.78 6.91
N ILE A 9 19.05 3.64 6.94
CA ILE A 9 19.27 5.08 6.92
C ILE A 9 20.45 5.45 6.04
N GLU A 10 20.56 4.77 4.90
CA GLU A 10 21.64 5.02 3.96
C GLU A 10 21.25 6.11 2.96
N ILE A 11 22.26 6.75 2.36
CA ILE A 11 22.02 7.80 1.38
C ILE A 11 20.84 7.45 0.48
N CYS A 12 20.80 6.21 0.01
CA CYS A 12 19.73 5.77 -0.87
C CYS A 12 18.38 6.30 -0.40
N PRO A 13 17.47 6.54 -1.35
CA PRO A 13 16.12 7.05 -1.06
C PRO A 13 15.26 6.02 -0.33
N LYS A 14 13.97 6.33 -0.21
CA LYS A 14 13.03 5.43 0.45
C LYS A 14 13.14 4.01 -0.11
N VAL A 15 12.30 3.12 0.40
CA VAL A 15 12.30 1.74 -0.06
C VAL A 15 10.88 1.23 -0.30
N THR A 16 10.75 0.19 -1.12
CA THR A 16 9.45 -0.38 -1.43
C THR A 16 9.05 -1.43 -0.42
N GLN A 17 7.79 -1.42 -0.02
CA GLN A 17 7.28 -2.38 0.95
C GLN A 17 6.06 -3.12 0.40
N SER A 18 6.10 -4.45 0.45
CA SER A 18 5.01 -5.27 -0.04
C SER A 18 4.07 -5.66 1.10
N ILE A 19 2.95 -4.95 1.19
CA ILE A 19 1.96 -5.21 2.24
C ILE A 19 0.86 -6.14 1.73
N HIS A 20 0.79 -7.34 2.30
CA HIS A 20 -0.21 -8.32 1.90
C HIS A 20 -1.33 -8.40 2.94
N ILE A 21 -2.54 -8.06 2.52
CA ILE A 21 -3.69 -8.09 3.41
C ILE A 21 -4.53 -9.35 3.18
N GLU A 22 -4.76 -10.10 4.26
CA GLU A 22 -5.55 -11.33 4.17
C GLU A 22 -6.84 -11.20 4.97
N LYS A 23 -7.94 -11.62 4.36
CA LYS A 23 -9.24 -11.56 5.02
C LYS A 23 -9.71 -12.94 5.45
N SER A 24 -10.82 -12.99 6.18
CA SER A 24 -11.36 -14.25 6.67
C SER A 24 -12.45 -14.76 5.72
N ASP A 25 -13.46 -13.94 5.48
CA ASP A 25 -14.56 -14.30 4.60
C ASP A 25 -14.70 -13.30 3.46
N THR A 26 -14.11 -13.62 2.32
CA THR A 26 -14.17 -12.73 1.16
C THR A 26 -15.56 -12.14 1.00
N ALA A 27 -16.58 -12.90 1.40
CA ALA A 27 -17.96 -12.43 1.29
C ALA A 27 -18.35 -11.63 2.52
N ALA A 28 -18.51 -12.30 3.65
CA ALA A 28 -18.89 -11.64 4.90
C ALA A 28 -18.04 -10.39 5.13
N ASP A 29 -16.76 -10.58 5.42
CA ASP A 29 -15.85 -9.47 5.66
C ASP A 29 -15.25 -8.97 4.36
N THR A 30 -15.18 -7.65 4.21
CA THR A 30 -14.63 -7.04 3.01
C THR A 30 -13.91 -5.73 3.34
N TYR A 31 -12.76 -5.52 2.71
CA TYR A 31 -11.98 -4.30 2.93
C TYR A 31 -12.89 -3.07 2.93
N GLY A 32 -12.34 -1.94 3.37
CA GLY A 32 -13.10 -0.72 3.39
C GLY A 32 -12.28 0.49 2.97
N PHE A 33 -11.26 0.25 2.15
CA PHE A 33 -10.39 1.33 1.67
C PHE A 33 -10.60 1.57 0.18
N SER A 34 -10.79 2.83 -0.19
CA SER A 34 -11.00 3.20 -1.58
C SER A 34 -9.71 3.70 -2.22
N LEU A 35 -9.65 3.66 -3.55
CA LEU A 35 -8.47 4.11 -4.28
C LEU A 35 -8.84 5.14 -5.33
N SER A 36 -8.12 6.25 -5.34
CA SER A 36 -8.38 7.33 -6.30
C SER A 36 -7.32 7.33 -7.39
N SER A 37 -7.77 7.43 -8.64
CA SER A 37 -6.86 7.45 -9.78
C SER A 37 -6.67 8.88 -10.30
N VAL A 38 -5.41 9.22 -10.63
CA VAL A 38 -5.09 10.54 -11.13
C VAL A 38 -4.07 10.46 -12.27
N GLU A 39 -4.39 11.10 -13.38
CA GLU A 39 -3.49 11.11 -14.54
C GLU A 39 -2.65 12.39 -14.58
N GLU A 40 -1.34 12.23 -14.40
CA GLU A 40 -0.44 13.37 -14.42
C GLU A 40 0.36 13.41 -15.72
N ASP A 41 -0.09 14.22 -16.66
CA ASP A 41 0.58 14.36 -17.95
C ASP A 41 0.63 13.03 -18.68
N GLY A 42 -0.45 12.25 -18.55
CA GLY A 42 -0.50 10.95 -19.20
C GLY A 42 -0.13 9.82 -18.27
N ILE A 43 0.71 10.11 -17.30
CA ILE A 43 1.14 9.10 -16.33
C ILE A 43 0.09 8.88 -15.25
N ARG A 44 -0.65 7.78 -15.37
CA ARG A 44 -1.69 7.45 -14.40
C ARG A 44 -1.09 7.07 -13.05
N ARG A 45 -1.80 7.39 -11.98
CA ARG A 45 -1.33 7.09 -10.63
C ARG A 45 -2.50 6.78 -9.70
N LEU A 46 -2.22 6.08 -8.61
CA LEU A 46 -3.25 5.72 -7.65
C LEU A 46 -2.90 6.24 -6.26
N TYR A 47 -3.93 6.55 -5.47
CA TYR A 47 -3.73 7.05 -4.12
C TYR A 47 -4.89 6.65 -3.22
N VAL A 48 -4.54 6.13 -2.03
CA VAL A 48 -5.56 5.70 -1.07
C VAL A 48 -6.42 6.87 -0.62
N ASN A 49 -7.68 6.87 -1.05
CA ASN A 49 -8.61 7.94 -0.70
C ASN A 49 -9.13 7.76 0.73
N SER A 50 -9.55 6.54 1.04
CA SER A 50 -10.08 6.23 2.36
C SER A 50 -9.58 4.86 2.84
N VAL A 51 -9.55 4.67 4.15
CA VAL A 51 -9.11 3.41 4.74
C VAL A 51 -10.09 2.91 5.79
N LYS A 52 -10.32 1.60 5.80
CA LYS A 52 -11.24 1.00 6.77
C LYS A 52 -10.78 1.26 8.19
N GLU A 53 -11.70 1.73 9.03
CA GLU A 53 -11.38 2.01 10.42
C GLU A 53 -11.22 0.72 11.22
N THR A 54 -10.14 0.64 11.98
CA THR A 54 -9.85 -0.54 12.80
C THR A 54 -10.00 -1.81 11.97
N GLY A 55 -9.68 -1.73 10.69
CA GLY A 55 -9.78 -2.88 9.80
C GLY A 55 -8.47 -3.63 9.70
N LEU A 56 -8.18 -4.15 8.51
CA LEU A 56 -6.96 -4.90 8.27
C LEU A 56 -5.86 -4.00 7.72
N ALA A 57 -6.19 -3.27 6.65
CA ALA A 57 -5.24 -2.37 6.02
C ALA A 57 -4.80 -1.28 6.97
N SER A 58 -5.72 -0.87 7.85
CA SER A 58 -5.42 0.18 8.83
C SER A 58 -4.41 -0.30 9.86
N LYS A 59 -4.54 -1.55 10.27
CA LYS A 59 -3.63 -2.14 11.25
C LYS A 59 -2.36 -2.65 10.58
N LYS A 60 -2.48 -3.05 9.32
CA LYS A 60 -1.34 -3.56 8.56
C LYS A 60 -0.28 -2.48 8.39
N GLY A 61 -0.65 -1.37 7.76
CA GLY A 61 0.28 -0.28 7.55
C GLY A 61 -0.09 0.57 6.36
N LEU A 62 -1.36 0.96 6.29
CA LEU A 62 -1.85 1.79 5.18
C LEU A 62 -2.36 3.13 5.69
N LYS A 63 -2.75 4.00 4.76
CA LYS A 63 -3.26 5.32 5.12
C LYS A 63 -4.03 5.94 3.97
N ALA A 64 -4.87 6.92 4.27
CA ALA A 64 -5.66 7.59 3.25
C ALA A 64 -4.85 8.68 2.55
N GLY A 65 -3.53 8.53 2.57
CA GLY A 65 -2.67 9.50 1.93
C GLY A 65 -1.39 8.88 1.39
N ASP A 66 -1.50 7.65 0.89
CA ASP A 66 -0.35 6.94 0.33
C ASP A 66 -0.60 6.54 -1.12
N GLU A 67 0.45 6.58 -1.93
CA GLU A 67 0.34 6.22 -3.33
C GLU A 67 0.68 4.75 -3.55
N ILE A 68 -0.10 4.09 -4.41
CA ILE A 68 0.12 2.69 -4.70
C ILE A 68 1.04 2.50 -5.91
N LEU A 69 2.17 1.85 -5.70
CA LEU A 69 3.13 1.62 -6.77
C LEU A 69 2.72 0.42 -7.62
N GLU A 70 2.45 -0.70 -6.96
CA GLU A 70 2.04 -1.92 -7.65
C GLU A 70 1.07 -2.74 -6.80
N ILE A 71 0.43 -3.72 -7.41
CA ILE A 71 -0.52 -4.57 -6.71
C ILE A 71 -0.40 -6.02 -7.18
N ASN A 72 0.21 -6.86 -6.34
CA ASN A 72 0.38 -8.27 -6.66
C ASN A 72 1.20 -8.44 -7.94
N ASN A 73 2.33 -7.73 -8.02
CA ASN A 73 3.20 -7.80 -9.18
C ASN A 73 2.48 -7.31 -10.43
N ARG A 74 1.79 -6.17 -10.30
CA ARG A 74 1.06 -5.60 -11.42
C ARG A 74 1.11 -4.08 -11.38
N ALA A 75 1.28 -3.46 -12.54
CA ALA A 75 1.35 -2.01 -12.64
C ALA A 75 -0.01 -1.38 -12.37
N ALA A 76 -0.06 -0.47 -11.41
CA ALA A 76 -1.30 0.20 -11.06
C ALA A 76 -2.06 0.67 -12.30
N ASP A 77 -1.43 1.55 -13.07
CA ASP A 77 -2.03 2.07 -14.29
C ASP A 77 -2.65 0.94 -15.11
N ALA A 78 -1.91 -0.16 -15.23
CA ALA A 78 -2.39 -1.31 -15.99
C ALA A 78 -3.71 -1.82 -15.46
N LEU A 79 -3.86 -1.80 -14.14
CA LEU A 79 -5.09 -2.26 -13.50
C LEU A 79 -6.20 -1.24 -13.67
N ASN A 80 -7.29 -1.65 -14.32
CA ASN A 80 -8.42 -0.77 -14.57
C ASN A 80 -9.55 -1.09 -13.59
N SER A 81 -10.54 -0.19 -13.52
CA SER A 81 -11.68 -0.36 -12.62
C SER A 81 -12.10 -1.82 -12.56
N SER A 82 -12.15 -2.47 -13.73
CA SER A 82 -12.55 -3.87 -13.81
C SER A 82 -11.65 -4.73 -12.93
N MET A 83 -10.36 -4.76 -13.25
CA MET A 83 -9.39 -5.55 -12.49
C MET A 83 -9.45 -5.19 -11.01
N LEU A 84 -9.45 -3.89 -10.71
CA LEU A 84 -9.49 -3.43 -9.33
C LEU A 84 -10.63 -4.10 -8.57
N LYS A 85 -11.85 -3.96 -9.08
CA LYS A 85 -13.02 -4.55 -8.44
C LYS A 85 -12.74 -5.99 -8.05
N ASP A 86 -12.25 -6.78 -9.00
CA ASP A 86 -11.94 -8.20 -8.74
C ASP A 86 -10.91 -8.32 -7.63
N PHE A 87 -9.83 -7.56 -7.74
CA PHE A 87 -8.76 -7.60 -6.74
C PHE A 87 -9.32 -7.35 -5.34
N LEU A 88 -10.08 -6.28 -5.19
CA LEU A 88 -10.67 -5.93 -3.90
C LEU A 88 -11.58 -7.04 -3.41
N SER A 89 -12.33 -7.64 -4.33
CA SER A 89 -13.24 -8.73 -3.98
C SER A 89 -12.49 -9.88 -3.34
N GLN A 90 -11.30 -10.18 -3.86
CA GLN A 90 -10.50 -11.27 -3.34
C GLN A 90 -10.21 -11.07 -1.85
N PRO A 91 -10.15 -12.19 -1.11
CA PRO A 91 -9.89 -12.17 0.33
C PRO A 91 -8.45 -11.75 0.65
N SER A 92 -7.56 -11.92 -0.31
CA SER A 92 -6.16 -11.56 -0.13
C SER A 92 -5.71 -10.58 -1.20
N LEU A 93 -4.82 -9.66 -0.81
CA LEU A 93 -4.30 -8.66 -1.73
C LEU A 93 -2.87 -8.28 -1.38
N GLY A 94 -2.11 -7.87 -2.39
CA GLY A 94 -0.72 -7.49 -2.17
C GLY A 94 -0.41 -6.11 -2.73
N LEU A 95 -0.33 -5.12 -1.85
CA LEU A 95 -0.03 -3.76 -2.26
C LEU A 95 1.45 -3.45 -2.10
N LEU A 96 1.92 -2.43 -2.82
CA LEU A 96 3.33 -2.04 -2.75
C LEU A 96 3.46 -0.53 -2.62
N VAL A 97 3.68 -0.06 -1.39
CA VAL A 97 3.83 1.36 -1.13
C VAL A 97 5.26 1.71 -0.74
N ARG A 98 5.61 2.98 -0.85
CA ARG A 98 6.96 3.44 -0.50
C ARG A 98 7.03 3.87 0.95
N THR A 99 8.14 3.55 1.60
CA THR A 99 8.34 3.90 3.01
C THR A 99 9.80 4.27 3.28
N TYR A 100 10.03 4.93 4.41
CA TYR A 100 11.38 5.34 4.79
C TYR A 100 12.08 4.25 5.57
N PRO A 101 13.33 3.95 5.19
CA PRO A 101 14.15 2.92 5.85
C PRO A 101 14.57 3.33 7.26
N GLU A 102 14.20 2.49 8.24
CA GLU A 102 14.54 2.78 9.63
C GLU A 102 14.34 1.54 10.49
N LEU A 103 15.13 1.42 11.56
CA LEU A 103 15.05 0.29 12.46
C LEU A 103 13.72 0.29 13.21
N GLU A 104 13.16 -0.89 13.43
CA GLU A 104 11.89 -1.03 14.14
C GLU A 104 10.92 0.07 13.72
N GLU A 105 10.74 0.22 12.40
CA GLU A 105 9.84 1.23 11.86
C GLU A 105 8.57 0.58 11.31
N GLY A 106 7.49 0.68 12.07
CA GLY A 106 6.22 0.10 11.65
C GLY A 106 5.06 1.07 11.80
N VAL A 107 4.00 0.82 11.04
CA VAL A 107 2.81 1.68 11.10
C VAL A 107 2.34 1.86 12.54
N GLU A 108 2.12 3.12 12.93
CA GLU A 108 1.66 3.43 14.27
C GLU A 108 0.32 4.16 14.24
N SER A 109 -0.66 3.63 14.94
CA SER A 109 -1.99 4.24 14.99
C SER A 109 -2.11 5.18 16.19
N GLY A 110 -1.34 4.91 17.23
CA GLY A 110 -1.38 5.73 18.43
C GLY A 110 -2.79 5.90 18.98
N PRO A 111 -2.89 6.49 20.17
CA PRO A 111 -4.18 6.71 20.83
C PRO A 111 -5.01 7.78 20.12
N SER A 112 -6.26 7.45 19.82
CA SER A 112 -7.15 8.37 19.14
C SER A 112 -8.04 9.12 20.15
N SER A 113 -7.56 10.27 20.59
CA SER A 113 -8.29 11.08 21.56
C SER A 113 -9.45 11.81 20.89
N GLY A 114 -10.62 11.16 20.87
CA GLY A 114 -11.80 11.76 20.25
C GLY A 114 -12.94 11.93 21.23
N GLY A 1 27.60 -10.38 -6.01
CA GLY A 1 28.68 -11.31 -6.30
C GLY A 1 29.85 -10.63 -7.00
N SER A 2 29.58 -10.03 -8.15
CA SER A 2 30.61 -9.36 -8.92
C SER A 2 30.50 -7.84 -8.77
N SER A 3 31.46 -7.24 -8.07
CA SER A 3 31.47 -5.80 -7.85
C SER A 3 31.71 -5.05 -9.15
N GLY A 4 30.70 -4.30 -9.59
CA GLY A 4 30.83 -3.55 -10.83
C GLY A 4 29.51 -2.91 -11.25
N SER A 5 28.60 -3.73 -11.78
CA SER A 5 27.30 -3.25 -12.23
C SER A 5 26.25 -3.44 -11.15
N SER A 6 25.78 -2.33 -10.59
CA SER A 6 24.77 -2.36 -9.54
C SER A 6 23.61 -1.43 -9.87
N GLY A 7 22.41 -1.86 -9.53
CA GLY A 7 21.23 -1.04 -9.79
C GLY A 7 20.15 -1.22 -8.73
N GLU A 8 20.57 -1.35 -7.48
CA GLU A 8 19.64 -1.53 -6.37
C GLU A 8 19.28 -0.19 -5.74
N ILE A 9 18.00 -0.01 -5.42
CA ILE A 9 17.54 1.22 -4.80
C ILE A 9 18.43 1.63 -3.63
N GLU A 10 18.56 2.93 -3.42
CA GLU A 10 19.39 3.45 -2.34
C GLU A 10 18.66 3.36 -1.01
N ILE A 11 19.41 3.53 0.09
CA ILE A 11 18.83 3.47 1.42
C ILE A 11 18.51 4.86 1.95
N CYS A 12 19.32 5.84 1.55
CA CYS A 12 19.12 7.21 1.99
C CYS A 12 17.67 7.64 1.81
N PRO A 13 17.18 7.59 0.56
CA PRO A 13 15.80 7.96 0.23
C PRO A 13 14.78 6.96 0.77
N LYS A 14 13.52 7.22 0.51
CA LYS A 14 12.44 6.34 0.97
C LYS A 14 12.69 4.91 0.52
N VAL A 15 11.89 3.98 1.04
CA VAL A 15 12.02 2.57 0.69
C VAL A 15 10.67 1.97 0.31
N THR A 16 10.69 0.97 -0.56
CA THR A 16 9.47 0.31 -1.01
C THR A 16 9.04 -0.76 -0.01
N GLN A 17 7.84 -0.59 0.56
CA GLN A 17 7.31 -1.55 1.52
C GLN A 17 6.23 -2.41 0.90
N SER A 18 6.32 -3.72 1.11
CA SER A 18 5.34 -4.65 0.56
C SER A 18 4.18 -4.86 1.53
N ILE A 19 2.96 -4.74 1.02
CA ILE A 19 1.77 -4.92 1.85
C ILE A 19 0.96 -6.14 1.40
N HIS A 20 0.58 -6.98 2.35
CA HIS A 20 -0.19 -8.18 2.04
C HIS A 20 -1.39 -8.29 2.99
N ILE A 21 -2.59 -8.12 2.42
CA ILE A 21 -3.82 -8.21 3.22
C ILE A 21 -4.55 -9.52 2.94
N GLU A 22 -5.15 -10.09 3.98
CA GLU A 22 -5.89 -11.34 3.86
C GLU A 22 -7.02 -11.40 4.86
N LYS A 23 -8.24 -11.56 4.37
CA LYS A 23 -9.42 -11.64 5.22
C LYS A 23 -9.80 -13.09 5.48
N SER A 24 -10.69 -13.30 6.46
CA SER A 24 -11.13 -14.64 6.81
C SER A 24 -12.37 -15.03 6.00
N ASP A 25 -13.47 -14.31 6.22
CA ASP A 25 -14.71 -14.58 5.51
C ASP A 25 -15.06 -13.43 4.57
N THR A 26 -14.70 -13.58 3.30
CA THR A 26 -14.97 -12.56 2.30
C THR A 26 -16.47 -12.27 2.20
N ALA A 27 -17.27 -13.34 2.14
CA ALA A 27 -18.72 -13.19 2.04
C ALA A 27 -19.22 -12.04 2.89
N ALA A 28 -18.70 -11.95 4.12
CA ALA A 28 -19.09 -10.90 5.04
C ALA A 28 -17.98 -9.87 5.21
N ASP A 29 -16.86 -10.31 5.78
CA ASP A 29 -15.72 -9.42 5.99
C ASP A 29 -15.17 -8.91 4.68
N THR A 30 -15.07 -7.59 4.56
CA THR A 30 -14.55 -6.96 3.34
C THR A 30 -13.83 -5.67 3.65
N TYR A 31 -12.64 -5.51 3.08
CA TYR A 31 -11.84 -4.31 3.30
C TYR A 31 -12.70 -3.06 3.24
N GLY A 32 -12.19 -1.96 3.79
CA GLY A 32 -12.93 -0.71 3.79
C GLY A 32 -12.09 0.46 3.30
N PHE A 33 -11.07 0.17 2.51
CA PHE A 33 -10.18 1.20 1.98
C PHE A 33 -10.44 1.42 0.50
N SER A 34 -10.51 2.69 0.09
CA SER A 34 -10.75 3.04 -1.30
C SER A 34 -9.48 3.54 -1.97
N LEU A 35 -9.51 3.66 -3.28
CA LEU A 35 -8.36 4.13 -4.05
C LEU A 35 -8.79 5.11 -5.14
N SER A 36 -8.07 6.22 -5.25
CA SER A 36 -8.36 7.24 -6.25
C SER A 36 -7.40 7.16 -7.42
N SER A 37 -7.93 7.18 -8.63
CA SER A 37 -7.12 7.10 -9.84
C SER A 37 -6.84 8.50 -10.40
N VAL A 38 -5.56 8.80 -10.59
CA VAL A 38 -5.15 10.09 -11.12
C VAL A 38 -4.20 9.93 -12.29
N GLU A 39 -4.58 10.48 -13.45
CA GLU A 39 -3.76 10.40 -14.65
C GLU A 39 -3.08 11.74 -14.93
N GLU A 40 -1.75 11.72 -15.00
CA GLU A 40 -0.99 12.93 -15.27
C GLU A 40 0.09 12.67 -16.32
N ASP A 41 -0.02 13.35 -17.46
CA ASP A 41 0.95 13.20 -18.54
C ASP A 41 1.01 11.75 -19.01
N GLY A 42 -0.11 11.04 -18.88
CA GLY A 42 -0.16 9.65 -19.28
C GLY A 42 0.21 8.69 -18.17
N ILE A 43 0.74 9.24 -17.08
CA ILE A 43 1.13 8.44 -15.93
C ILE A 43 -0.02 8.27 -14.95
N ARG A 44 -0.65 7.10 -14.96
CA ARG A 44 -1.78 6.83 -14.08
C ARG A 44 -1.28 6.26 -12.74
N ARG A 45 -1.60 6.97 -11.66
CA ARG A 45 -1.19 6.55 -10.33
C ARG A 45 -2.39 6.29 -9.44
N LEU A 46 -2.16 5.71 -8.27
CA LEU A 46 -3.22 5.41 -7.33
C LEU A 46 -2.90 5.94 -5.93
N TYR A 47 -3.93 6.39 -5.22
CA TYR A 47 -3.74 6.92 -3.87
C TYR A 47 -4.86 6.45 -2.95
N VAL A 48 -4.47 5.99 -1.76
CA VAL A 48 -5.44 5.50 -0.78
C VAL A 48 -6.28 6.65 -0.24
N ASN A 49 -7.55 6.69 -0.65
CA ASN A 49 -8.47 7.74 -0.21
C ASN A 49 -8.82 7.55 1.27
N SER A 50 -9.44 6.43 1.59
CA SER A 50 -9.83 6.13 2.96
C SER A 50 -9.38 4.74 3.38
N VAL A 51 -9.32 4.49 4.69
CA VAL A 51 -8.90 3.21 5.21
C VAL A 51 -9.80 2.75 6.37
N LYS A 52 -10.19 1.49 6.34
CA LYS A 52 -11.05 0.94 7.39
C LYS A 52 -10.38 1.06 8.75
N GLU A 53 -10.97 1.86 9.63
CA GLU A 53 -10.43 2.05 10.97
C GLU A 53 -10.30 0.72 11.71
N THR A 54 -11.31 -0.13 11.56
CA THR A 54 -11.30 -1.44 12.20
C THR A 54 -11.23 -2.57 11.18
N GLY A 55 -10.12 -2.63 10.46
CA GLY A 55 -9.94 -3.65 9.44
C GLY A 55 -8.54 -4.22 9.43
N LEU A 56 -8.06 -4.58 8.23
CA LEU A 56 -6.72 -5.13 8.08
C LEU A 56 -5.78 -4.10 7.46
N ALA A 57 -6.22 -3.47 6.37
CA ALA A 57 -5.42 -2.47 5.69
C ALA A 57 -4.58 -1.66 6.69
N SER A 58 -5.26 -0.98 7.61
CA SER A 58 -4.59 -0.16 8.60
C SER A 58 -3.52 -0.97 9.34
N LYS A 59 -3.95 -2.08 9.97
CA LYS A 59 -3.04 -2.94 10.69
C LYS A 59 -1.70 -3.07 9.96
N LYS A 60 -1.76 -3.53 8.71
CA LYS A 60 -0.56 -3.70 7.91
C LYS A 60 0.31 -2.45 7.96
N GLY A 61 -0.24 -1.34 7.47
CA GLY A 61 0.50 -0.09 7.47
C GLY A 61 -0.03 0.89 6.44
N LEU A 62 -1.34 0.89 6.25
CA LEU A 62 -1.98 1.79 5.29
C LEU A 62 -2.58 3.00 5.98
N LYS A 63 -2.86 4.05 5.22
CA LYS A 63 -3.44 5.27 5.77
C LYS A 63 -3.77 6.26 4.65
N ALA A 64 -4.83 7.04 4.85
CA ALA A 64 -5.26 8.02 3.87
C ALA A 64 -4.11 8.98 3.52
N GLY A 65 -3.35 8.64 2.49
CA GLY A 65 -2.24 9.48 2.08
C GLY A 65 -1.05 8.67 1.60
N ASP A 66 -1.33 7.56 0.92
CA ASP A 66 -0.28 6.70 0.40
C ASP A 66 -0.53 6.34 -1.06
N GLU A 67 0.51 6.44 -1.88
CA GLU A 67 0.39 6.12 -3.30
C GLU A 67 0.80 4.67 -3.57
N ILE A 68 0.04 4.00 -4.43
CA ILE A 68 0.33 2.61 -4.77
C ILE A 68 1.28 2.52 -5.96
N LEU A 69 2.14 1.51 -5.96
CA LEU A 69 3.10 1.31 -7.03
C LEU A 69 2.74 0.09 -7.87
N GLU A 70 2.29 -0.97 -7.20
CA GLU A 70 1.91 -2.20 -7.89
C GLU A 70 0.83 -2.94 -7.10
N ILE A 71 0.06 -3.76 -7.81
CA ILE A 71 -1.01 -4.54 -7.17
C ILE A 71 -0.97 -5.99 -7.62
N ASN A 72 -0.49 -6.86 -6.74
CA ASN A 72 -0.39 -8.29 -7.04
C ASN A 72 0.51 -8.53 -8.24
N ASN A 73 1.64 -7.83 -8.27
CA ASN A 73 2.60 -7.97 -9.37
C ASN A 73 2.04 -7.37 -10.66
N ARG A 74 1.28 -6.29 -10.52
CA ARG A 74 0.68 -5.63 -11.68
C ARG A 74 0.86 -4.12 -11.59
N ALA A 75 1.07 -3.48 -12.74
CA ALA A 75 1.26 -2.03 -12.79
C ALA A 75 -0.07 -1.30 -12.60
N ALA A 76 -0.18 -0.55 -11.52
CA ALA A 76 -1.40 0.20 -11.23
C ALA A 76 -1.96 0.85 -12.49
N ASP A 77 -1.07 1.47 -13.26
CA ASP A 77 -1.48 2.13 -14.50
C ASP A 77 -1.96 1.11 -15.53
N ALA A 78 -1.30 -0.05 -15.55
CA ALA A 78 -1.66 -1.11 -16.48
C ALA A 78 -3.03 -1.69 -16.17
N LEU A 79 -3.51 -1.42 -14.95
CA LEU A 79 -4.81 -1.92 -14.52
C LEU A 79 -5.87 -0.83 -14.59
N ASN A 80 -7.08 -1.20 -14.98
CA ASN A 80 -8.18 -0.26 -15.11
C ASN A 80 -9.29 -0.58 -14.10
N SER A 81 -10.32 0.26 -14.08
CA SER A 81 -11.44 0.07 -13.16
C SER A 81 -11.71 -1.42 -12.96
N SER A 82 -12.08 -2.10 -14.03
CA SER A 82 -12.38 -3.53 -13.97
C SER A 82 -11.34 -4.26 -13.12
N MET A 83 -10.12 -4.37 -13.62
CA MET A 83 -9.05 -5.04 -12.90
C MET A 83 -9.08 -4.68 -11.42
N LEU A 84 -9.18 -3.40 -11.14
CA LEU A 84 -9.22 -2.92 -9.75
C LEU A 84 -10.38 -3.56 -8.99
N LYS A 85 -11.59 -3.28 -9.43
CA LYS A 85 -12.78 -3.83 -8.79
C LYS A 85 -12.59 -5.31 -8.48
N ASP A 86 -11.97 -6.03 -9.41
CA ASP A 86 -11.73 -7.46 -9.24
C ASP A 86 -10.79 -7.71 -8.06
N PHE A 87 -9.66 -7.03 -8.05
CA PHE A 87 -8.67 -7.18 -6.99
C PHE A 87 -9.31 -6.95 -5.62
N LEU A 88 -10.17 -5.95 -5.54
CA LEU A 88 -10.85 -5.63 -4.29
C LEU A 88 -11.83 -6.74 -3.90
N SER A 89 -12.32 -7.46 -4.89
CA SER A 89 -13.26 -8.55 -4.66
C SER A 89 -12.51 -9.86 -4.38
N GLN A 90 -11.33 -9.74 -3.79
CA GLN A 90 -10.52 -10.91 -3.47
C GLN A 90 -10.23 -10.98 -1.97
N PRO A 91 -10.14 -12.22 -1.45
CA PRO A 91 -9.86 -12.45 -0.03
C PRO A 91 -8.44 -12.07 0.36
N SER A 92 -7.63 -11.74 -0.63
CA SER A 92 -6.25 -11.36 -0.40
C SER A 92 -5.76 -10.37 -1.46
N LEU A 93 -4.95 -9.41 -1.04
CA LEU A 93 -4.41 -8.40 -1.96
C LEU A 93 -2.97 -8.06 -1.60
N GLY A 94 -2.22 -7.60 -2.59
CA GLY A 94 -0.83 -7.24 -2.38
C GLY A 94 -0.50 -5.85 -2.89
N LEU A 95 -0.53 -4.87 -2.00
CA LEU A 95 -0.23 -3.49 -2.37
C LEU A 95 1.23 -3.16 -2.11
N LEU A 96 1.77 -2.21 -2.87
CA LEU A 96 3.16 -1.79 -2.70
C LEU A 96 3.26 -0.28 -2.59
N VAL A 97 3.50 0.20 -1.38
CA VAL A 97 3.63 1.64 -1.14
C VAL A 97 5.02 1.98 -0.62
N ARG A 98 5.42 3.24 -0.78
CA ARG A 98 6.72 3.71 -0.34
C ARG A 98 6.64 4.32 1.06
N THR A 99 7.66 4.09 1.87
CA THR A 99 7.71 4.62 3.23
C THR A 99 9.13 5.01 3.62
N TYR A 100 9.24 5.96 4.54
CA TYR A 100 10.54 6.42 5.01
C TYR A 100 11.13 5.47 6.04
N PRO A 101 12.45 5.23 5.94
CA PRO A 101 13.15 4.33 6.86
C PRO A 101 13.27 4.91 8.27
N GLU A 102 13.02 4.07 9.26
CA GLU A 102 13.09 4.51 10.66
C GLU A 102 14.07 3.64 11.44
N LEU A 103 14.79 4.26 12.38
CA LEU A 103 15.76 3.55 13.19
C LEU A 103 15.07 2.81 14.34
N GLU A 104 13.97 2.14 14.02
CA GLU A 104 13.22 1.39 15.02
C GLU A 104 12.15 0.52 14.36
N GLU A 105 12.35 -0.79 14.39
CA GLU A 105 11.40 -1.72 13.78
C GLU A 105 10.93 -2.75 14.82
N GLY A 106 9.74 -3.30 14.59
CA GLY A 106 9.19 -4.29 15.50
C GLY A 106 7.90 -3.83 16.16
N VAL A 107 7.83 -3.95 17.47
CA VAL A 107 6.65 -3.53 18.22
C VAL A 107 6.24 -2.12 17.86
N GLU A 108 5.08 -1.70 18.36
CA GLU A 108 4.58 -0.35 18.09
C GLU A 108 5.63 0.70 18.42
N SER A 109 6.03 0.75 19.69
CA SER A 109 7.03 1.72 20.13
C SER A 109 7.63 1.31 21.47
N GLY A 110 8.81 1.84 21.77
CA GLY A 110 9.48 1.50 23.01
C GLY A 110 9.83 2.74 23.83
N PRO A 111 8.84 3.25 24.59
CA PRO A 111 9.02 4.44 25.42
C PRO A 111 9.92 4.17 26.62
N SER A 112 9.70 3.04 27.28
CA SER A 112 10.50 2.67 28.45
C SER A 112 11.92 2.31 28.04
N SER A 113 12.90 2.94 28.68
CA SER A 113 14.30 2.69 28.39
C SER A 113 15.01 2.05 29.57
N GLY A 114 14.21 1.59 30.54
CA GLY A 114 14.78 0.95 31.72
C GLY A 114 14.42 1.69 33.00
N GLY A 1 16.79 14.33 -7.98
CA GLY A 1 15.74 14.41 -7.00
C GLY A 1 14.56 15.25 -7.45
N SER A 2 13.35 14.72 -7.29
CA SER A 2 12.14 15.42 -7.70
C SER A 2 12.10 16.82 -7.08
N SER A 3 11.38 17.72 -7.74
CA SER A 3 11.25 19.09 -7.27
C SER A 3 10.29 19.17 -6.08
N GLY A 4 10.79 18.84 -4.90
CA GLY A 4 9.97 18.89 -3.71
C GLY A 4 10.75 18.62 -2.44
N SER A 5 10.14 17.90 -1.51
CA SER A 5 10.80 17.58 -0.25
C SER A 5 12.16 16.93 -0.49
N SER A 6 13.22 17.66 -0.16
CA SER A 6 14.58 17.14 -0.35
C SER A 6 15.60 18.06 0.32
N GLY A 7 16.75 17.50 0.66
CA GLY A 7 17.79 18.28 1.30
C GLY A 7 18.77 17.42 2.08
N GLU A 8 18.37 17.04 3.29
CA GLU A 8 19.22 16.21 4.14
C GLU A 8 19.34 14.79 3.57
N ILE A 9 20.56 14.43 3.17
CA ILE A 9 20.81 13.11 2.61
C ILE A 9 21.07 12.08 3.71
N GLU A 10 20.50 10.89 3.54
CA GLU A 10 20.67 9.83 4.53
C GLU A 10 21.41 8.64 3.92
N ILE A 11 22.04 7.83 4.77
CA ILE A 11 22.77 6.66 4.31
C ILE A 11 22.04 5.94 3.19
N CYS A 12 20.78 5.59 3.46
CA CYS A 12 19.96 4.89 2.47
C CYS A 12 18.66 5.65 2.21
N PRO A 13 18.23 5.66 0.95
CA PRO A 13 17.00 6.36 0.53
C PRO A 13 15.74 5.67 1.06
N LYS A 14 14.59 6.06 0.53
CA LYS A 14 13.32 5.47 0.94
C LYS A 14 13.37 3.95 0.86
N VAL A 15 12.27 3.30 1.25
CA VAL A 15 12.19 1.85 1.21
C VAL A 15 10.79 1.39 0.80
N THR A 16 10.74 0.26 0.11
CA THR A 16 9.46 -0.29 -0.35
C THR A 16 8.93 -1.33 0.63
N GLN A 17 7.63 -1.26 0.92
CA GLN A 17 7.00 -2.18 1.84
C GLN A 17 5.84 -2.92 1.17
N SER A 18 5.74 -4.21 1.41
CA SER A 18 4.69 -5.03 0.83
C SER A 18 3.61 -5.33 1.86
N ILE A 19 2.43 -4.73 1.68
CA ILE A 19 1.31 -4.94 2.60
C ILE A 19 0.43 -6.08 2.12
N HIS A 20 0.55 -7.23 2.77
CA HIS A 20 -0.24 -8.40 2.41
C HIS A 20 -1.44 -8.56 3.36
N ILE A 21 -2.61 -8.15 2.89
CA ILE A 21 -3.82 -8.25 3.70
C ILE A 21 -4.60 -9.51 3.37
N GLU A 22 -5.03 -10.23 4.40
CA GLU A 22 -5.79 -11.46 4.22
C GLU A 22 -7.08 -11.43 5.03
N LYS A 23 -8.19 -11.76 4.38
CA LYS A 23 -9.49 -11.78 5.05
C LYS A 23 -10.02 -13.21 5.19
N SER A 24 -10.43 -13.56 6.40
CA SER A 24 -10.95 -14.90 6.66
C SER A 24 -11.80 -15.39 5.49
N ASP A 25 -12.80 -14.60 5.12
CA ASP A 25 -13.70 -14.95 4.03
C ASP A 25 -13.68 -13.86 2.95
N THR A 26 -14.48 -14.07 1.90
CA THR A 26 -14.56 -13.12 0.81
C THR A 26 -15.95 -12.53 0.68
N ALA A 27 -16.86 -13.01 1.52
CA ALA A 27 -18.25 -12.54 1.51
C ALA A 27 -18.61 -11.88 2.85
N ALA A 28 -18.10 -12.44 3.93
CA ALA A 28 -18.37 -11.91 5.26
C ALA A 28 -17.44 -10.74 5.58
N ASP A 29 -16.15 -10.93 5.36
CA ASP A 29 -15.17 -9.89 5.61
C ASP A 29 -14.85 -9.10 4.35
N THR A 30 -14.95 -7.78 4.44
CA THR A 30 -14.69 -6.92 3.29
C THR A 30 -13.79 -5.74 3.69
N TYR A 31 -12.97 -5.28 2.76
CA TYR A 31 -12.07 -4.17 3.01
C TYR A 31 -12.85 -2.86 3.14
N GLY A 32 -12.15 -1.81 3.55
CA GLY A 32 -12.78 -0.51 3.71
C GLY A 32 -11.91 0.63 3.23
N PHE A 33 -11.05 0.35 2.25
CA PHE A 33 -10.15 1.35 1.70
C PHE A 33 -10.40 1.56 0.21
N SER A 34 -10.57 2.81 -0.20
CA SER A 34 -10.81 3.14 -1.60
C SER A 34 -9.52 3.58 -2.29
N LEU A 35 -9.60 3.79 -3.60
CA LEU A 35 -8.45 4.20 -4.37
C LEU A 35 -8.85 5.22 -5.44
N SER A 36 -8.15 6.35 -5.47
CA SER A 36 -8.44 7.40 -6.44
C SER A 36 -7.37 7.43 -7.54
N SER A 37 -7.81 7.68 -8.76
CA SER A 37 -6.90 7.73 -9.90
C SER A 37 -6.53 9.17 -10.24
N VAL A 38 -5.25 9.41 -10.46
CA VAL A 38 -4.76 10.75 -10.81
C VAL A 38 -3.67 10.69 -11.87
N GLU A 39 -3.95 11.30 -13.02
CA GLU A 39 -2.98 11.31 -14.11
C GLU A 39 -2.11 12.56 -14.06
N GLU A 40 -0.80 12.36 -14.12
CA GLU A 40 0.15 13.47 -14.07
C GLU A 40 1.23 13.30 -15.12
N ASP A 41 1.20 14.14 -16.15
CA ASP A 41 2.18 14.08 -17.22
C ASP A 41 2.10 12.75 -17.96
N GLY A 42 0.89 12.23 -18.09
CA GLY A 42 0.69 10.95 -18.78
C GLY A 42 0.79 9.77 -17.84
N ILE A 43 1.49 9.95 -16.74
CA ILE A 43 1.66 8.88 -15.75
C ILE A 43 0.47 8.83 -14.79
N ARG A 44 -0.26 7.73 -14.83
CA ARG A 44 -1.42 7.55 -13.96
C ARG A 44 -1.06 6.75 -12.72
N ARG A 45 -1.36 7.29 -11.54
CA ARG A 45 -1.07 6.62 -10.28
C ARG A 45 -2.32 6.51 -9.42
N LEU A 46 -2.24 5.69 -8.38
CA LEU A 46 -3.37 5.50 -7.47
C LEU A 46 -3.05 6.04 -6.07
N TYR A 47 -4.06 6.56 -5.40
CA TYR A 47 -3.89 7.11 -4.06
C TYR A 47 -4.99 6.63 -3.12
N VAL A 48 -4.61 6.34 -1.89
CA VAL A 48 -5.56 5.87 -0.89
C VAL A 48 -6.35 7.03 -0.28
N ASN A 49 -7.56 7.25 -0.78
CA ASN A 49 -8.41 8.33 -0.30
C ASN A 49 -8.79 8.09 1.16
N SER A 50 -9.32 6.89 1.45
CA SER A 50 -9.74 6.55 2.80
C SER A 50 -9.34 5.11 3.14
N VAL A 51 -9.20 4.82 4.42
CA VAL A 51 -8.83 3.49 4.87
C VAL A 51 -9.84 2.95 5.88
N LYS A 52 -10.03 1.63 5.87
CA LYS A 52 -10.97 0.99 6.78
C LYS A 52 -10.61 1.29 8.24
N GLU A 53 -11.61 1.61 9.04
CA GLU A 53 -11.40 1.91 10.45
C GLU A 53 -10.89 0.69 11.20
N THR A 54 -9.83 0.88 11.99
CA THR A 54 -9.25 -0.20 12.76
C THR A 54 -9.44 -1.55 12.05
N GLY A 55 -9.30 -1.54 10.73
CA GLY A 55 -9.46 -2.76 9.96
C GLY A 55 -8.13 -3.44 9.69
N LEU A 56 -7.97 -3.97 8.48
CA LEU A 56 -6.75 -4.66 8.10
C LEU A 56 -5.77 -3.71 7.44
N ALA A 57 -6.24 -2.96 6.46
CA ALA A 57 -5.41 -2.00 5.75
C ALA A 57 -4.63 -1.12 6.72
N SER A 58 -5.33 -0.22 7.39
CA SER A 58 -4.72 0.69 8.35
C SER A 58 -3.74 -0.07 9.26
N LYS A 59 -4.26 -1.05 9.98
CA LYS A 59 -3.45 -1.85 10.88
C LYS A 59 -2.08 -2.15 10.26
N LYS A 60 -2.10 -2.76 9.08
CA LYS A 60 -0.86 -3.10 8.38
C LYS A 60 0.05 -1.89 8.26
N GLY A 61 -0.40 -0.88 7.52
CA GLY A 61 0.39 0.32 7.34
C GLY A 61 -0.32 1.36 6.51
N LEU A 62 -1.13 0.91 5.56
CA LEU A 62 -1.88 1.81 4.68
C LEU A 62 -2.45 2.98 5.48
N LYS A 63 -2.67 4.10 4.79
CA LYS A 63 -3.22 5.30 5.42
C LYS A 63 -3.62 6.33 4.37
N ALA A 64 -4.63 7.13 4.70
CA ALA A 64 -5.11 8.16 3.78
C ALA A 64 -3.96 9.04 3.30
N GLY A 65 -3.41 8.70 2.14
CA GLY A 65 -2.30 9.46 1.58
C GLY A 65 -1.14 8.59 1.18
N ASP A 66 -1.43 7.45 0.55
CA ASP A 66 -0.40 6.53 0.11
C ASP A 66 -0.37 6.42 -1.41
N GLU A 67 0.65 5.75 -1.93
CA GLU A 67 0.80 5.57 -3.37
C GLU A 67 0.98 4.10 -3.72
N ILE A 68 -0.04 3.52 -4.34
CA ILE A 68 0.02 2.11 -4.74
C ILE A 68 0.75 1.93 -6.06
N LEU A 69 2.03 1.58 -5.99
CA LEU A 69 2.84 1.38 -7.18
C LEU A 69 2.33 0.20 -7.99
N GLU A 70 2.30 -0.98 -7.37
CA GLU A 70 1.84 -2.19 -8.03
C GLU A 70 0.81 -2.92 -7.18
N ILE A 71 0.03 -3.79 -7.81
CA ILE A 71 -0.99 -4.55 -7.10
C ILE A 71 -0.92 -6.04 -7.46
N ASN A 72 -0.34 -6.83 -6.57
CA ASN A 72 -0.21 -8.27 -6.81
C ASN A 72 0.58 -8.55 -8.07
N ASN A 73 1.65 -7.78 -8.28
CA ASN A 73 2.50 -7.95 -9.46
C ASN A 73 1.79 -7.44 -10.71
N ARG A 74 1.08 -6.33 -10.57
CA ARG A 74 0.35 -5.74 -11.69
C ARG A 74 0.41 -4.22 -11.64
N ALA A 75 0.60 -3.59 -12.80
CA ALA A 75 0.68 -2.14 -12.87
C ALA A 75 -0.68 -1.51 -12.57
N ALA A 76 -0.73 -0.72 -11.50
CA ALA A 76 -1.95 -0.04 -11.10
C ALA A 76 -2.64 0.60 -12.30
N ASP A 77 -1.93 1.51 -12.96
CA ASP A 77 -2.47 2.20 -14.12
C ASP A 77 -3.01 1.22 -15.15
N ALA A 78 -2.32 0.08 -15.29
CA ALA A 78 -2.74 -0.94 -16.24
C ALA A 78 -4.08 -1.56 -15.84
N LEU A 79 -4.32 -1.63 -14.53
CA LEU A 79 -5.57 -2.19 -14.01
C LEU A 79 -6.66 -1.12 -13.97
N ASN A 80 -7.82 -1.47 -14.53
CA ASN A 80 -8.96 -0.54 -14.55
C ASN A 80 -10.08 -1.04 -13.64
N SER A 81 -11.14 -0.24 -13.52
CA SER A 81 -12.27 -0.59 -12.69
C SER A 81 -12.52 -2.10 -12.71
N SER A 82 -12.80 -2.63 -13.90
CA SER A 82 -13.06 -4.05 -14.05
C SER A 82 -12.09 -4.87 -13.22
N MET A 83 -10.82 -4.89 -13.63
CA MET A 83 -9.79 -5.63 -12.92
C MET A 83 -9.78 -5.26 -11.44
N LEU A 84 -9.56 -3.98 -11.16
CA LEU A 84 -9.52 -3.50 -9.78
C LEU A 84 -10.59 -4.19 -8.93
N LYS A 85 -11.79 -4.33 -9.49
CA LYS A 85 -12.89 -4.98 -8.79
C LYS A 85 -12.56 -6.43 -8.49
N ASP A 86 -11.97 -7.12 -9.46
CA ASP A 86 -11.61 -8.52 -9.29
C ASP A 86 -10.67 -8.70 -8.10
N PHE A 87 -9.64 -7.86 -8.03
CA PHE A 87 -8.66 -7.93 -6.95
C PHE A 87 -9.33 -7.66 -5.60
N LEU A 88 -10.24 -6.68 -5.58
CA LEU A 88 -10.95 -6.34 -4.36
C LEU A 88 -11.88 -7.46 -3.92
N SER A 89 -12.36 -8.23 -4.89
CA SER A 89 -13.25 -9.35 -4.60
C SER A 89 -12.51 -10.49 -3.92
N GLN A 90 -11.18 -10.48 -4.04
CA GLN A 90 -10.35 -11.50 -3.44
C GLN A 90 -10.11 -11.22 -1.96
N PRO A 91 -10.10 -12.29 -1.14
CA PRO A 91 -9.88 -12.17 0.31
C PRO A 91 -8.45 -11.75 0.64
N SER A 92 -7.51 -12.09 -0.24
CA SER A 92 -6.11 -11.74 -0.03
C SER A 92 -5.61 -10.82 -1.14
N LEU A 93 -5.00 -9.71 -0.74
CA LEU A 93 -4.48 -8.73 -1.69
C LEU A 93 -3.07 -8.29 -1.30
N GLY A 94 -2.24 -8.04 -2.29
CA GLY A 94 -0.87 -7.61 -2.03
C GLY A 94 -0.55 -6.28 -2.68
N LEU A 95 -0.61 -5.20 -1.89
CA LEU A 95 -0.32 -3.87 -2.41
C LEU A 95 1.13 -3.49 -2.15
N LEU A 96 1.66 -2.60 -2.99
CA LEU A 96 3.04 -2.16 -2.85
C LEU A 96 3.11 -0.63 -2.82
N VAL A 97 3.40 -0.08 -1.64
CA VAL A 97 3.50 1.36 -1.47
C VAL A 97 4.92 1.77 -1.09
N ARG A 98 5.25 3.04 -1.32
CA ARG A 98 6.58 3.56 -1.00
C ARG A 98 6.54 4.39 0.27
N THR A 99 7.61 4.34 1.05
CA THR A 99 7.70 5.09 2.29
C THR A 99 9.16 5.39 2.65
N TYR A 100 9.36 6.43 3.44
CA TYR A 100 10.70 6.83 3.86
C TYR A 100 10.98 6.39 5.28
N PRO A 101 12.22 5.92 5.51
CA PRO A 101 12.66 5.45 6.83
C PRO A 101 12.80 6.59 7.84
N GLU A 102 12.53 6.30 9.11
CA GLU A 102 12.64 7.30 10.16
C GLU A 102 13.87 7.06 11.01
N LEU A 103 14.17 8.02 11.89
CA LEU A 103 15.33 7.92 12.76
C LEU A 103 14.90 7.76 14.22
N GLU A 104 15.66 6.95 14.97
CA GLU A 104 15.36 6.72 16.37
C GLU A 104 14.10 5.86 16.52
N GLU A 105 14.07 4.73 15.83
CA GLU A 105 12.93 3.83 15.88
C GLU A 105 13.36 2.41 16.27
N GLY A 106 12.40 1.62 16.74
CA GLY A 106 12.71 0.25 17.14
C GLY A 106 12.24 -0.06 18.53
N VAL A 107 11.86 -1.31 18.77
CA VAL A 107 11.39 -1.74 20.08
C VAL A 107 12.41 -2.64 20.77
N GLU A 108 12.56 -2.48 22.08
CA GLU A 108 13.51 -3.26 22.86
C GLU A 108 12.84 -4.54 23.38
N SER A 109 13.65 -5.57 23.56
CA SER A 109 13.15 -6.85 24.07
C SER A 109 14.29 -7.75 24.52
N GLY A 110 14.22 -8.21 25.76
CA GLY A 110 15.26 -9.08 26.29
C GLY A 110 14.73 -10.45 26.65
N PRO A 111 15.60 -11.28 27.25
CA PRO A 111 15.24 -12.64 27.67
C PRO A 111 14.27 -12.66 28.84
N SER A 112 14.09 -11.50 29.46
CA SER A 112 13.19 -11.38 30.60
C SER A 112 11.75 -11.13 30.14
N SER A 113 11.60 -10.22 29.19
CA SER A 113 10.28 -9.89 28.66
C SER A 113 9.23 -9.89 29.77
N GLY A 114 9.60 -9.33 30.92
CA GLY A 114 8.68 -9.28 32.04
C GLY A 114 7.26 -8.97 31.61
N GLY A 1 17.75 -16.03 -21.78
CA GLY A 1 16.94 -14.83 -21.78
C GLY A 1 17.33 -13.87 -20.67
N SER A 2 16.55 -12.80 -20.52
CA SER A 2 16.83 -11.80 -19.48
C SER A 2 15.95 -12.03 -18.25
N SER A 3 16.56 -11.91 -17.07
CA SER A 3 15.84 -12.11 -15.82
C SER A 3 15.38 -10.78 -15.24
N GLY A 4 16.31 -9.85 -15.09
CA GLY A 4 15.98 -8.54 -14.54
C GLY A 4 16.92 -8.14 -13.42
N SER A 5 16.80 -6.89 -12.98
CA SER A 5 17.64 -6.37 -11.90
C SER A 5 17.08 -5.05 -11.36
N SER A 6 17.41 -4.76 -10.11
CA SER A 6 16.94 -3.53 -9.47
C SER A 6 17.95 -3.03 -8.44
N GLY A 7 17.90 -1.74 -8.15
CA GLY A 7 18.82 -1.16 -7.18
C GLY A 7 19.56 0.04 -7.72
N GLU A 8 18.82 1.09 -8.06
CA GLU A 8 19.41 2.31 -8.60
C GLU A 8 19.54 3.37 -7.52
N ILE A 9 20.39 4.36 -7.77
CA ILE A 9 20.60 5.45 -6.82
C ILE A 9 19.90 6.72 -7.27
N GLU A 10 19.17 7.33 -6.35
CA GLU A 10 18.44 8.57 -6.66
C GLU A 10 18.59 9.58 -5.52
N ILE A 11 18.03 10.77 -5.73
CA ILE A 11 18.09 11.83 -4.72
C ILE A 11 17.48 11.36 -3.40
N CYS A 12 16.30 10.76 -3.49
CA CYS A 12 15.61 10.28 -2.30
C CYS A 12 15.40 8.77 -2.38
N PRO A 13 16.41 8.00 -1.92
CA PRO A 13 16.35 6.54 -1.93
C PRO A 13 15.36 5.99 -0.92
N LYS A 14 14.11 5.84 -1.35
CA LYS A 14 13.06 5.32 -0.48
C LYS A 14 13.10 3.80 -0.43
N VAL A 15 12.15 3.21 0.29
CA VAL A 15 12.07 1.76 0.42
C VAL A 15 10.65 1.26 0.19
N THR A 16 10.54 0.08 -0.42
CA THR A 16 9.23 -0.51 -0.71
C THR A 16 8.85 -1.52 0.37
N GLN A 17 7.63 -1.38 0.89
CA GLN A 17 7.13 -2.27 1.92
C GLN A 17 5.96 -3.10 1.41
N SER A 18 6.12 -4.42 1.44
CA SER A 18 5.08 -5.33 0.97
C SER A 18 3.99 -5.50 2.03
N ILE A 19 2.76 -5.14 1.67
CA ILE A 19 1.63 -5.25 2.58
C ILE A 19 0.56 -6.19 2.03
N HIS A 20 0.49 -7.39 2.59
CA HIS A 20 -0.49 -8.38 2.15
C HIS A 20 -1.68 -8.43 3.11
N ILE A 21 -2.87 -8.15 2.59
CA ILE A 21 -4.07 -8.17 3.40
C ILE A 21 -4.88 -9.43 3.16
N GLU A 22 -5.06 -10.23 4.21
CA GLU A 22 -5.81 -11.47 4.11
C GLU A 22 -7.10 -11.39 4.93
N LYS A 23 -8.18 -11.93 4.38
CA LYS A 23 -9.48 -11.92 5.05
C LYS A 23 -9.92 -13.34 5.39
N SER A 24 -10.65 -13.47 6.49
CA SER A 24 -11.14 -14.78 6.92
C SER A 24 -12.31 -15.24 6.07
N ASP A 25 -13.35 -14.41 6.01
CA ASP A 25 -14.54 -14.72 5.23
C ASP A 25 -14.99 -13.52 4.41
N THR A 26 -14.68 -13.55 3.11
CA THR A 26 -15.04 -12.45 2.23
C THR A 26 -16.53 -12.15 2.31
N ALA A 27 -17.35 -13.20 2.33
CA ALA A 27 -18.80 -13.05 2.41
C ALA A 27 -19.17 -11.84 3.27
N ALA A 28 -18.84 -11.90 4.55
CA ALA A 28 -19.14 -10.82 5.48
C ALA A 28 -18.00 -9.81 5.52
N ASP A 29 -16.85 -10.25 6.00
CA ASP A 29 -15.68 -9.38 6.10
C ASP A 29 -15.26 -8.88 4.72
N THR A 30 -15.01 -7.58 4.63
CA THR A 30 -14.60 -6.97 3.36
C THR A 30 -13.78 -5.72 3.60
N TYR A 31 -12.68 -5.59 2.87
CA TYR A 31 -11.80 -4.42 3.00
C TYR A 31 -12.62 -3.13 3.03
N GLY A 32 -11.97 -2.05 3.45
CA GLY A 32 -12.64 -0.76 3.53
C GLY A 32 -11.81 0.36 2.96
N PHE A 33 -10.79 0.00 2.17
CA PHE A 33 -9.91 1.00 1.57
C PHE A 33 -10.14 1.09 0.07
N SER A 34 -10.06 2.30 -0.47
CA SER A 34 -10.27 2.51 -1.91
C SER A 34 -9.14 3.34 -2.49
N LEU A 35 -8.96 3.24 -3.81
CA LEU A 35 -7.91 3.99 -4.50
C LEU A 35 -8.51 4.98 -5.48
N SER A 36 -7.78 6.07 -5.72
CA SER A 36 -8.24 7.11 -6.65
C SER A 36 -7.27 7.28 -7.81
N SER A 37 -7.77 7.13 -9.03
CA SER A 37 -6.94 7.26 -10.22
C SER A 37 -6.79 8.73 -10.61
N VAL A 38 -5.53 9.16 -10.77
CA VAL A 38 -5.24 10.53 -11.14
C VAL A 38 -4.21 10.58 -12.26
N GLU A 39 -4.59 11.19 -13.38
CA GLU A 39 -3.70 11.31 -14.53
C GLU A 39 -2.98 12.65 -14.52
N GLU A 40 -1.65 12.61 -14.59
CA GLU A 40 -0.85 13.82 -14.58
C GLU A 40 0.24 13.76 -15.66
N ASP A 41 0.01 14.48 -16.75
CA ASP A 41 0.97 14.52 -17.86
C ASP A 41 1.03 13.15 -18.55
N GLY A 42 -0.11 12.48 -18.62
CA GLY A 42 -0.16 11.18 -19.26
C GLY A 42 0.09 10.04 -18.28
N ILE A 43 0.79 10.34 -17.19
CA ILE A 43 1.10 9.34 -16.19
C ILE A 43 -0.07 9.13 -15.23
N ARG A 44 -0.73 7.98 -15.34
CA ARG A 44 -1.87 7.67 -14.48
C ARG A 44 -1.40 7.04 -13.17
N ARG A 45 -1.56 7.78 -12.08
CA ARG A 45 -1.16 7.29 -10.77
C ARG A 45 -2.37 7.00 -9.90
N LEU A 46 -2.14 6.40 -8.73
CA LEU A 46 -3.22 6.06 -7.82
C LEU A 46 -2.83 6.40 -6.38
N TYR A 47 -3.84 6.59 -5.53
CA TYR A 47 -3.60 6.92 -4.13
C TYR A 47 -4.72 6.39 -3.25
N VAL A 48 -4.38 5.98 -2.03
CA VAL A 48 -5.36 5.45 -1.09
C VAL A 48 -6.36 6.53 -0.68
N ASN A 49 -7.55 6.47 -1.26
CA ASN A 49 -8.60 7.44 -0.96
C ASN A 49 -9.05 7.32 0.49
N SER A 50 -9.59 6.16 0.85
CA SER A 50 -10.07 5.91 2.20
C SER A 50 -9.49 4.61 2.76
N VAL A 51 -9.61 4.42 4.06
CA VAL A 51 -9.11 3.23 4.72
C VAL A 51 -10.17 2.58 5.59
N LYS A 52 -10.12 1.25 5.71
CA LYS A 52 -11.08 0.51 6.50
C LYS A 52 -11.05 0.98 7.96
N GLU A 53 -12.22 1.35 8.48
CA GLU A 53 -12.32 1.82 9.86
C GLU A 53 -11.78 0.77 10.83
N THR A 54 -10.64 1.08 11.45
CA THR A 54 -10.03 0.16 12.40
C THR A 54 -10.09 -1.27 11.90
N GLY A 55 -9.99 -1.44 10.58
CA GLY A 55 -10.04 -2.77 10.01
C GLY A 55 -8.68 -3.44 9.93
N LEU A 56 -8.27 -3.82 8.73
CA LEU A 56 -6.98 -4.47 8.53
C LEU A 56 -5.97 -3.49 7.94
N ALA A 57 -6.17 -3.13 6.68
CA ALA A 57 -5.27 -2.20 6.01
C ALA A 57 -4.74 -1.14 6.98
N SER A 58 -5.62 -0.66 7.85
CA SER A 58 -5.23 0.35 8.84
C SER A 58 -4.11 -0.16 9.74
N LYS A 59 -4.39 -1.24 10.46
CA LYS A 59 -3.40 -1.84 11.35
C LYS A 59 -2.17 -2.30 10.58
N LYS A 60 -2.40 -2.95 9.44
CA LYS A 60 -1.31 -3.45 8.62
C LYS A 60 -0.20 -2.40 8.48
N GLY A 61 -0.59 -1.19 8.07
CA GLY A 61 0.38 -0.13 7.91
C GLY A 61 0.10 0.75 6.71
N LEU A 62 -1.19 1.03 6.47
CA LEU A 62 -1.59 1.85 5.34
C LEU A 62 -2.10 3.21 5.81
N LYS A 63 -2.58 4.02 4.87
CA LYS A 63 -3.12 5.33 5.18
C LYS A 63 -3.81 5.94 3.97
N ALA A 64 -4.69 6.92 4.22
CA ALA A 64 -5.42 7.58 3.16
C ALA A 64 -4.60 8.71 2.55
N GLY A 65 -3.29 8.55 2.58
CA GLY A 65 -2.40 9.57 2.04
C GLY A 65 -1.17 8.99 1.39
N ASP A 66 -1.23 7.70 1.04
CA ASP A 66 -0.11 7.02 0.41
C ASP A 66 -0.44 6.64 -1.03
N GLU A 67 0.55 6.11 -1.74
CA GLU A 67 0.36 5.71 -3.13
C GLU A 67 0.78 4.25 -3.34
N ILE A 68 -0.02 3.54 -4.13
CA ILE A 68 0.26 2.13 -4.41
C ILE A 68 1.05 1.97 -5.70
N LEU A 69 2.25 1.42 -5.58
CA LEU A 69 3.12 1.21 -6.74
C LEU A 69 2.56 0.11 -7.64
N GLU A 70 2.33 -1.06 -7.05
CA GLU A 70 1.80 -2.19 -7.80
C GLU A 70 0.83 -3.01 -6.95
N ILE A 71 0.12 -3.94 -7.58
CA ILE A 71 -0.84 -4.78 -6.88
C ILE A 71 -0.77 -6.22 -7.39
N ASN A 72 -0.28 -7.12 -6.55
CA ASN A 72 -0.17 -8.53 -6.90
C ASN A 72 0.71 -8.70 -8.15
N ASN A 73 1.77 -7.91 -8.23
CA ASN A 73 2.69 -7.97 -9.37
C ASN A 73 2.05 -7.38 -10.61
N ARG A 74 1.38 -6.24 -10.45
CA ARG A 74 0.73 -5.57 -11.57
C ARG A 74 0.90 -4.06 -11.48
N ALA A 75 1.06 -3.42 -12.63
CA ALA A 75 1.24 -1.98 -12.68
C ALA A 75 -0.09 -1.25 -12.47
N ALA A 76 -0.13 -0.39 -11.45
CA ALA A 76 -1.35 0.37 -11.14
C ALA A 76 -1.91 1.03 -12.39
N ASP A 77 -1.03 1.68 -13.16
CA ASP A 77 -1.44 2.36 -14.38
C ASP A 77 -2.12 1.40 -15.34
N ALA A 78 -1.58 0.19 -15.44
CA ALA A 78 -2.14 -0.83 -16.32
C ALA A 78 -3.52 -1.28 -15.84
N LEU A 79 -3.72 -1.24 -14.53
CA LEU A 79 -4.98 -1.65 -13.93
C LEU A 79 -5.95 -0.47 -13.85
N ASN A 80 -7.19 -0.70 -14.25
CA ASN A 80 -8.21 0.35 -14.22
C ASN A 80 -9.25 0.06 -13.14
N SER A 81 -10.09 1.05 -12.86
CA SER A 81 -11.14 0.91 -11.84
C SER A 81 -11.75 -0.49 -11.89
N SER A 82 -11.84 -1.05 -13.09
CA SER A 82 -12.42 -2.37 -13.28
C SER A 82 -11.51 -3.44 -12.69
N MET A 83 -10.36 -3.65 -13.32
CA MET A 83 -9.40 -4.64 -12.86
C MET A 83 -9.27 -4.61 -11.34
N LEU A 84 -9.18 -3.41 -10.79
CA LEU A 84 -9.04 -3.25 -9.34
C LEU A 84 -10.16 -3.98 -8.60
N LYS A 85 -11.40 -3.75 -9.02
CA LYS A 85 -12.55 -4.39 -8.41
C LYS A 85 -12.30 -5.89 -8.23
N ASP A 86 -11.95 -6.56 -9.32
CA ASP A 86 -11.68 -7.99 -9.27
C ASP A 86 -10.75 -8.34 -8.11
N PHE A 87 -9.63 -7.66 -8.03
CA PHE A 87 -8.66 -7.90 -6.97
C PHE A 87 -9.34 -7.92 -5.61
N LEU A 88 -10.08 -6.86 -5.31
CA LEU A 88 -10.80 -6.76 -4.04
C LEU A 88 -11.64 -8.00 -3.78
N SER A 89 -12.12 -8.62 -4.87
CA SER A 89 -12.94 -9.82 -4.75
C SER A 89 -12.16 -10.96 -4.10
N GLN A 90 -10.84 -10.93 -4.27
CA GLN A 90 -9.97 -11.96 -3.71
C GLN A 90 -9.78 -11.74 -2.21
N PRO A 91 -9.71 -12.84 -1.45
CA PRO A 91 -9.52 -12.79 0.00
C PRO A 91 -8.12 -12.31 0.39
N SER A 92 -7.13 -12.69 -0.41
CA SER A 92 -5.74 -12.30 -0.16
C SER A 92 -5.23 -11.37 -1.24
N LEU A 93 -4.81 -10.17 -0.83
CA LEU A 93 -4.28 -9.19 -1.78
C LEU A 93 -2.92 -8.67 -1.32
N GLY A 94 -2.05 -8.40 -2.29
CA GLY A 94 -0.73 -7.90 -1.97
C GLY A 94 -0.45 -6.55 -2.59
N LEU A 95 -0.49 -5.50 -1.78
CA LEU A 95 -0.24 -4.14 -2.27
C LEU A 95 1.22 -3.76 -2.07
N LEU A 96 1.76 -3.04 -3.04
CA LEU A 96 3.16 -2.60 -2.98
C LEU A 96 3.24 -1.08 -2.95
N VAL A 97 3.43 -0.52 -1.76
CA VAL A 97 3.53 0.93 -1.60
C VAL A 97 4.96 1.34 -1.27
N ARG A 98 5.26 2.62 -1.47
CA ARG A 98 6.60 3.14 -1.20
C ARG A 98 6.58 4.08 0.01
N THR A 99 7.68 4.10 0.75
CA THR A 99 7.79 4.96 1.92
C THR A 99 9.23 5.42 2.14
N TYR A 100 9.42 6.32 3.09
CA TYR A 100 10.74 6.84 3.40
C TYR A 100 11.35 6.11 4.59
N PRO A 101 12.66 5.83 4.50
CA PRO A 101 13.40 5.14 5.57
C PRO A 101 13.57 5.99 6.82
N GLU A 102 13.55 5.36 7.98
CA GLU A 102 13.69 6.07 9.24
C GLU A 102 14.31 5.15 10.31
N LEU A 103 14.72 5.75 11.42
CA LEU A 103 15.33 5.00 12.51
C LEU A 103 14.25 4.38 13.40
N GLU A 104 13.04 4.27 12.88
CA GLU A 104 11.93 3.69 13.63
C GLU A 104 10.73 3.46 12.73
N GLU A 105 10.30 2.20 12.62
CA GLU A 105 9.16 1.85 11.79
C GLU A 105 8.62 0.48 12.15
N GLY A 106 7.30 0.33 12.14
CA GLY A 106 6.69 -0.94 12.47
C GLY A 106 5.45 -0.79 13.34
N VAL A 107 4.32 -1.25 12.84
CA VAL A 107 3.06 -1.16 13.57
C VAL A 107 3.19 -1.79 14.95
N GLU A 108 2.41 -1.29 15.90
CA GLU A 108 2.44 -1.81 17.27
C GLU A 108 1.05 -2.31 17.68
N SER A 109 1.02 -3.43 18.39
CA SER A 109 -0.24 -4.02 18.85
C SER A 109 0.02 -5.22 19.74
N GLY A 110 -0.96 -5.55 20.58
CA GLY A 110 -0.83 -6.68 21.48
C GLY A 110 -0.73 -6.27 22.93
N PRO A 111 -1.90 -6.15 23.59
CA PRO A 111 -1.97 -5.76 25.00
C PRO A 111 -1.42 -6.84 25.93
N SER A 112 -1.17 -6.46 27.18
CA SER A 112 -0.64 -7.39 28.18
C SER A 112 -1.78 -8.03 28.96
N SER A 113 -1.48 -9.15 29.62
CA SER A 113 -2.47 -9.86 30.41
C SER A 113 -1.80 -10.68 31.51
N GLY A 114 -2.53 -10.91 32.61
CA GLY A 114 -1.99 -11.67 33.71
C GLY A 114 -0.70 -11.08 34.25
N GLY A 1 1.49 14.48 -20.45
CA GLY A 1 2.38 13.55 -21.12
C GLY A 1 3.83 13.91 -20.94
N SER A 2 4.53 13.15 -20.11
CA SER A 2 5.95 13.40 -19.85
C SER A 2 6.57 12.22 -19.10
N SER A 3 7.49 11.52 -19.76
CA SER A 3 8.16 10.37 -19.16
C SER A 3 9.09 10.82 -18.04
N GLY A 4 9.18 10.00 -16.99
CA GLY A 4 10.04 10.34 -15.87
C GLY A 4 9.48 11.45 -15.01
N SER A 5 9.55 11.28 -13.70
CA SER A 5 9.04 12.28 -12.76
C SER A 5 9.52 13.67 -13.15
N SER A 6 8.62 14.65 -13.04
CA SER A 6 8.95 16.03 -13.38
C SER A 6 9.62 16.73 -12.21
N GLY A 7 10.80 17.30 -12.45
CA GLY A 7 11.52 18.00 -11.41
C GLY A 7 12.58 17.13 -10.75
N GLU A 8 12.49 17.00 -9.43
CA GLU A 8 13.45 16.19 -8.69
C GLU A 8 12.77 15.48 -7.51
N ILE A 9 13.53 14.65 -6.81
CA ILE A 9 13.00 13.92 -5.66
C ILE A 9 13.77 14.26 -4.39
N GLU A 10 13.16 13.96 -3.25
CA GLU A 10 13.78 14.23 -1.96
C GLU A 10 15.21 13.69 -1.92
N ILE A 11 15.90 13.95 -0.81
CA ILE A 11 17.28 13.50 -0.65
C ILE A 11 17.34 12.15 0.05
N CYS A 12 16.21 11.76 0.66
CA CYS A 12 16.13 10.48 1.37
C CYS A 12 15.67 9.37 0.43
N PRO A 13 16.50 8.33 0.31
CA PRO A 13 16.20 7.18 -0.54
C PRO A 13 15.06 6.33 0.00
N LYS A 14 13.84 6.68 -0.38
CA LYS A 14 12.65 5.95 0.07
C LYS A 14 12.86 4.45 -0.06
N VAL A 15 12.05 3.68 0.65
CA VAL A 15 12.14 2.23 0.62
C VAL A 15 10.78 1.59 0.38
N THR A 16 10.75 0.57 -0.48
CA THR A 16 9.51 -0.13 -0.79
C THR A 16 9.17 -1.17 0.27
N GLN A 17 7.89 -1.35 0.55
CA GLN A 17 7.44 -2.32 1.54
C GLN A 17 6.27 -3.13 1.02
N SER A 18 6.43 -4.45 0.99
CA SER A 18 5.39 -5.34 0.51
C SER A 18 4.36 -5.62 1.60
N ILE A 19 3.16 -5.08 1.45
CA ILE A 19 2.10 -5.27 2.43
C ILE A 19 1.02 -6.20 1.88
N HIS A 20 0.97 -7.41 2.41
CA HIS A 20 -0.01 -8.40 1.98
C HIS A 20 -1.17 -8.47 2.97
N ILE A 21 -2.38 -8.23 2.47
CA ILE A 21 -3.57 -8.26 3.31
C ILE A 21 -4.31 -9.59 3.15
N GLU A 22 -5.05 -9.99 4.19
CA GLU A 22 -5.80 -11.23 4.16
C GLU A 22 -7.02 -11.14 5.07
N LYS A 23 -8.16 -11.62 4.58
CA LYS A 23 -9.40 -11.60 5.34
C LYS A 23 -9.83 -13.00 5.73
N SER A 24 -10.76 -13.10 6.67
CA SER A 24 -11.26 -14.39 7.13
C SER A 24 -12.43 -14.86 6.27
N ASP A 25 -13.50 -14.07 6.24
CA ASP A 25 -14.68 -14.42 5.46
C ASP A 25 -15.10 -13.24 4.58
N THR A 26 -14.77 -13.31 3.30
CA THR A 26 -15.12 -12.26 2.36
C THR A 26 -16.62 -12.02 2.31
N ALA A 27 -17.39 -13.11 2.33
CA ALA A 27 -18.84 -13.04 2.30
C ALA A 27 -19.34 -11.88 3.16
N ALA A 28 -18.64 -11.62 4.26
CA ALA A 28 -19.02 -10.54 5.17
C ALA A 28 -17.90 -9.50 5.28
N ASP A 29 -16.82 -9.87 5.95
CA ASP A 29 -15.69 -8.97 6.13
C ASP A 29 -15.03 -8.65 4.79
N THR A 30 -14.93 -7.37 4.47
CA THR A 30 -14.32 -6.94 3.21
C THR A 30 -13.60 -5.61 3.39
N TYR A 31 -12.40 -5.51 2.83
CA TYR A 31 -11.60 -4.29 2.92
C TYR A 31 -12.47 -3.06 2.72
N GLY A 32 -12.24 -2.02 3.54
CA GLY A 32 -13.01 -0.81 3.42
C GLY A 32 -12.21 0.34 2.85
N PHE A 33 -11.12 0.01 2.14
CA PHE A 33 -10.26 1.01 1.54
C PHE A 33 -10.52 1.13 0.04
N SER A 34 -10.33 2.32 -0.50
CA SER A 34 -10.54 2.57 -1.92
C SER A 34 -9.33 3.25 -2.55
N LEU A 35 -9.29 3.27 -3.88
CA LEU A 35 -8.19 3.90 -4.60
C LEU A 35 -8.70 4.88 -5.65
N SER A 36 -8.13 6.08 -5.67
CA SER A 36 -8.54 7.10 -6.62
C SER A 36 -7.50 7.26 -7.73
N SER A 37 -7.95 7.24 -8.97
CA SER A 37 -7.06 7.37 -10.12
C SER A 37 -6.76 8.85 -10.39
N VAL A 38 -5.46 9.17 -10.47
CA VAL A 38 -5.04 10.54 -10.73
C VAL A 38 -3.97 10.58 -11.82
N GLU A 39 -4.28 11.26 -12.91
CA GLU A 39 -3.35 11.38 -14.03
C GLU A 39 -2.52 12.65 -13.91
N GLU A 40 -1.21 12.51 -14.11
CA GLU A 40 -0.30 13.65 -14.02
C GLU A 40 0.75 13.59 -15.13
N ASP A 41 0.70 14.58 -16.02
CA ASP A 41 1.64 14.65 -17.14
C ASP A 41 1.60 13.36 -17.95
N GLY A 42 0.44 12.72 -17.99
CA GLY A 42 0.31 11.49 -18.74
C GLY A 42 0.51 10.26 -17.88
N ILE A 43 1.05 10.46 -16.69
CA ILE A 43 1.31 9.35 -15.77
C ILE A 43 0.11 9.12 -14.85
N ARG A 44 -0.55 7.98 -15.05
CA ARG A 44 -1.72 7.63 -14.23
C ARG A 44 -1.30 6.81 -13.01
N ARG A 45 -1.70 7.27 -11.83
CA ARG A 45 -1.37 6.59 -10.59
C ARG A 45 -2.60 6.45 -9.70
N LEU A 46 -2.47 5.65 -8.65
CA LEU A 46 -3.58 5.44 -7.72
C LEU A 46 -3.22 5.92 -6.32
N TYR A 47 -4.21 6.39 -5.58
CA TYR A 47 -4.00 6.89 -4.23
C TYR A 47 -5.12 6.43 -3.30
N VAL A 48 -4.73 5.86 -2.16
CA VAL A 48 -5.69 5.37 -1.18
C VAL A 48 -6.56 6.51 -0.64
N ASN A 49 -7.76 6.63 -1.18
CA ASN A 49 -8.68 7.69 -0.75
C ASN A 49 -9.08 7.50 0.71
N SER A 50 -9.74 6.39 1.00
CA SER A 50 -10.18 6.09 2.37
C SER A 50 -9.65 4.74 2.83
N VAL A 51 -9.60 4.56 4.14
CA VAL A 51 -9.11 3.30 4.70
C VAL A 51 -9.99 2.84 5.86
N LYS A 52 -10.09 1.53 6.03
CA LYS A 52 -10.90 0.96 7.11
C LYS A 52 -10.22 1.12 8.46
N GLU A 53 -10.84 1.89 9.35
CA GLU A 53 -10.27 2.11 10.69
C GLU A 53 -9.99 0.79 11.38
N THR A 54 -11.05 0.13 11.84
CA THR A 54 -10.91 -1.14 12.54
C THR A 54 -10.92 -2.31 11.56
N GLY A 55 -10.02 -2.27 10.59
CA GLY A 55 -9.94 -3.33 9.59
C GLY A 55 -8.58 -4.00 9.56
N LEU A 56 -8.04 -4.17 8.36
CA LEU A 56 -6.73 -4.80 8.20
C LEU A 56 -5.73 -3.84 7.55
N ALA A 57 -6.11 -3.31 6.39
CA ALA A 57 -5.26 -2.37 5.67
C ALA A 57 -4.70 -1.30 6.60
N SER A 58 -5.55 -0.81 7.50
CA SER A 58 -5.15 0.22 8.44
C SER A 58 -4.06 -0.30 9.37
N LYS A 59 -4.43 -1.22 10.26
CA LYS A 59 -3.49 -1.79 11.21
C LYS A 59 -2.21 -2.23 10.51
N LYS A 60 -2.36 -2.73 9.29
CA LYS A 60 -1.22 -3.19 8.51
C LYS A 60 -0.19 -2.08 8.34
N GLY A 61 -0.56 -1.06 7.59
CA GLY A 61 0.34 0.06 7.36
C GLY A 61 -0.09 0.94 6.20
N LEU A 62 -1.40 1.17 6.09
CA LEU A 62 -1.95 1.99 5.02
C LEU A 62 -2.64 3.22 5.58
N LYS A 63 -2.71 4.29 4.78
CA LYS A 63 -3.35 5.52 5.20
C LYS A 63 -3.95 6.25 4.00
N ALA A 64 -4.91 7.12 4.27
CA ALA A 64 -5.57 7.89 3.21
C ALA A 64 -4.57 8.79 2.48
N GLY A 65 -4.00 8.28 1.40
CA GLY A 65 -3.04 9.04 0.63
C GLY A 65 -1.93 8.18 0.05
N ASP A 66 -1.63 7.08 0.73
CA ASP A 66 -0.59 6.17 0.28
C ASP A 66 -0.64 5.98 -1.23
N GLU A 67 0.53 5.91 -1.86
CA GLU A 67 0.61 5.73 -3.30
C GLU A 67 0.90 4.28 -3.66
N ILE A 68 -0.03 3.67 -4.40
CA ILE A 68 0.12 2.28 -4.80
C ILE A 68 0.93 2.17 -6.09
N LEU A 69 2.14 1.60 -5.97
CA LEU A 69 3.01 1.44 -7.12
C LEU A 69 2.61 0.22 -7.95
N GLU A 70 2.41 -0.90 -7.27
CA GLU A 70 2.01 -2.14 -7.94
C GLU A 70 1.04 -2.94 -7.08
N ILE A 71 0.19 -3.73 -7.72
CA ILE A 71 -0.79 -4.55 -7.02
C ILE A 71 -0.77 -5.99 -7.52
N ASN A 72 -0.18 -6.88 -6.73
CA ASN A 72 -0.09 -8.28 -7.09
C ASN A 72 0.71 -8.46 -8.38
N ASN A 73 1.81 -7.72 -8.51
CA ASN A 73 2.65 -7.80 -9.68
C ASN A 73 1.96 -7.18 -10.89
N ARG A 74 1.11 -6.18 -10.65
CA ARG A 74 0.39 -5.50 -11.71
C ARG A 74 0.56 -3.99 -11.61
N ALA A 75 0.78 -3.35 -12.75
CA ALA A 75 0.96 -1.90 -12.79
C ALA A 75 -0.35 -1.17 -12.45
N ALA A 76 -0.30 -0.29 -11.46
CA ALA A 76 -1.47 0.46 -11.05
C ALA A 76 -2.17 1.09 -12.25
N ASP A 77 -1.39 1.65 -13.17
CA ASP A 77 -1.93 2.29 -14.36
C ASP A 77 -2.47 1.24 -15.33
N ALA A 78 -1.86 0.06 -15.33
CA ALA A 78 -2.28 -1.03 -16.20
C ALA A 78 -3.62 -1.59 -15.77
N LEU A 79 -3.91 -1.49 -14.48
CA LEU A 79 -5.18 -1.99 -13.93
C LEU A 79 -6.29 -0.98 -14.13
N ASN A 80 -7.45 -1.47 -14.57
CA ASN A 80 -8.61 -0.62 -14.80
C ASN A 80 -9.70 -0.89 -13.77
N SER A 81 -10.63 0.06 -13.65
CA SER A 81 -11.73 -0.08 -12.70
C SER A 81 -12.22 -1.52 -12.63
N SER A 82 -12.30 -2.16 -13.80
CA SER A 82 -12.77 -3.54 -13.88
C SER A 82 -11.81 -4.48 -13.15
N MET A 83 -10.54 -4.46 -13.55
CA MET A 83 -9.53 -5.30 -12.94
C MET A 83 -9.49 -5.10 -11.44
N LEU A 84 -9.30 -3.84 -11.02
CA LEU A 84 -9.24 -3.51 -9.60
C LEU A 84 -10.35 -4.21 -8.83
N LYS A 85 -11.59 -4.02 -9.28
CA LYS A 85 -12.74 -4.64 -8.62
C LYS A 85 -12.44 -6.09 -8.27
N ASP A 86 -12.01 -6.87 -9.27
CA ASP A 86 -11.70 -8.27 -9.06
C ASP A 86 -10.76 -8.45 -7.87
N PHE A 87 -9.63 -7.74 -7.90
CA PHE A 87 -8.65 -7.82 -6.83
C PHE A 87 -9.28 -7.46 -5.49
N LEU A 88 -10.20 -6.51 -5.51
CA LEU A 88 -10.88 -6.07 -4.30
C LEU A 88 -11.89 -7.11 -3.83
N SER A 89 -12.22 -8.05 -4.72
CA SER A 89 -13.17 -9.10 -4.39
C SER A 89 -12.44 -10.38 -3.99
N GLN A 90 -11.19 -10.25 -3.60
CA GLN A 90 -10.38 -11.40 -3.19
C GLN A 90 -10.08 -11.34 -1.70
N PRO A 91 -9.92 -12.52 -1.08
CA PRO A 91 -9.62 -12.64 0.35
C PRO A 91 -8.21 -12.15 0.69
N SER A 92 -7.32 -12.18 -0.30
CA SER A 92 -5.95 -11.75 -0.11
C SER A 92 -5.54 -10.73 -1.17
N LEU A 93 -4.65 -9.81 -0.80
CA LEU A 93 -4.18 -8.79 -1.71
C LEU A 93 -2.72 -8.43 -1.44
N GLY A 94 -2.00 -8.02 -2.47
CA GLY A 94 -0.61 -7.66 -2.33
C GLY A 94 -0.30 -6.29 -2.89
N LEU A 95 -0.21 -5.30 -2.02
CA LEU A 95 0.08 -3.94 -2.43
C LEU A 95 1.55 -3.61 -2.25
N LEU A 96 2.06 -2.68 -3.04
CA LEU A 96 3.47 -2.29 -2.97
C LEU A 96 3.59 -0.77 -2.84
N VAL A 97 3.82 -0.30 -1.61
CA VAL A 97 3.96 1.13 -1.35
C VAL A 97 5.36 1.46 -0.84
N ARG A 98 5.73 2.73 -0.91
CA ARG A 98 7.04 3.17 -0.46
C ARG A 98 6.92 3.93 0.87
N THR A 99 8.02 3.97 1.62
CA THR A 99 8.04 4.65 2.91
C THR A 99 9.44 5.15 3.24
N TYR A 100 9.54 6.00 4.26
CA TYR A 100 10.82 6.55 4.67
C TYR A 100 11.54 5.60 5.63
N PRO A 101 12.86 5.45 5.43
CA PRO A 101 13.69 4.58 6.26
C PRO A 101 13.86 5.12 7.68
N GLU A 102 14.60 4.38 8.50
CA GLU A 102 14.84 4.79 9.89
C GLU A 102 16.16 4.22 10.40
N LEU A 103 16.50 4.55 11.64
CA LEU A 103 17.73 4.07 12.25
C LEU A 103 17.48 2.78 13.04
N GLU A 104 16.66 1.90 12.46
CA GLU A 104 16.34 0.62 13.11
C GLU A 104 17.00 -0.53 12.37
N GLU A 105 18.31 -0.45 12.18
CA GLU A 105 19.05 -1.49 11.49
C GLU A 105 20.14 -2.07 12.38
N GLY A 106 20.95 -2.97 11.82
CA GLY A 106 22.02 -3.59 12.58
C GLY A 106 21.52 -4.27 13.84
N VAL A 107 21.99 -3.81 15.00
CA VAL A 107 21.57 -4.38 16.27
C VAL A 107 21.46 -3.30 17.34
N GLU A 108 20.30 -3.26 18.00
CA GLU A 108 20.07 -2.27 19.05
C GLU A 108 21.25 -2.19 20.00
N SER A 109 21.49 -0.99 20.53
CA SER A 109 22.61 -0.77 21.45
C SER A 109 22.09 -0.59 22.87
N GLY A 110 22.60 -1.42 23.78
CA GLY A 110 22.19 -1.33 25.17
C GLY A 110 23.15 -0.51 26.01
N PRO A 111 22.61 0.24 26.97
CA PRO A 111 23.41 1.09 27.85
C PRO A 111 24.24 0.28 28.84
N SER A 112 23.62 -0.73 29.44
CA SER A 112 24.30 -1.59 30.40
C SER A 112 25.63 -2.10 29.84
N SER A 113 26.70 -1.90 30.60
CA SER A 113 28.03 -2.33 30.17
C SER A 113 28.60 -3.36 31.14
N GLY A 114 28.20 -4.62 30.96
CA GLY A 114 28.69 -5.67 31.84
C GLY A 114 30.18 -5.87 31.72
N GLY A 1 33.68 8.67 7.32
CA GLY A 1 32.76 8.89 6.22
C GLY A 1 31.62 9.83 6.59
N SER A 2 30.99 10.42 5.58
CA SER A 2 29.89 11.35 5.81
C SER A 2 30.38 12.62 6.51
N SER A 3 31.52 13.13 6.05
CA SER A 3 32.11 14.33 6.63
C SER A 3 32.35 15.39 5.56
N GLY A 4 32.45 16.65 6.00
CA GLY A 4 32.67 17.74 5.06
C GLY A 4 31.39 18.24 4.45
N SER A 5 30.94 17.58 3.38
CA SER A 5 29.71 17.98 2.69
C SER A 5 28.48 17.68 3.55
N SER A 6 27.54 18.61 3.59
CA SER A 6 26.33 18.45 4.38
C SER A 6 25.10 18.78 3.54
N GLY A 7 23.92 18.46 4.08
CA GLY A 7 22.69 18.73 3.36
C GLY A 7 21.57 17.80 3.78
N GLU A 8 21.45 16.67 3.09
CA GLU A 8 20.42 15.69 3.40
C GLU A 8 20.49 15.26 4.86
N ILE A 9 19.40 14.67 5.36
CA ILE A 9 19.34 14.21 6.73
C ILE A 9 18.96 12.73 6.80
N GLU A 10 19.42 11.96 5.81
CA GLU A 10 19.13 10.53 5.76
C GLU A 10 20.21 9.79 5.00
N ILE A 11 20.19 8.46 5.10
CA ILE A 11 21.18 7.63 4.42
C ILE A 11 20.63 7.12 3.09
N CYS A 12 19.34 6.78 3.07
CA CYS A 12 18.70 6.28 1.87
C CYS A 12 17.31 6.87 1.71
N PRO A 13 16.82 6.91 0.46
CA PRO A 13 15.50 7.47 0.14
C PRO A 13 14.37 6.58 0.65
N LYS A 14 13.15 6.88 0.22
CA LYS A 14 11.98 6.11 0.64
C LYS A 14 12.20 4.62 0.40
N VAL A 15 11.54 3.80 1.20
CA VAL A 15 11.66 2.35 1.08
C VAL A 15 10.32 1.71 0.73
N THR A 16 10.34 0.80 -0.24
CA THR A 16 9.13 0.12 -0.67
C THR A 16 8.81 -1.08 0.24
N GLN A 17 7.71 -0.98 0.96
CA GLN A 17 7.31 -2.05 1.87
C GLN A 17 6.20 -2.90 1.25
N SER A 18 6.36 -4.22 1.31
CA SER A 18 5.38 -5.14 0.74
C SER A 18 4.20 -5.33 1.70
N ILE A 19 3.02 -4.92 1.24
CA ILE A 19 1.81 -5.04 2.05
C ILE A 19 1.04 -6.32 1.70
N HIS A 20 0.69 -7.09 2.72
CA HIS A 20 -0.06 -8.32 2.53
C HIS A 20 -1.25 -8.39 3.46
N ILE A 21 -2.45 -8.25 2.92
CA ILE A 21 -3.66 -8.30 3.71
C ILE A 21 -4.47 -9.57 3.41
N GLU A 22 -5.16 -10.08 4.42
CA GLU A 22 -5.96 -11.28 4.26
C GLU A 22 -7.19 -11.25 5.18
N LYS A 23 -8.38 -11.22 4.58
CA LYS A 23 -9.61 -11.18 5.33
C LYS A 23 -10.11 -12.60 5.63
N SER A 24 -11.18 -12.68 6.42
CA SER A 24 -11.75 -13.98 6.78
C SER A 24 -12.61 -14.52 5.65
N ASP A 25 -13.65 -13.78 5.28
CA ASP A 25 -14.54 -14.19 4.21
C ASP A 25 -14.63 -13.12 3.13
N THR A 26 -13.98 -13.37 2.00
CA THR A 26 -13.98 -12.44 0.88
C THR A 26 -15.38 -11.88 0.63
N ALA A 27 -16.39 -12.68 0.91
CA ALA A 27 -17.77 -12.28 0.71
C ALA A 27 -18.33 -11.62 1.98
N ALA A 28 -18.15 -12.28 3.11
CA ALA A 28 -18.63 -11.76 4.39
C ALA A 28 -17.86 -10.51 4.80
N ASP A 29 -16.56 -10.68 5.03
CA ASP A 29 -15.71 -9.56 5.44
C ASP A 29 -14.93 -9.01 4.24
N THR A 30 -15.03 -7.71 4.03
CA THR A 30 -14.34 -7.06 2.91
C THR A 30 -13.66 -5.77 3.37
N TYR A 31 -12.56 -5.43 2.71
CA TYR A 31 -11.81 -4.22 3.05
C TYR A 31 -12.74 -3.00 3.08
N GLY A 32 -12.14 -1.83 3.28
CA GLY A 32 -12.92 -0.60 3.33
C GLY A 32 -12.15 0.61 2.84
N PHE A 33 -11.04 0.35 2.14
CA PHE A 33 -10.20 1.43 1.62
C PHE A 33 -10.44 1.63 0.13
N SER A 34 -10.67 2.88 -0.27
CA SER A 34 -10.92 3.20 -1.67
C SER A 34 -9.64 3.71 -2.34
N LEU A 35 -9.55 3.53 -3.65
CA LEU A 35 -8.39 3.97 -4.41
C LEU A 35 -8.78 5.01 -5.45
N SER A 36 -8.11 6.16 -5.41
CA SER A 36 -8.39 7.24 -6.36
C SER A 36 -7.31 7.32 -7.42
N SER A 37 -7.73 7.32 -8.69
CA SER A 37 -6.79 7.39 -9.81
C SER A 37 -6.47 8.84 -10.15
N VAL A 38 -5.19 9.10 -10.41
CA VAL A 38 -4.74 10.44 -10.76
C VAL A 38 -3.79 10.42 -11.95
N GLU A 39 -4.27 10.93 -13.08
CA GLU A 39 -3.46 10.96 -14.29
C GLU A 39 -2.70 12.27 -14.42
N GLU A 40 -1.39 12.22 -14.24
CA GLU A 40 -0.55 13.41 -14.32
C GLU A 40 0.24 13.44 -15.62
N ASP A 41 -0.16 14.32 -16.53
CA ASP A 41 0.51 14.44 -17.82
C ASP A 41 0.47 13.12 -18.58
N GLY A 42 -0.54 12.30 -18.30
CA GLY A 42 -0.67 11.02 -18.96
C GLY A 42 -0.26 9.87 -18.07
N ILE A 43 0.47 10.17 -17.01
CA ILE A 43 0.93 9.15 -16.08
C ILE A 43 -0.16 8.78 -15.08
N ARG A 44 -0.69 7.56 -15.22
CA ARG A 44 -1.75 7.09 -14.33
C ARG A 44 -1.17 6.64 -13.00
N ARG A 45 -1.88 6.95 -11.91
CA ARG A 45 -1.43 6.59 -10.58
C ARG A 45 -2.62 6.28 -9.67
N LEU A 46 -2.34 5.65 -8.53
CA LEU A 46 -3.39 5.30 -7.58
C LEU A 46 -2.99 5.69 -6.16
N TYR A 47 -3.97 6.16 -5.39
CA TYR A 47 -3.72 6.57 -4.01
C TYR A 47 -4.88 6.17 -3.11
N VAL A 48 -4.58 5.93 -1.84
CA VAL A 48 -5.59 5.53 -0.87
C VAL A 48 -6.26 6.77 -0.24
N ASN A 49 -7.52 6.98 -0.59
CA ASN A 49 -8.27 8.12 -0.07
C ASN A 49 -8.50 7.97 1.44
N SER A 50 -9.16 6.88 1.83
CA SER A 50 -9.44 6.62 3.24
C SER A 50 -9.38 5.13 3.55
N VAL A 51 -9.03 4.80 4.78
CA VAL A 51 -8.95 3.40 5.20
C VAL A 51 -9.76 3.15 6.47
N LYS A 52 -10.58 2.11 6.44
CA LYS A 52 -11.41 1.76 7.58
C LYS A 52 -10.58 1.73 8.87
N GLU A 53 -10.94 2.59 9.82
CA GLU A 53 -10.24 2.66 11.09
C GLU A 53 -9.74 1.28 11.52
N THR A 54 -10.67 0.44 11.97
CA THR A 54 -10.33 -0.90 12.42
C THR A 54 -10.30 -1.88 11.23
N GLY A 55 -9.34 -1.68 10.34
CA GLY A 55 -9.22 -2.54 9.18
C GLY A 55 -7.89 -3.27 9.14
N LEU A 56 -7.77 -4.24 8.25
CA LEU A 56 -6.54 -5.01 8.10
C LEU A 56 -5.45 -4.20 7.41
N ALA A 57 -5.87 -3.34 6.49
CA ALA A 57 -4.93 -2.49 5.75
C ALA A 57 -4.26 -1.49 6.69
N SER A 58 -5.07 -0.78 7.47
CA SER A 58 -4.56 0.21 8.39
C SER A 58 -3.49 -0.39 9.30
N LYS A 59 -3.87 -1.38 10.10
CA LYS A 59 -2.95 -2.03 11.01
C LYS A 59 -1.58 -2.22 10.36
N LYS A 60 -1.56 -2.92 9.23
CA LYS A 60 -0.32 -3.16 8.50
C LYS A 60 0.49 -1.88 8.35
N GLY A 61 -0.10 -0.90 7.67
CA GLY A 61 0.58 0.37 7.46
C GLY A 61 -0.23 1.33 6.61
N LEU A 62 -1.08 0.79 5.76
CA LEU A 62 -1.92 1.60 4.88
C LEU A 62 -2.59 2.72 5.68
N LYS A 63 -2.85 3.84 4.99
CA LYS A 63 -3.50 4.97 5.64
C LYS A 63 -3.80 6.07 4.62
N ALA A 64 -4.90 6.79 4.83
CA ALA A 64 -5.29 7.87 3.93
C ALA A 64 -4.09 8.73 3.55
N GLY A 65 -3.63 8.59 2.31
CA GLY A 65 -2.50 9.36 1.84
C GLY A 65 -1.32 8.49 1.48
N ASP A 66 -1.58 7.41 0.74
CA ASP A 66 -0.52 6.49 0.33
C ASP A 66 -0.39 6.46 -1.19
N GLU A 67 0.66 5.82 -1.67
CA GLU A 67 0.90 5.71 -3.11
C GLU A 67 1.19 4.27 -3.51
N ILE A 68 0.29 3.68 -4.29
CA ILE A 68 0.44 2.31 -4.74
C ILE A 68 1.43 2.22 -5.90
N LEU A 69 2.21 1.15 -5.93
CA LEU A 69 3.19 0.95 -6.98
C LEU A 69 2.84 -0.27 -7.82
N GLU A 70 2.26 -1.28 -7.18
CA GLU A 70 1.87 -2.50 -7.87
C GLU A 70 0.91 -3.32 -7.03
N ILE A 71 0.06 -4.10 -7.69
CA ILE A 71 -0.93 -4.94 -7.01
C ILE A 71 -0.91 -6.36 -7.54
N ASN A 72 -0.43 -7.28 -6.71
CA ASN A 72 -0.35 -8.69 -7.10
C ASN A 72 0.56 -8.88 -8.32
N ASN A 73 1.67 -8.15 -8.32
CA ASN A 73 2.63 -8.23 -9.42
C ASN A 73 2.02 -7.69 -10.71
N ARG A 74 1.27 -6.60 -10.60
CA ARG A 74 0.63 -5.99 -11.75
C ARG A 74 0.76 -4.47 -11.70
N ALA A 75 0.94 -3.85 -12.86
CA ALA A 75 1.08 -2.40 -12.95
C ALA A 75 -0.25 -1.71 -12.64
N ALA A 76 -0.22 -0.81 -11.66
CA ALA A 76 -1.42 -0.08 -11.28
C ALA A 76 -2.09 0.57 -12.48
N ASP A 77 -1.29 1.26 -13.29
CA ASP A 77 -1.80 1.93 -14.48
C ASP A 77 -2.41 0.92 -15.45
N ALA A 78 -1.88 -0.29 -15.44
CA ALA A 78 -2.37 -1.35 -16.32
C ALA A 78 -3.74 -1.86 -15.86
N LEU A 79 -3.96 -1.85 -14.55
CA LEU A 79 -5.22 -2.30 -13.98
C LEU A 79 -6.32 -1.27 -14.20
N ASN A 80 -7.42 -1.71 -14.79
CA ASN A 80 -8.56 -0.82 -15.06
C ASN A 80 -9.67 -1.04 -14.04
N SER A 81 -10.55 -0.06 -13.93
CA SER A 81 -11.66 -0.13 -12.98
C SER A 81 -12.17 -1.56 -12.86
N SER A 82 -12.57 -2.14 -14.00
CA SER A 82 -13.08 -3.50 -14.02
C SER A 82 -12.20 -4.43 -13.19
N MET A 83 -10.98 -4.66 -13.67
CA MET A 83 -10.04 -5.53 -12.98
C MET A 83 -9.93 -5.16 -11.50
N LEU A 84 -9.71 -3.87 -11.25
CA LEU A 84 -9.59 -3.37 -9.89
C LEU A 84 -10.72 -3.89 -9.00
N LYS A 85 -11.94 -3.86 -9.53
CA LYS A 85 -13.10 -4.33 -8.79
C LYS A 85 -12.94 -5.80 -8.43
N ASP A 86 -12.39 -6.58 -9.35
CA ASP A 86 -12.17 -8.01 -9.12
C ASP A 86 -11.05 -8.24 -8.11
N PHE A 87 -10.04 -7.38 -8.16
CA PHE A 87 -8.89 -7.49 -7.26
C PHE A 87 -9.31 -7.21 -5.82
N LEU A 88 -10.30 -6.33 -5.65
CA LEU A 88 -10.79 -5.97 -4.33
C LEU A 88 -11.72 -7.05 -3.79
N SER A 89 -12.28 -7.86 -4.69
CA SER A 89 -13.19 -8.93 -4.29
C SER A 89 -12.42 -10.19 -3.92
N GLN A 90 -11.12 -10.03 -3.68
CA GLN A 90 -10.27 -11.15 -3.30
C GLN A 90 -10.04 -11.19 -1.80
N PRO A 91 -9.94 -12.40 -1.24
CA PRO A 91 -9.72 -12.60 0.19
C PRO A 91 -8.32 -12.18 0.63
N SER A 92 -7.37 -12.19 -0.31
CA SER A 92 -6.01 -11.81 -0.02
C SER A 92 -5.43 -10.94 -1.13
N LEU A 93 -4.96 -9.76 -0.77
CA LEU A 93 -4.39 -8.83 -1.74
C LEU A 93 -2.98 -8.40 -1.32
N GLY A 94 -2.16 -8.05 -2.31
CA GLY A 94 -0.80 -7.64 -2.03
C GLY A 94 -0.46 -6.29 -2.65
N LEU A 95 -0.42 -5.25 -1.83
CA LEU A 95 -0.12 -3.91 -2.30
C LEU A 95 1.36 -3.59 -2.11
N LEU A 96 1.86 -2.65 -2.91
CA LEU A 96 3.27 -2.25 -2.84
C LEU A 96 3.38 -0.75 -2.66
N VAL A 97 3.58 -0.32 -1.41
CA VAL A 97 3.72 1.10 -1.10
C VAL A 97 5.10 1.40 -0.52
N ARG A 98 5.48 2.68 -0.54
CA ARG A 98 6.77 3.11 -0.01
C ARG A 98 6.59 4.08 1.14
N THR A 99 7.54 4.09 2.07
CA THR A 99 7.50 4.98 3.22
C THR A 99 8.89 5.50 3.58
N TYR A 100 8.94 6.51 4.44
CA TYR A 100 10.20 7.09 4.86
C TYR A 100 10.87 6.22 5.91
N PRO A 101 12.16 5.93 5.71
CA PRO A 101 12.95 5.11 6.63
C PRO A 101 13.22 5.82 7.95
N GLU A 102 13.34 5.03 9.03
CA GLU A 102 13.60 5.59 10.36
C GLU A 102 14.96 5.14 10.87
N LEU A 103 15.51 5.91 11.80
CA LEU A 103 16.81 5.59 12.38
C LEU A 103 16.76 4.27 13.14
N GLU A 104 17.86 3.53 13.08
CA GLU A 104 17.95 2.24 13.76
C GLU A 104 16.64 1.48 13.64
N GLU A 105 16.06 1.47 12.44
CA GLU A 105 14.81 0.78 12.19
C GLU A 105 14.94 -0.15 10.98
N GLY A 106 14.57 -1.41 11.19
CA GLY A 106 14.66 -2.39 10.12
C GLY A 106 14.15 -3.76 10.54
N VAL A 107 14.67 -4.25 11.67
CA VAL A 107 14.27 -5.55 12.18
C VAL A 107 13.48 -5.42 13.48
N GLU A 108 12.42 -6.22 13.61
CA GLU A 108 11.59 -6.18 14.81
C GLU A 108 10.81 -7.49 14.96
N SER A 109 11.16 -8.25 15.99
CA SER A 109 10.51 -9.53 16.25
C SER A 109 9.34 -9.35 17.23
N GLY A 110 8.65 -10.44 17.51
CA GLY A 110 7.53 -10.39 18.43
C GLY A 110 6.32 -9.67 17.83
N PRO A 111 5.46 -10.43 17.15
CA PRO A 111 4.26 -9.87 16.51
C PRO A 111 3.22 -9.44 17.54
N SER A 112 2.38 -8.48 17.16
CA SER A 112 1.34 -7.97 18.04
C SER A 112 0.76 -9.10 18.90
N SER A 113 0.87 -8.96 20.22
CA SER A 113 0.36 -9.96 21.15
C SER A 113 -1.14 -9.82 21.32
N GLY A 114 -1.71 -10.67 22.17
CA GLY A 114 -3.15 -10.63 22.41
C GLY A 114 -3.55 -9.48 23.32
N GLY A 1 26.88 6.53 -1.21
CA GLY A 1 26.58 7.27 -2.42
C GLY A 1 27.66 7.12 -3.47
N SER A 2 28.90 7.40 -3.08
CA SER A 2 30.04 7.31 -4.00
C SER A 2 29.88 6.11 -4.93
N SER A 3 29.19 5.08 -4.44
CA SER A 3 28.97 3.86 -5.22
C SER A 3 28.10 4.14 -6.44
N GLY A 4 26.88 4.63 -6.18
CA GLY A 4 25.96 4.93 -7.25
C GLY A 4 24.91 3.84 -7.44
N SER A 5 25.14 2.96 -8.40
CA SER A 5 24.20 1.88 -8.68
C SER A 5 24.55 0.63 -7.87
N SER A 6 23.78 0.39 -6.80
CA SER A 6 24.01 -0.76 -5.95
C SER A 6 22.74 -1.13 -5.18
N GLY A 7 22.77 -2.30 -4.54
CA GLY A 7 21.61 -2.74 -3.78
C GLY A 7 21.85 -2.69 -2.28
N GLU A 8 22.06 -1.49 -1.76
CA GLU A 8 22.31 -1.32 -0.33
C GLU A 8 21.37 -0.26 0.25
N ILE A 9 20.36 -0.73 0.98
CA ILE A 9 19.40 0.18 1.60
C ILE A 9 20.09 1.17 2.54
N GLU A 10 19.42 2.29 2.80
CA GLU A 10 19.97 3.32 3.68
C GLU A 10 18.86 4.02 4.46
N ILE A 11 19.25 4.92 5.35
CA ILE A 11 18.29 5.66 6.16
C ILE A 11 17.81 6.91 5.43
N CYS A 12 18.73 7.60 4.76
CA CYS A 12 18.40 8.81 4.03
C CYS A 12 17.20 8.59 3.12
N PRO A 13 17.33 7.63 2.18
CA PRO A 13 16.27 7.30 1.23
C PRO A 13 15.09 6.61 1.90
N LYS A 14 14.17 6.09 1.10
CA LYS A 14 13.00 5.39 1.62
C LYS A 14 13.14 3.89 1.46
N VAL A 15 12.19 3.15 2.02
CA VAL A 15 12.21 1.68 1.93
C VAL A 15 10.85 1.15 1.47
N THR A 16 10.89 0.09 0.66
CA THR A 16 9.66 -0.51 0.15
C THR A 16 9.14 -1.58 1.12
N GLN A 17 7.82 -1.63 1.26
CA GLN A 17 7.20 -2.59 2.17
C GLN A 17 6.05 -3.32 1.46
N SER A 18 5.99 -4.64 1.63
CA SER A 18 4.95 -5.44 1.02
C SER A 18 3.83 -5.75 2.01
N ILE A 19 2.69 -5.10 1.82
CA ILE A 19 1.55 -5.30 2.71
C ILE A 19 0.62 -6.38 2.16
N HIS A 20 0.59 -7.52 2.85
CA HIS A 20 -0.27 -8.64 2.43
C HIS A 20 -1.47 -8.78 3.36
N ILE A 21 -2.64 -8.40 2.87
CA ILE A 21 -3.86 -8.48 3.65
C ILE A 21 -4.68 -9.70 3.26
N GLU A 22 -5.44 -10.23 4.21
CA GLU A 22 -6.28 -11.40 3.95
C GLU A 22 -7.55 -11.35 4.80
N LYS A 23 -8.68 -11.62 4.17
CA LYS A 23 -9.97 -11.61 4.85
C LYS A 23 -10.46 -13.03 5.12
N SER A 24 -11.54 -13.15 5.89
CA SER A 24 -12.10 -14.46 6.23
C SER A 24 -13.53 -14.57 5.73
N ASP A 25 -14.43 -13.79 6.33
CA ASP A 25 -15.84 -13.81 5.95
C ASP A 25 -16.11 -12.77 4.86
N THR A 26 -15.49 -12.96 3.70
CA THR A 26 -15.67 -12.04 2.58
C THR A 26 -17.13 -11.71 2.37
N ALA A 27 -18.01 -12.63 2.74
CA ALA A 27 -19.44 -12.44 2.60
C ALA A 27 -19.87 -11.08 3.16
N ALA A 28 -19.36 -10.75 4.34
CA ALA A 28 -19.68 -9.47 4.97
C ALA A 28 -18.42 -8.67 5.26
N ASP A 29 -17.44 -9.31 5.88
CA ASP A 29 -16.18 -8.64 6.22
C ASP A 29 -15.52 -8.10 4.96
N THR A 30 -15.60 -6.79 4.77
CA THR A 30 -15.00 -6.14 3.61
C THR A 30 -13.81 -5.27 4.01
N TYR A 31 -12.79 -5.26 3.18
CA TYR A 31 -11.59 -4.47 3.46
C TYR A 31 -11.96 -3.12 4.06
N GLY A 32 -12.48 -2.22 3.23
CA GLY A 32 -12.86 -0.90 3.71
C GLY A 32 -12.09 0.21 3.01
N PHE A 33 -10.97 -0.14 2.40
CA PHE A 33 -10.14 0.84 1.71
C PHE A 33 -10.35 0.74 0.20
N SER A 34 -10.43 1.91 -0.45
CA SER A 34 -10.62 1.96 -1.90
C SER A 34 -9.42 2.59 -2.58
N LEU A 35 -9.35 2.43 -3.91
CA LEU A 35 -8.26 2.99 -4.69
C LEU A 35 -8.78 3.93 -5.77
N SER A 36 -8.35 5.19 -5.69
CA SER A 36 -8.78 6.20 -6.66
C SER A 36 -7.68 6.47 -7.67
N SER A 37 -8.05 6.50 -8.95
CA SER A 37 -7.10 6.74 -10.02
C SER A 37 -7.14 8.21 -10.46
N VAL A 38 -6.00 8.71 -10.94
CA VAL A 38 -5.90 10.08 -11.39
C VAL A 38 -4.91 10.21 -12.55
N GLU A 39 -5.42 10.61 -13.71
CA GLU A 39 -4.58 10.77 -14.89
C GLU A 39 -4.25 12.25 -15.12
N GLU A 40 -2.97 12.55 -15.30
CA GLU A 40 -2.53 13.92 -15.53
C GLU A 40 -1.32 13.94 -16.45
N ASP A 41 -1.47 14.58 -17.60
CA ASP A 41 -0.39 14.69 -18.57
C ASP A 41 -0.09 13.33 -19.20
N GLY A 42 -1.13 12.52 -19.38
CA GLY A 42 -0.96 11.21 -19.97
C GLY A 42 -0.56 10.16 -18.95
N ILE A 43 0.02 10.61 -17.85
CA ILE A 43 0.45 9.71 -16.79
C ILE A 43 -0.71 9.34 -15.88
N ARG A 44 -0.91 8.03 -15.66
CA ARG A 44 -1.98 7.55 -14.81
C ARG A 44 -1.43 7.05 -13.47
N ARG A 45 -1.94 7.62 -12.38
CA ARG A 45 -1.50 7.23 -11.05
C ARG A 45 -2.69 6.83 -10.17
N LEU A 46 -2.40 6.29 -9.00
CA LEU A 46 -3.44 5.87 -8.07
C LEU A 46 -3.07 6.23 -6.64
N TYR A 47 -4.08 6.35 -5.79
CA TYR A 47 -3.87 6.69 -4.38
C TYR A 47 -4.95 6.08 -3.50
N VAL A 48 -4.66 5.98 -2.21
CA VAL A 48 -5.61 5.42 -1.25
C VAL A 48 -6.55 6.49 -0.72
N ASN A 49 -7.77 6.50 -1.26
CA ASN A 49 -8.78 7.48 -0.85
C ASN A 49 -9.03 7.39 0.65
N SER A 50 -9.34 6.19 1.13
CA SER A 50 -9.60 5.97 2.54
C SER A 50 -9.06 4.61 3.00
N VAL A 51 -9.18 4.34 4.30
CA VAL A 51 -8.70 3.08 4.85
C VAL A 51 -9.57 2.63 6.03
N LYS A 52 -9.79 1.33 6.12
CA LYS A 52 -10.61 0.77 7.20
C LYS A 52 -10.03 1.14 8.56
N GLU A 53 -10.91 1.26 9.55
CA GLU A 53 -10.50 1.62 10.90
C GLU A 53 -9.94 0.41 11.63
N THR A 54 -8.67 0.50 12.03
CA THR A 54 -8.01 -0.59 12.73
C THR A 54 -8.44 -1.94 12.18
N GLY A 55 -8.52 -2.03 10.85
CA GLY A 55 -8.91 -3.27 10.21
C GLY A 55 -7.73 -4.17 9.92
N LEU A 56 -7.66 -4.67 8.69
CA LEU A 56 -6.57 -5.55 8.28
C LEU A 56 -5.48 -4.77 7.56
N ALA A 57 -5.89 -3.74 6.80
CA ALA A 57 -4.95 -2.91 6.06
C ALA A 57 -4.28 -1.90 6.97
N SER A 58 -5.08 -1.16 7.74
CA SER A 58 -4.56 -0.16 8.65
C SER A 58 -3.63 -0.78 9.68
N LYS A 59 -4.05 -1.91 10.24
CA LYS A 59 -3.25 -2.62 11.23
C LYS A 59 -1.85 -2.93 10.69
N LYS A 60 -1.75 -3.01 9.38
CA LYS A 60 -0.46 -3.29 8.73
C LYS A 60 0.37 -2.02 8.58
N GLY A 61 -0.15 -1.07 7.82
CA GLY A 61 0.56 0.19 7.62
C GLY A 61 -0.20 1.15 6.72
N LEU A 62 -0.93 0.60 5.75
CA LEU A 62 -1.70 1.42 4.82
C LEU A 62 -2.35 2.59 5.54
N LYS A 63 -2.59 3.66 4.81
CA LYS A 63 -3.22 4.86 5.36
C LYS A 63 -3.69 5.79 4.26
N ALA A 64 -4.75 6.55 4.54
CA ALA A 64 -5.30 7.49 3.58
C ALA A 64 -4.26 8.53 3.18
N GLY A 65 -4.12 8.74 1.87
CA GLY A 65 -3.16 9.71 1.37
C GLY A 65 -1.85 9.07 0.96
N ASP A 66 -1.94 7.89 0.34
CA ASP A 66 -0.75 7.17 -0.10
C ASP A 66 -0.82 6.87 -1.60
N GLU A 67 0.28 6.41 -2.16
CA GLU A 67 0.35 6.09 -3.57
C GLU A 67 0.79 4.65 -3.79
N ILE A 68 -0.02 3.87 -4.51
CA ILE A 68 0.30 2.48 -4.77
C ILE A 68 1.26 2.36 -5.95
N LEU A 69 2.40 1.70 -5.72
CA LEU A 69 3.40 1.51 -6.75
C LEU A 69 3.03 0.34 -7.66
N GLU A 70 2.59 -0.75 -7.05
CA GLU A 70 2.20 -1.94 -7.79
C GLU A 70 1.13 -2.74 -7.04
N ILE A 71 0.53 -3.70 -7.72
CA ILE A 71 -0.51 -4.53 -7.12
C ILE A 71 -0.40 -5.98 -7.61
N ASN A 72 0.09 -6.85 -6.74
CA ASN A 72 0.25 -8.26 -7.07
C ASN A 72 1.23 -8.45 -8.22
N ASN A 73 2.28 -7.64 -8.23
CA ASN A 73 3.30 -7.70 -9.28
C ASN A 73 2.77 -7.13 -10.59
N ARG A 74 1.96 -6.08 -10.48
CA ARG A 74 1.39 -5.42 -11.64
C ARG A 74 1.58 -3.91 -11.57
N ALA A 75 1.66 -3.28 -12.73
CA ALA A 75 1.83 -1.83 -12.80
C ALA A 75 0.51 -1.10 -12.58
N ALA A 76 0.45 -0.30 -11.52
CA ALA A 76 -0.76 0.45 -11.21
C ALA A 76 -1.36 1.08 -12.46
N ASP A 77 -0.53 1.81 -13.20
CA ASP A 77 -0.99 2.46 -14.42
C ASP A 77 -1.54 1.44 -15.41
N ALA A 78 -0.90 0.28 -15.49
CA ALA A 78 -1.34 -0.78 -16.39
C ALA A 78 -2.72 -1.28 -16.01
N LEU A 79 -3.01 -1.30 -14.71
CA LEU A 79 -4.30 -1.76 -14.21
C LEU A 79 -5.40 -0.75 -14.52
N ASN A 80 -6.61 -1.24 -14.70
CA ASN A 80 -7.75 -0.38 -14.99
C ASN A 80 -8.85 -0.54 -13.94
N SER A 81 -9.76 0.43 -13.88
CA SER A 81 -10.85 0.39 -12.92
C SER A 81 -11.43 -1.01 -12.82
N SER A 82 -12.02 -1.49 -13.90
CA SER A 82 -12.62 -2.82 -13.93
C SER A 82 -11.73 -3.83 -13.23
N MET A 83 -10.46 -3.87 -13.61
CA MET A 83 -9.50 -4.80 -13.01
C MET A 83 -9.50 -4.66 -11.50
N LEU A 84 -9.34 -3.43 -11.02
CA LEU A 84 -9.32 -3.16 -9.59
C LEU A 84 -10.47 -3.86 -8.88
N LYS A 85 -11.70 -3.49 -9.26
CA LYS A 85 -12.89 -4.08 -8.67
C LYS A 85 -12.70 -5.58 -8.43
N ASP A 86 -12.22 -6.28 -9.45
CA ASP A 86 -11.99 -7.71 -9.34
C ASP A 86 -10.92 -8.02 -8.31
N PHE A 87 -9.78 -7.36 -8.44
CA PHE A 87 -8.66 -7.56 -7.52
C PHE A 87 -9.13 -7.45 -6.07
N LEU A 88 -9.79 -6.35 -5.75
CA LEU A 88 -10.29 -6.11 -4.41
C LEU A 88 -11.31 -7.19 -4.01
N SER A 89 -11.86 -7.87 -5.01
CA SER A 89 -12.83 -8.92 -4.76
C SER A 89 -12.17 -10.15 -4.16
N GLN A 90 -10.86 -10.25 -4.33
CA GLN A 90 -10.09 -11.39 -3.81
C GLN A 90 -9.93 -11.27 -2.30
N PRO A 91 -9.85 -12.42 -1.62
CA PRO A 91 -9.69 -12.47 -0.16
C PRO A 91 -8.31 -12.01 0.28
N SER A 92 -7.30 -12.30 -0.53
CA SER A 92 -5.93 -11.92 -0.21
C SER A 92 -5.36 -11.01 -1.30
N LEU A 93 -4.70 -9.93 -0.88
CA LEU A 93 -4.11 -8.98 -1.81
C LEU A 93 -2.71 -8.59 -1.38
N GLY A 94 -1.88 -8.18 -2.33
CA GLY A 94 -0.52 -7.79 -2.03
C GLY A 94 -0.17 -6.43 -2.61
N LEU A 95 -0.30 -5.38 -1.79
CA LEU A 95 0.01 -4.03 -2.24
C LEU A 95 1.46 -3.66 -1.91
N LEU A 96 2.04 -2.79 -2.72
CA LEU A 96 3.42 -2.36 -2.51
C LEU A 96 3.49 -0.84 -2.38
N VAL A 97 3.75 -0.37 -1.16
CA VAL A 97 3.86 1.06 -0.91
C VAL A 97 5.23 1.43 -0.37
N ARG A 98 5.57 2.71 -0.44
CA ARG A 98 6.86 3.19 0.03
C ARG A 98 6.72 3.91 1.38
N THR A 99 7.75 3.82 2.21
CA THR A 99 7.74 4.46 3.52
C THR A 99 9.14 4.95 3.90
N TYR A 100 9.18 5.94 4.78
CA TYR A 100 10.45 6.50 5.24
C TYR A 100 10.91 5.83 6.53
N PRO A 101 12.20 5.44 6.56
CA PRO A 101 12.79 4.78 7.73
C PRO A 101 12.95 5.74 8.91
N GLU A 102 12.44 5.33 10.06
CA GLU A 102 12.52 6.16 11.27
C GLU A 102 12.42 5.29 12.52
N LEU A 103 12.81 5.85 13.66
CA LEU A 103 12.76 5.14 14.92
C LEU A 103 11.46 5.43 15.67
N GLU A 104 10.36 5.46 14.92
CA GLU A 104 9.05 5.71 15.51
C GLU A 104 8.03 4.68 15.03
N GLU A 105 8.44 3.42 15.01
CA GLU A 105 7.56 2.34 14.57
C GLU A 105 7.25 1.39 15.73
N GLY A 106 5.98 1.33 16.12
CA GLY A 106 5.58 0.46 17.20
C GLY A 106 4.17 0.74 17.67
N VAL A 107 4.03 1.13 18.93
CA VAL A 107 2.72 1.43 19.51
C VAL A 107 2.74 2.74 20.28
N GLU A 108 1.73 3.56 20.06
CA GLU A 108 1.63 4.86 20.75
C GLU A 108 0.30 5.53 20.44
N SER A 109 -0.21 6.29 21.41
CA SER A 109 -1.48 6.99 21.24
C SER A 109 -1.31 8.49 21.47
N GLY A 110 -1.74 9.29 20.50
CA GLY A 110 -1.62 10.73 20.61
C GLY A 110 -2.59 11.31 21.62
N PRO A 111 -2.10 12.25 22.44
CA PRO A 111 -2.92 12.90 23.47
C PRO A 111 -3.96 13.83 22.87
N SER A 112 -5.22 13.62 23.23
CA SER A 112 -6.31 14.43 22.73
C SER A 112 -6.69 15.52 23.73
N SER A 113 -6.55 16.77 23.31
CA SER A 113 -6.87 17.91 24.18
C SER A 113 -8.06 17.59 25.07
N GLY A 114 -7.93 17.90 26.36
CA GLY A 114 -9.00 17.64 27.29
C GLY A 114 -10.26 18.42 26.96
N GLY A 1 13.49 12.26 -24.13
CA GLY A 1 12.28 13.05 -24.23
C GLY A 1 12.24 14.16 -23.20
N SER A 2 11.03 14.63 -22.89
CA SER A 2 10.85 15.70 -21.92
C SER A 2 11.22 15.23 -20.52
N SER A 3 12.50 15.30 -20.19
CA SER A 3 12.99 14.88 -18.89
C SER A 3 13.98 15.89 -18.32
N GLY A 4 13.80 16.23 -17.04
CA GLY A 4 14.68 17.19 -16.39
C GLY A 4 14.76 16.98 -14.90
N SER A 5 15.06 15.75 -14.49
CA SER A 5 15.16 15.43 -13.07
C SER A 5 16.62 15.36 -12.63
N SER A 6 16.88 15.78 -11.40
CA SER A 6 18.23 15.77 -10.86
C SER A 6 18.71 14.35 -10.57
N GLY A 7 17.98 13.66 -9.70
CA GLY A 7 18.34 12.29 -9.35
C GLY A 7 19.62 12.21 -8.57
N GLU A 8 19.70 12.99 -7.50
CA GLU A 8 20.90 13.01 -6.65
C GLU A 8 20.75 12.06 -5.48
N ILE A 9 21.86 11.68 -4.88
CA ILE A 9 21.86 10.76 -3.74
C ILE A 9 21.44 11.49 -2.46
N GLU A 10 20.14 11.42 -2.14
CA GLU A 10 19.63 12.07 -0.95
C GLU A 10 20.22 11.45 0.31
N ILE A 11 20.03 12.11 1.44
CA ILE A 11 20.55 11.63 2.72
C ILE A 11 19.60 10.62 3.35
N CYS A 12 18.31 10.93 3.31
CA CYS A 12 17.29 10.04 3.88
C CYS A 12 16.29 9.62 2.82
N PRO A 13 16.68 8.64 1.98
CA PRO A 13 15.82 8.13 0.91
C PRO A 13 14.64 7.33 1.45
N LYS A 14 13.85 6.76 0.54
CA LYS A 14 12.70 5.96 0.92
C LYS A 14 12.89 4.49 0.54
N VAL A 15 11.98 3.64 0.99
CA VAL A 15 12.05 2.22 0.69
C VAL A 15 10.67 1.65 0.40
N THR A 16 10.62 0.65 -0.49
CA THR A 16 9.35 0.03 -0.86
C THR A 16 8.94 -1.02 0.17
N GLN A 17 7.65 -1.11 0.42
CA GLN A 17 7.11 -2.07 1.39
C GLN A 17 6.00 -2.90 0.77
N SER A 18 6.11 -4.22 0.89
CA SER A 18 5.10 -5.13 0.35
C SER A 18 4.04 -5.45 1.39
N ILE A 19 2.89 -4.80 1.29
CA ILE A 19 1.79 -5.03 2.22
C ILE A 19 0.85 -6.10 1.71
N HIS A 20 0.48 -7.04 2.60
CA HIS A 20 -0.42 -8.12 2.23
C HIS A 20 -1.54 -8.25 3.25
N ILE A 21 -2.77 -8.01 2.81
CA ILE A 21 -3.93 -8.09 3.69
C ILE A 21 -4.70 -9.40 3.45
N GLU A 22 -5.36 -9.89 4.49
CA GLU A 22 -6.13 -11.12 4.40
C GLU A 22 -7.34 -11.08 5.33
N LYS A 23 -8.47 -11.56 4.83
CA LYS A 23 -9.69 -11.59 5.63
C LYS A 23 -10.14 -13.02 5.90
N SER A 24 -11.08 -13.17 6.82
CA SER A 24 -11.59 -14.49 7.19
C SER A 24 -12.52 -15.03 6.11
N ASP A 25 -13.38 -14.15 5.58
CA ASP A 25 -14.32 -14.54 4.54
C ASP A 25 -14.59 -13.37 3.60
N THR A 26 -14.24 -13.55 2.32
CA THR A 26 -14.44 -12.51 1.32
C THR A 26 -15.82 -11.87 1.45
N ALA A 27 -16.85 -12.67 1.21
CA ALA A 27 -18.22 -12.20 1.29
C ALA A 27 -18.51 -11.59 2.67
N ALA A 28 -18.44 -12.43 3.70
CA ALA A 28 -18.68 -11.98 5.07
C ALA A 28 -17.87 -10.72 5.39
N ASP A 29 -16.57 -10.89 5.56
CA ASP A 29 -15.68 -9.78 5.87
C ASP A 29 -15.03 -9.23 4.59
N THR A 30 -15.00 -7.91 4.46
CA THR A 30 -14.41 -7.27 3.29
C THR A 30 -13.70 -5.98 3.68
N TYR A 31 -12.59 -5.70 3.01
CA TYR A 31 -11.81 -4.49 3.29
C TYR A 31 -12.70 -3.24 3.20
N GLY A 32 -12.09 -2.09 3.43
CA GLY A 32 -12.84 -0.84 3.37
C GLY A 32 -12.01 0.31 2.83
N PHE A 33 -10.95 -0.03 2.10
CA PHE A 33 -10.07 0.99 1.52
C PHE A 33 -10.25 1.07 0.01
N SER A 34 -10.42 2.28 -0.50
CA SER A 34 -10.62 2.50 -1.92
C SER A 34 -9.37 3.12 -2.55
N LEU A 35 -9.26 3.00 -3.87
CA LEU A 35 -8.13 3.55 -4.60
C LEU A 35 -8.59 4.52 -5.69
N SER A 36 -7.93 5.68 -5.76
CA SER A 36 -8.27 6.70 -6.73
C SER A 36 -7.19 6.79 -7.81
N SER A 37 -7.62 6.83 -9.07
CA SER A 37 -6.70 6.92 -10.19
C SER A 37 -6.57 8.35 -10.69
N VAL A 38 -5.35 8.87 -10.70
CA VAL A 38 -5.09 10.23 -11.15
C VAL A 38 -4.05 10.25 -12.26
N GLU A 39 -4.36 11.00 -13.32
CA GLU A 39 -3.45 11.10 -14.46
C GLU A 39 -2.69 12.43 -14.42
N GLU A 40 -1.36 12.35 -14.37
CA GLU A 40 -0.52 13.53 -14.33
C GLU A 40 0.46 13.55 -15.50
N ASP A 41 0.13 14.31 -16.53
CA ASP A 41 0.99 14.41 -17.71
C ASP A 41 1.16 13.05 -18.37
N GLY A 42 0.07 12.29 -18.44
CA GLY A 42 0.13 10.97 -19.06
C GLY A 42 0.48 9.89 -18.06
N ILE A 43 1.18 10.27 -16.99
CA ILE A 43 1.59 9.32 -15.96
C ILE A 43 0.45 9.06 -14.99
N ARG A 44 -0.18 7.90 -15.13
CA ARG A 44 -1.29 7.51 -14.26
C ARG A 44 -0.77 6.98 -12.93
N ARG A 45 -1.38 7.43 -11.84
CA ARG A 45 -0.98 6.99 -10.50
C ARG A 45 -2.20 6.68 -9.65
N LEU A 46 -1.99 5.96 -8.55
CA LEU A 46 -3.07 5.60 -7.64
C LEU A 46 -2.82 6.15 -6.24
N TYR A 47 -3.89 6.48 -5.54
CA TYR A 47 -3.79 7.02 -4.19
C TYR A 47 -4.93 6.52 -3.31
N VAL A 48 -4.59 6.08 -2.11
CA VAL A 48 -5.58 5.56 -1.17
C VAL A 48 -6.52 6.66 -0.72
N ASN A 49 -7.74 6.66 -1.24
CA ASN A 49 -8.73 7.67 -0.89
C ASN A 49 -9.04 7.63 0.60
N SER A 50 -9.30 6.43 1.11
CA SER A 50 -9.61 6.26 2.53
C SER A 50 -9.19 4.86 3.01
N VAL A 51 -9.25 4.66 4.33
CA VAL A 51 -8.89 3.38 4.91
C VAL A 51 -9.87 2.98 6.00
N LYS A 52 -10.21 1.69 6.04
CA LYS A 52 -11.15 1.17 7.03
C LYS A 52 -10.71 1.55 8.44
N GLU A 53 -11.55 1.25 9.42
CA GLU A 53 -11.26 1.56 10.81
C GLU A 53 -11.02 0.28 11.62
N THR A 54 -9.97 0.28 12.42
CA THR A 54 -9.65 -0.88 13.25
C THR A 54 -9.75 -2.18 12.45
N GLY A 55 -9.38 -2.11 11.17
CA GLY A 55 -9.44 -3.29 10.32
C GLY A 55 -8.07 -3.88 10.05
N LEU A 56 -7.87 -4.34 8.82
CA LEU A 56 -6.59 -4.94 8.44
C LEU A 56 -5.70 -3.91 7.75
N ALA A 57 -6.18 -3.36 6.65
CA ALA A 57 -5.42 -2.35 5.91
C ALA A 57 -4.64 -1.45 6.84
N SER A 58 -5.34 -0.71 7.69
CA SER A 58 -4.72 0.19 8.64
C SER A 58 -3.61 -0.52 9.43
N LYS A 59 -3.98 -1.61 10.08
CA LYS A 59 -3.02 -2.38 10.87
C LYS A 59 -1.72 -2.56 10.11
N LYS A 60 -1.81 -3.14 8.92
CA LYS A 60 -0.63 -3.38 8.08
C LYS A 60 0.21 -2.11 7.96
N GLY A 61 -0.37 -1.06 7.37
CA GLY A 61 0.34 0.19 7.21
C GLY A 61 -0.25 1.06 6.12
N LEU A 62 -1.56 0.99 5.96
CA LEU A 62 -2.25 1.77 4.94
C LEU A 62 -2.96 2.97 5.56
N LYS A 63 -3.13 4.03 4.77
CA LYS A 63 -3.80 5.24 5.25
C LYS A 63 -4.23 6.11 4.06
N ALA A 64 -5.14 7.04 4.33
CA ALA A 64 -5.64 7.94 3.30
C ALA A 64 -4.50 8.80 2.74
N GLY A 65 -4.11 8.52 1.50
CA GLY A 65 -3.04 9.27 0.88
C GLY A 65 -1.99 8.37 0.26
N ASP A 66 -1.61 7.32 0.97
CA ASP A 66 -0.61 6.39 0.48
C ASP A 66 -0.76 6.15 -1.02
N GLU A 67 0.36 6.14 -1.73
CA GLU A 67 0.35 5.93 -3.16
C GLU A 67 0.75 4.49 -3.51
N ILE A 68 -0.10 3.82 -4.29
CA ILE A 68 0.17 2.44 -4.69
C ILE A 68 1.06 2.40 -5.93
N LEU A 69 1.92 1.39 -5.99
CA LEU A 69 2.84 1.22 -7.12
C LEU A 69 2.45 0.00 -7.94
N GLU A 70 2.13 -1.09 -7.26
CA GLU A 70 1.75 -2.33 -7.93
C GLU A 70 0.67 -3.08 -7.13
N ILE A 71 -0.13 -3.86 -7.83
CA ILE A 71 -1.20 -4.62 -7.20
C ILE A 71 -1.20 -6.07 -7.67
N ASN A 72 -0.73 -6.97 -6.81
CA ASN A 72 -0.68 -8.38 -7.14
C ASN A 72 0.26 -8.65 -8.31
N ASN A 73 1.40 -7.95 -8.30
CA ASN A 73 2.38 -8.11 -9.37
C ASN A 73 1.86 -7.54 -10.69
N ARG A 74 1.06 -6.48 -10.59
CA ARG A 74 0.49 -5.85 -11.77
C ARG A 74 0.65 -4.33 -11.70
N ALA A 75 0.98 -3.72 -12.83
CA ALA A 75 1.16 -2.28 -12.90
C ALA A 75 -0.17 -1.55 -12.72
N ALA A 76 -0.28 -0.82 -11.61
CA ALA A 76 -1.51 -0.07 -11.32
C ALA A 76 -2.05 0.59 -12.57
N ASP A 77 -1.22 1.43 -13.20
CA ASP A 77 -1.62 2.14 -14.41
C ASP A 77 -2.21 1.16 -15.43
N ALA A 78 -1.68 -0.05 -15.47
CA ALA A 78 -2.15 -1.07 -16.40
C ALA A 78 -3.52 -1.60 -15.99
N LEU A 79 -3.79 -1.57 -14.69
CA LEU A 79 -5.07 -2.05 -14.16
C LEU A 79 -6.10 -0.93 -14.14
N ASN A 80 -7.30 -1.23 -14.62
CA ASN A 80 -8.38 -0.25 -14.66
C ASN A 80 -9.42 -0.55 -13.58
N SER A 81 -10.37 0.36 -13.41
CA SER A 81 -11.42 0.19 -12.41
C SER A 81 -11.93 -1.24 -12.40
N SER A 82 -12.17 -1.79 -13.59
CA SER A 82 -12.66 -3.15 -13.72
C SER A 82 -11.75 -4.13 -12.98
N MET A 83 -10.48 -4.13 -13.35
CA MET A 83 -9.50 -5.01 -12.73
C MET A 83 -9.39 -4.73 -11.23
N LEU A 84 -9.21 -3.46 -10.89
CA LEU A 84 -9.09 -3.07 -9.48
C LEU A 84 -10.21 -3.68 -8.64
N LYS A 85 -11.43 -3.64 -9.18
CA LYS A 85 -12.58 -4.19 -8.49
C LYS A 85 -12.35 -5.65 -8.10
N ASP A 86 -11.91 -6.44 -9.08
CA ASP A 86 -11.64 -7.86 -8.84
C ASP A 86 -10.68 -8.05 -7.67
N PHE A 87 -9.58 -7.30 -7.69
CA PHE A 87 -8.58 -7.38 -6.64
C PHE A 87 -9.21 -7.17 -5.27
N LEU A 88 -10.07 -6.17 -5.16
CA LEU A 88 -10.75 -5.87 -3.91
C LEU A 88 -11.75 -6.97 -3.55
N SER A 89 -12.15 -7.75 -4.55
CA SER A 89 -13.10 -8.83 -4.36
C SER A 89 -12.39 -10.14 -4.06
N GLN A 90 -11.24 -10.05 -3.40
CA GLN A 90 -10.45 -11.22 -3.04
C GLN A 90 -10.19 -11.28 -1.55
N PRO A 91 -10.01 -12.51 -1.03
CA PRO A 91 -9.75 -12.72 0.40
C PRO A 91 -8.37 -12.23 0.82
N SER A 92 -7.58 -11.79 -0.16
CA SER A 92 -6.23 -11.30 0.11
C SER A 92 -5.82 -10.26 -0.93
N LEU A 93 -5.13 -9.22 -0.48
CA LEU A 93 -4.68 -8.16 -1.38
C LEU A 93 -3.19 -7.87 -1.17
N GLY A 94 -2.48 -7.63 -2.26
CA GLY A 94 -1.06 -7.34 -2.17
C GLY A 94 -0.69 -6.04 -2.86
N LEU A 95 -0.54 -4.98 -2.07
CA LEU A 95 -0.18 -3.67 -2.60
C LEU A 95 1.26 -3.32 -2.26
N LEU A 96 1.84 -2.42 -3.05
CA LEU A 96 3.23 -1.99 -2.84
C LEU A 96 3.32 -0.47 -2.73
N VAL A 97 3.64 0.02 -1.55
CA VAL A 97 3.76 1.45 -1.32
C VAL A 97 5.15 1.81 -0.79
N ARG A 98 5.55 3.06 -1.00
CA ARG A 98 6.86 3.53 -0.55
C ARG A 98 6.75 4.16 0.84
N THR A 99 7.80 3.98 1.64
CA THR A 99 7.82 4.54 2.99
C THR A 99 9.26 4.83 3.44
N TYR A 100 9.41 5.82 4.30
CA TYR A 100 10.73 6.19 4.81
C TYR A 100 11.27 5.14 5.77
N PRO A 101 12.52 4.74 5.57
CA PRO A 101 13.19 3.74 6.40
C PRO A 101 13.48 4.26 7.81
N GLU A 102 14.14 3.43 8.62
CA GLU A 102 14.47 3.81 9.98
C GLU A 102 15.88 3.34 10.34
N LEU A 103 16.28 3.60 11.59
CA LEU A 103 17.60 3.21 12.06
C LEU A 103 17.58 1.80 12.64
N GLU A 104 16.70 0.95 12.11
CA GLU A 104 16.58 -0.43 12.58
C GLU A 104 17.46 -1.36 11.76
N GLU A 105 18.75 -1.03 11.68
CA GLU A 105 19.69 -1.85 10.91
C GLU A 105 21.05 -1.89 11.61
N GLY A 106 21.69 -3.05 11.58
CA GLY A 106 22.99 -3.20 12.20
C GLY A 106 23.31 -4.64 12.52
N VAL A 107 23.04 -5.53 11.58
CA VAL A 107 23.30 -6.95 11.77
C VAL A 107 24.79 -7.23 11.79
N GLU A 108 25.20 -8.27 12.52
CA GLU A 108 26.60 -8.64 12.62
C GLU A 108 26.96 -9.69 11.57
N SER A 109 26.00 -10.54 11.23
CA SER A 109 26.22 -11.59 10.23
C SER A 109 27.53 -12.31 10.50
N GLY A 110 27.73 -12.76 11.73
CA GLY A 110 28.94 -13.46 12.09
C GLY A 110 28.79 -14.97 12.00
N PRO A 111 29.87 -15.65 11.62
CA PRO A 111 29.88 -17.11 11.49
C PRO A 111 29.78 -17.82 12.84
N SER A 112 29.71 -19.15 12.81
CA SER A 112 29.61 -19.93 14.03
C SER A 112 30.57 -21.11 14.00
N SER A 113 31.78 -20.87 13.47
CA SER A 113 32.79 -21.92 13.37
C SER A 113 34.17 -21.37 13.73
N GLY A 114 35.03 -22.24 14.23
CA GLY A 114 36.37 -21.83 14.61
C GLY A 114 36.37 -20.64 15.56
N GLY A 1 28.95 20.84 25.54
CA GLY A 1 29.20 19.68 24.71
C GLY A 1 27.92 18.92 24.38
N SER A 2 27.02 19.58 23.66
CA SER A 2 25.75 18.98 23.28
C SER A 2 25.15 19.68 22.06
N SER A 3 24.64 18.88 21.12
CA SER A 3 24.04 19.44 19.91
C SER A 3 23.12 18.41 19.24
N GLY A 4 21.82 18.61 19.37
CA GLY A 4 20.85 17.70 18.78
C GLY A 4 19.68 18.42 18.15
N SER A 5 19.94 19.09 17.02
CA SER A 5 18.90 19.83 16.32
C SER A 5 17.89 18.88 15.70
N SER A 6 16.62 19.02 16.09
CA SER A 6 15.56 18.16 15.56
C SER A 6 15.33 18.43 14.08
N GLY A 7 15.44 17.39 13.27
CA GLY A 7 15.24 17.53 11.84
C GLY A 7 16.49 17.23 11.04
N GLU A 8 16.49 16.09 10.36
CA GLU A 8 17.64 15.68 9.56
C GLU A 8 17.32 14.44 8.74
N ILE A 9 17.50 14.53 7.43
CA ILE A 9 17.23 13.41 6.53
C ILE A 9 18.48 12.58 6.30
N GLU A 10 18.43 11.33 6.73
CA GLU A 10 19.57 10.41 6.58
C GLU A 10 19.85 10.17 5.09
N ILE A 11 21.07 9.73 4.81
CA ILE A 11 21.48 9.45 3.43
C ILE A 11 20.62 8.36 2.81
N CYS A 12 20.44 7.26 3.55
CA CYS A 12 19.64 6.15 3.08
C CYS A 12 18.30 6.63 2.52
N PRO A 13 18.04 6.33 1.24
CA PRO A 13 16.81 6.72 0.57
C PRO A 13 15.60 5.97 1.09
N LYS A 14 14.45 6.21 0.47
CA LYS A 14 13.21 5.54 0.87
C LYS A 14 13.25 4.06 0.54
N VAL A 15 12.39 3.29 1.19
CA VAL A 15 12.35 1.85 0.97
C VAL A 15 10.93 1.40 0.58
N THR A 16 10.86 0.31 -0.17
CA THR A 16 9.57 -0.22 -0.62
C THR A 16 9.08 -1.34 0.30
N GLN A 17 7.83 -1.26 0.70
CA GLN A 17 7.24 -2.27 1.59
C GLN A 17 6.06 -2.96 0.92
N SER A 18 5.88 -4.24 1.20
CA SER A 18 4.79 -5.01 0.63
C SER A 18 3.76 -5.38 1.70
N ILE A 19 2.57 -4.79 1.59
CA ILE A 19 1.50 -5.06 2.54
C ILE A 19 0.62 -6.22 2.07
N HIS A 20 0.70 -7.33 2.79
CA HIS A 20 -0.09 -8.51 2.45
C HIS A 20 -1.31 -8.63 3.36
N ILE A 21 -2.46 -8.23 2.85
CA ILE A 21 -3.70 -8.29 3.61
C ILE A 21 -4.53 -9.51 3.23
N GLU A 22 -5.24 -10.07 4.20
CA GLU A 22 -6.07 -11.24 3.96
C GLU A 22 -7.30 -11.24 4.87
N LYS A 23 -8.48 -11.42 4.28
CA LYS A 23 -9.71 -11.43 5.04
C LYS A 23 -10.23 -12.86 5.21
N SER A 24 -11.27 -13.02 6.03
CA SER A 24 -11.84 -14.33 6.29
C SER A 24 -13.01 -14.60 5.33
N ASP A 25 -14.13 -13.96 5.59
CA ASP A 25 -15.32 -14.13 4.76
C ASP A 25 -15.64 -12.85 3.99
N THR A 26 -14.92 -12.63 2.89
CA THR A 26 -15.13 -11.45 2.07
C THR A 26 -16.61 -11.12 1.93
N ALA A 27 -17.44 -12.16 1.91
CA ALA A 27 -18.88 -11.98 1.78
C ALA A 27 -19.37 -10.85 2.67
N ALA A 28 -18.95 -10.88 3.93
CA ALA A 28 -19.35 -9.86 4.90
C ALA A 28 -18.20 -8.92 5.21
N ASP A 29 -17.13 -9.48 5.79
CA ASP A 29 -15.95 -8.70 6.15
C ASP A 29 -15.28 -8.12 4.90
N THR A 30 -15.45 -6.82 4.70
CA THR A 30 -14.86 -6.14 3.55
C THR A 30 -13.66 -5.29 3.96
N TYR A 31 -12.64 -5.29 3.12
CA TYR A 31 -11.43 -4.52 3.38
C TYR A 31 -11.77 -3.18 4.04
N GLY A 32 -12.29 -2.25 3.24
CA GLY A 32 -12.65 -0.95 3.76
C GLY A 32 -11.91 0.18 3.06
N PHE A 33 -10.77 -0.15 2.46
CA PHE A 33 -9.97 0.84 1.75
C PHE A 33 -10.18 0.73 0.24
N SER A 34 -10.34 1.89 -0.41
CA SER A 34 -10.55 1.93 -1.85
C SER A 34 -9.40 2.67 -2.55
N LEU A 35 -9.30 2.46 -3.85
CA LEU A 35 -8.24 3.10 -4.64
C LEU A 35 -8.83 4.11 -5.62
N SER A 36 -8.16 5.24 -5.78
CA SER A 36 -8.62 6.28 -6.70
C SER A 36 -7.66 6.45 -7.86
N SER A 37 -8.20 6.48 -9.08
CA SER A 37 -7.39 6.63 -10.27
C SER A 37 -7.27 8.11 -10.67
N VAL A 38 -6.03 8.55 -10.89
CA VAL A 38 -5.78 9.93 -11.27
C VAL A 38 -4.74 10.01 -12.39
N GLU A 39 -5.00 10.89 -13.36
CA GLU A 39 -4.09 11.06 -14.49
C GLU A 39 -3.50 12.47 -14.50
N GLU A 40 -2.19 12.56 -14.30
CA GLU A 40 -1.50 13.84 -14.29
C GLU A 40 -0.44 13.91 -15.39
N ASP A 41 -0.68 14.77 -16.37
CA ASP A 41 0.25 14.93 -17.48
C ASP A 41 0.44 13.61 -18.22
N GLY A 42 -0.65 12.86 -18.38
CA GLY A 42 -0.57 11.58 -19.06
C GLY A 42 -0.19 10.44 -18.14
N ILE A 43 0.47 10.78 -17.03
CA ILE A 43 0.88 9.78 -16.06
C ILE A 43 -0.27 9.38 -15.15
N ARG A 44 -0.78 8.16 -15.35
CA ARG A 44 -1.88 7.66 -14.55
C ARG A 44 -1.37 6.84 -13.36
N ARG A 45 -1.94 7.08 -12.19
CA ARG A 45 -1.54 6.36 -10.98
C ARG A 45 -2.74 6.16 -10.05
N LEU A 46 -2.54 5.35 -9.02
CA LEU A 46 -3.60 5.07 -8.05
C LEU A 46 -3.19 5.52 -6.65
N TYR A 47 -4.18 5.83 -5.83
CA TYR A 47 -3.93 6.28 -4.46
C TYR A 47 -5.00 5.75 -3.51
N VAL A 48 -4.62 5.57 -2.24
CA VAL A 48 -5.55 5.08 -1.24
C VAL A 48 -6.48 6.18 -0.76
N ASN A 49 -7.66 6.26 -1.37
CA ASN A 49 -8.64 7.28 -1.01
C ASN A 49 -8.92 7.25 0.49
N SER A 50 -9.37 6.10 0.98
CA SER A 50 -9.69 5.95 2.40
C SER A 50 -9.12 4.64 2.94
N VAL A 51 -9.32 4.41 4.24
CA VAL A 51 -8.83 3.18 4.88
C VAL A 51 -9.75 2.77 6.03
N LYS A 52 -9.94 1.47 6.18
CA LYS A 52 -10.79 0.94 7.24
C LYS A 52 -10.23 1.29 8.61
N GLU A 53 -11.04 1.93 9.44
CA GLU A 53 -10.63 2.32 10.78
C GLU A 53 -10.04 1.13 11.54
N THR A 54 -10.91 0.20 11.94
CA THR A 54 -10.48 -0.97 12.67
C THR A 54 -10.50 -2.21 11.78
N GLY A 55 -9.69 -2.18 10.72
CA GLY A 55 -9.62 -3.30 9.82
C GLY A 55 -8.26 -3.97 9.82
N LEU A 56 -7.82 -4.42 8.64
CA LEU A 56 -6.52 -5.09 8.51
C LEU A 56 -5.49 -4.15 7.89
N ALA A 57 -5.80 -3.64 6.70
CA ALA A 57 -4.90 -2.74 5.99
C ALA A 57 -4.29 -1.73 6.96
N SER A 58 -5.13 -0.93 7.59
CA SER A 58 -4.67 0.09 8.53
C SER A 58 -3.59 -0.48 9.45
N LYS A 59 -3.95 -1.51 10.22
CA LYS A 59 -3.02 -2.14 11.14
C LYS A 59 -1.63 -2.26 10.52
N LYS A 60 -1.56 -2.92 9.37
CA LYS A 60 -0.28 -3.10 8.67
C LYS A 60 0.49 -1.79 8.62
N GLY A 61 -0.11 -0.77 8.00
CA GLY A 61 0.54 0.52 7.89
C GLY A 61 -0.19 1.46 6.95
N LEU A 62 -0.92 0.89 6.01
CA LEU A 62 -1.67 1.69 5.04
C LEU A 62 -2.42 2.82 5.73
N LYS A 63 -2.77 3.84 4.95
CA LYS A 63 -3.49 4.99 5.49
C LYS A 63 -3.98 5.90 4.36
N ALA A 64 -5.01 6.69 4.65
CA ALA A 64 -5.56 7.61 3.67
C ALA A 64 -4.54 8.65 3.25
N GLY A 65 -3.92 8.44 2.09
CA GLY A 65 -2.93 9.37 1.60
C GLY A 65 -1.66 8.68 1.13
N ASP A 66 -1.80 7.44 0.67
CA ASP A 66 -0.65 6.67 0.19
C ASP A 66 -0.65 6.58 -1.33
N GLU A 67 0.43 6.06 -1.88
CA GLU A 67 0.56 5.92 -3.33
C GLU A 67 0.97 4.49 -3.71
N ILE A 68 0.06 3.79 -4.39
CA ILE A 68 0.33 2.41 -4.81
C ILE A 68 1.26 2.37 -6.00
N LEU A 69 2.31 1.57 -5.91
CA LEU A 69 3.28 1.45 -6.97
C LEU A 69 3.02 0.19 -7.81
N GLU A 70 2.51 -0.85 -7.16
CA GLU A 70 2.20 -2.10 -7.84
C GLU A 70 1.21 -2.93 -7.03
N ILE A 71 0.44 -3.76 -7.73
CA ILE A 71 -0.55 -4.61 -7.08
C ILE A 71 -0.44 -6.06 -7.56
N ASN A 72 0.10 -6.92 -6.70
CA ASN A 72 0.26 -8.33 -7.04
C ASN A 72 1.18 -8.50 -8.25
N ASN A 73 2.22 -7.68 -8.31
CA ASN A 73 3.17 -7.74 -9.40
C ASN A 73 2.58 -7.12 -10.67
N ARG A 74 1.64 -6.22 -10.50
CA ARG A 74 0.99 -5.55 -11.62
C ARG A 74 1.15 -4.03 -11.53
N ALA A 75 1.21 -3.38 -12.68
CA ALA A 75 1.36 -1.94 -12.73
C ALA A 75 0.02 -1.24 -12.50
N ALA A 76 -0.08 -0.50 -11.39
CA ALA A 76 -1.29 0.21 -11.05
C ALA A 76 -1.98 0.76 -12.30
N ASP A 77 -1.27 1.62 -13.03
CA ASP A 77 -1.81 2.23 -14.24
C ASP A 77 -2.33 1.14 -15.19
N ALA A 78 -1.65 0.01 -15.22
CA ALA A 78 -2.04 -1.10 -16.07
C ALA A 78 -3.39 -1.67 -15.65
N LEU A 79 -3.70 -1.56 -14.36
CA LEU A 79 -4.95 -2.07 -13.83
C LEU A 79 -6.05 -1.03 -13.94
N ASN A 80 -7.10 -1.37 -14.69
CA ASN A 80 -8.22 -0.46 -14.89
C ASN A 80 -9.29 -0.68 -13.82
N SER A 81 -10.30 0.20 -13.81
CA SER A 81 -11.37 0.10 -12.83
C SER A 81 -11.95 -1.32 -12.79
N SER A 82 -12.05 -1.94 -13.96
CA SER A 82 -12.59 -3.29 -14.05
C SER A 82 -11.70 -4.28 -13.29
N MET A 83 -10.45 -4.40 -13.72
CA MET A 83 -9.52 -5.31 -13.07
C MET A 83 -9.45 -5.04 -11.56
N LEU A 84 -9.29 -3.78 -11.20
CA LEU A 84 -9.21 -3.39 -9.79
C LEU A 84 -10.35 -4.01 -9.00
N LYS A 85 -11.57 -3.84 -9.50
CA LYS A 85 -12.76 -4.39 -8.83
C LYS A 85 -12.57 -5.87 -8.53
N ASP A 86 -12.05 -6.61 -9.50
CA ASP A 86 -11.82 -8.04 -9.34
C ASP A 86 -10.71 -8.30 -8.32
N PHE A 87 -9.74 -7.41 -8.27
CA PHE A 87 -8.62 -7.54 -7.34
C PHE A 87 -9.08 -7.34 -5.90
N LEU A 88 -9.97 -6.38 -5.70
CA LEU A 88 -10.50 -6.08 -4.38
C LEU A 88 -11.53 -7.12 -3.95
N SER A 89 -12.03 -7.88 -4.93
CA SER A 89 -13.03 -8.90 -4.66
C SER A 89 -12.40 -10.12 -4.01
N GLN A 90 -11.09 -10.23 -4.11
CA GLN A 90 -10.35 -11.35 -3.53
C GLN A 90 -10.15 -11.14 -2.03
N PRO A 91 -10.05 -12.25 -1.29
CA PRO A 91 -9.85 -12.22 0.16
C PRO A 91 -8.46 -11.72 0.55
N SER A 92 -7.45 -12.11 -0.23
CA SER A 92 -6.08 -11.71 0.02
C SER A 92 -5.56 -10.81 -1.10
N LEU A 93 -4.70 -9.87 -0.73
CA LEU A 93 -4.13 -8.94 -1.70
C LEU A 93 -2.77 -8.44 -1.24
N GLY A 94 -1.91 -8.08 -2.20
CA GLY A 94 -0.58 -7.59 -1.86
C GLY A 94 -0.27 -6.26 -2.53
N LEU A 95 -0.11 -5.23 -1.73
CA LEU A 95 0.20 -3.89 -2.26
C LEU A 95 1.67 -3.54 -2.02
N LEU A 96 2.18 -2.63 -2.83
CA LEU A 96 3.57 -2.19 -2.71
C LEU A 96 3.66 -0.67 -2.63
N VAL A 97 3.95 -0.15 -1.45
CA VAL A 97 4.07 1.28 -1.24
C VAL A 97 5.46 1.65 -0.73
N ARG A 98 5.81 2.94 -0.87
CA ARG A 98 7.12 3.42 -0.42
C ARG A 98 7.02 4.02 0.98
N THR A 99 8.09 3.89 1.75
CA THR A 99 8.13 4.41 3.11
C THR A 99 9.51 4.98 3.44
N TYR A 100 9.60 5.71 4.54
CA TYR A 100 10.84 6.32 4.97
C TYR A 100 11.50 5.50 6.07
N PRO A 101 12.80 5.17 5.88
CA PRO A 101 13.56 4.38 6.85
C PRO A 101 13.84 5.16 8.13
N GLU A 102 13.76 4.46 9.26
CA GLU A 102 14.01 5.08 10.56
C GLU A 102 15.08 4.32 11.33
N LEU A 103 15.73 5.01 12.27
CA LEU A 103 16.78 4.40 13.09
C LEU A 103 16.19 3.71 14.31
N GLU A 104 14.91 3.37 14.23
CA GLU A 104 14.23 2.70 15.34
C GLU A 104 13.96 1.24 15.01
N GLU A 105 14.17 0.87 13.75
CA GLU A 105 13.96 -0.50 13.31
C GLU A 105 15.23 -1.31 13.39
N GLY A 106 15.10 -2.61 13.66
CA GLY A 106 16.26 -3.47 13.76
C GLY A 106 17.29 -2.96 14.75
N VAL A 107 17.09 -3.30 16.03
CA VAL A 107 18.00 -2.87 17.08
C VAL A 107 18.73 -4.06 17.70
N GLU A 108 20.05 -4.04 17.62
CA GLU A 108 20.86 -5.12 18.17
C GLU A 108 20.64 -5.25 19.68
N SER A 109 20.36 -6.48 20.12
CA SER A 109 20.11 -6.74 21.54
C SER A 109 20.07 -8.24 21.81
N GLY A 110 20.64 -8.64 22.94
CA GLY A 110 20.67 -10.05 23.30
C GLY A 110 21.23 -10.92 22.19
N PRO A 111 21.47 -12.21 22.51
CA PRO A 111 22.01 -13.17 21.55
C PRO A 111 21.01 -13.53 20.46
N SER A 112 20.99 -12.74 19.40
CA SER A 112 20.08 -12.97 18.28
C SER A 112 19.94 -14.45 18.00
N SER A 113 18.69 -14.92 17.88
CA SER A 113 18.42 -16.33 17.61
C SER A 113 17.60 -16.48 16.35
N GLY A 114 18.21 -17.09 15.33
CA GLY A 114 17.52 -17.29 14.07
C GLY A 114 17.86 -18.63 13.43
N GLY A 1 12.85 4.81 -8.19
CA GLY A 1 13.98 4.70 -7.28
C GLY A 1 14.59 3.31 -7.27
N SER A 2 15.16 2.90 -8.40
CA SER A 2 15.77 1.59 -8.51
C SER A 2 17.28 1.70 -8.68
N SER A 3 17.99 1.70 -7.55
CA SER A 3 19.45 1.81 -7.57
C SER A 3 20.07 0.93 -6.49
N GLY A 4 21.40 0.90 -6.45
CA GLY A 4 22.09 0.09 -5.46
C GLY A 4 22.03 0.68 -4.08
N SER A 5 22.82 0.14 -3.16
CA SER A 5 22.84 0.62 -1.78
C SER A 5 23.65 1.91 -1.67
N SER A 6 22.96 2.98 -1.28
CA SER A 6 23.61 4.29 -1.14
C SER A 6 24.75 4.22 -0.12
N GLY A 7 24.53 3.44 0.94
CA GLY A 7 25.55 3.30 1.98
C GLY A 7 24.95 3.35 3.36
N GLU A 8 24.83 4.56 3.90
CA GLU A 8 24.27 4.74 5.24
C GLU A 8 22.78 5.02 5.18
N ILE A 9 21.98 3.96 5.29
CA ILE A 9 20.53 4.08 5.25
C ILE A 9 20.06 5.32 6.01
N GLU A 10 19.55 6.30 5.29
CA GLU A 10 19.07 7.54 5.90
C GLU A 10 17.55 7.58 5.89
N ILE A 11 16.99 8.64 6.48
CA ILE A 11 15.55 8.80 6.54
C ILE A 11 15.03 9.61 5.36
N CYS A 12 15.82 10.59 4.94
CA CYS A 12 15.45 11.45 3.80
C CYS A 12 14.69 10.65 2.75
N PRO A 13 15.34 9.62 2.21
CA PRO A 13 14.75 8.75 1.17
C PRO A 13 13.63 7.88 1.73
N LYS A 14 13.21 6.90 0.94
CA LYS A 14 12.14 5.99 1.35
C LYS A 14 12.52 4.54 1.07
N VAL A 15 11.68 3.61 1.49
CA VAL A 15 11.92 2.19 1.29
C VAL A 15 10.66 1.47 0.85
N THR A 16 10.82 0.45 0.01
CA THR A 16 9.69 -0.32 -0.49
C THR A 16 9.28 -1.39 0.51
N GLN A 17 7.99 -1.42 0.84
CA GLN A 17 7.47 -2.41 1.80
C GLN A 17 6.35 -3.23 1.16
N SER A 18 6.41 -4.54 1.35
CA SER A 18 5.41 -5.44 0.80
C SER A 18 4.30 -5.71 1.81
N ILE A 19 3.10 -5.24 1.49
CA ILE A 19 1.95 -5.42 2.37
C ILE A 19 0.98 -6.45 1.79
N HIS A 20 0.76 -7.52 2.55
CA HIS A 20 -0.15 -8.58 2.12
C HIS A 20 -1.31 -8.74 3.11
N ILE A 21 -2.48 -8.25 2.71
CA ILE A 21 -3.67 -8.34 3.55
C ILE A 21 -4.52 -9.55 3.18
N GLU A 22 -4.88 -10.35 4.18
CA GLU A 22 -5.70 -11.52 3.96
C GLU A 22 -6.96 -11.48 4.81
N LYS A 23 -8.08 -11.89 4.22
CA LYS A 23 -9.36 -11.90 4.92
C LYS A 23 -9.86 -13.33 5.14
N SER A 24 -10.71 -13.50 6.14
CA SER A 24 -11.25 -14.82 6.46
C SER A 24 -12.32 -15.22 5.45
N ASP A 25 -13.21 -14.28 5.15
CA ASP A 25 -14.31 -14.54 4.21
C ASP A 25 -14.50 -13.35 3.28
N THR A 26 -15.14 -13.59 2.14
CA THR A 26 -15.40 -12.53 1.17
C THR A 26 -16.90 -12.33 0.97
N ALA A 27 -17.65 -12.33 2.07
CA ALA A 27 -19.09 -12.15 2.02
C ALA A 27 -19.54 -11.00 2.90
N ALA A 28 -18.96 -10.93 4.10
CA ALA A 28 -19.29 -9.86 5.04
C ALA A 28 -18.10 -8.97 5.31
N ASP A 29 -16.92 -9.58 5.42
CA ASP A 29 -15.69 -8.82 5.67
C ASP A 29 -15.22 -8.12 4.41
N THR A 30 -14.91 -6.83 4.53
CA THR A 30 -14.45 -6.04 3.40
C THR A 30 -13.25 -5.18 3.78
N TYR A 31 -12.19 -5.27 2.98
CA TYR A 31 -10.98 -4.50 3.23
C TYR A 31 -11.31 -3.14 3.84
N GLY A 32 -12.29 -2.46 3.25
CA GLY A 32 -12.69 -1.15 3.75
C GLY A 32 -11.95 -0.02 3.07
N PHE A 33 -10.81 -0.34 2.46
CA PHE A 33 -10.01 0.66 1.77
C PHE A 33 -10.18 0.55 0.25
N SER A 34 -10.46 1.68 -0.38
CA SER A 34 -10.67 1.72 -1.83
C SER A 34 -9.49 2.40 -2.52
N LEU A 35 -9.46 2.30 -3.85
CA LEU A 35 -8.39 2.91 -4.64
C LEU A 35 -8.97 3.85 -5.70
N SER A 36 -8.37 5.04 -5.81
CA SER A 36 -8.83 6.02 -6.79
C SER A 36 -7.75 6.28 -7.83
N SER A 37 -8.07 5.99 -9.08
CA SER A 37 -7.13 6.19 -10.18
C SER A 37 -7.10 7.65 -10.62
N VAL A 38 -5.90 8.13 -10.96
CA VAL A 38 -5.74 9.51 -11.39
C VAL A 38 -4.70 9.62 -12.50
N GLU A 39 -5.02 10.40 -13.53
CA GLU A 39 -4.11 10.58 -14.65
C GLU A 39 -3.52 11.99 -14.65
N GLU A 40 -2.19 12.07 -14.61
CA GLU A 40 -1.51 13.36 -14.60
C GLU A 40 -0.52 13.45 -15.76
N ASP A 41 -0.92 14.18 -16.80
CA ASP A 41 -0.07 14.36 -17.97
C ASP A 41 0.27 13.01 -18.61
N GLY A 42 -0.73 12.14 -18.68
CA GLY A 42 -0.52 10.82 -19.27
C GLY A 42 -0.09 9.80 -18.25
N ILE A 43 0.52 10.26 -17.16
CA ILE A 43 0.99 9.37 -16.11
C ILE A 43 -0.15 8.98 -15.17
N ARG A 44 -0.61 7.74 -15.29
CA ARG A 44 -1.70 7.24 -14.45
C ARG A 44 -1.16 6.66 -13.15
N ARG A 45 -1.84 6.97 -12.05
CA ARG A 45 -1.43 6.49 -10.73
C ARG A 45 -2.64 6.21 -9.85
N LEU A 46 -2.43 5.46 -8.77
CA LEU A 46 -3.51 5.13 -7.85
C LEU A 46 -3.27 5.77 -6.48
N TYR A 47 -4.35 6.03 -5.76
CA TYR A 47 -4.26 6.63 -4.44
C TYR A 47 -5.39 6.14 -3.54
N VAL A 48 -5.05 5.78 -2.31
CA VAL A 48 -6.03 5.29 -1.34
C VAL A 48 -6.99 6.40 -0.93
N ASN A 49 -8.26 6.24 -1.29
CA ASN A 49 -9.28 7.21 -0.95
C ASN A 49 -9.68 7.12 0.52
N SER A 50 -10.21 5.97 0.91
CA SER A 50 -10.64 5.75 2.29
C SER A 50 -9.87 4.58 2.90
N VAL A 51 -10.02 4.41 4.22
CA VAL A 51 -9.36 3.33 4.94
C VAL A 51 -10.23 2.80 6.06
N LYS A 52 -10.18 1.48 6.25
CA LYS A 52 -10.97 0.83 7.29
C LYS A 52 -10.41 1.15 8.68
N GLU A 53 -11.29 1.25 9.66
CA GLU A 53 -10.89 1.55 11.03
C GLU A 53 -10.30 0.31 11.71
N THR A 54 -9.16 0.50 12.38
CA THR A 54 -8.50 -0.59 13.07
C THR A 54 -8.74 -1.92 12.35
N GLY A 55 -8.76 -1.88 11.02
CA GLY A 55 -8.98 -3.08 10.24
C GLY A 55 -7.70 -3.84 9.96
N LEU A 56 -7.50 -4.22 8.71
CA LEU A 56 -6.30 -4.95 8.30
C LEU A 56 -5.33 -4.04 7.56
N ALA A 57 -5.87 -3.18 6.71
CA ALA A 57 -5.05 -2.25 5.93
C ALA A 57 -4.33 -1.26 6.84
N SER A 58 -5.10 -0.57 7.69
CA SER A 58 -4.53 0.41 8.60
C SER A 58 -3.42 -0.21 9.44
N LYS A 59 -3.79 -1.19 10.27
CA LYS A 59 -2.83 -1.88 11.12
C LYS A 59 -1.60 -2.31 10.32
N LYS A 60 -1.83 -2.76 9.10
CA LYS A 60 -0.74 -3.21 8.23
C LYS A 60 0.21 -2.05 7.92
N GLY A 61 -0.33 -1.01 7.29
CA GLY A 61 0.49 0.14 6.94
C GLY A 61 -0.13 0.97 5.83
N LEU A 62 -1.46 1.12 5.87
CA LEU A 62 -2.16 1.89 4.86
C LEU A 62 -2.83 3.12 5.47
N LYS A 63 -3.00 4.16 4.67
CA LYS A 63 -3.63 5.39 5.14
C LYS A 63 -4.24 6.17 3.97
N ALA A 64 -5.29 6.93 4.27
CA ALA A 64 -5.96 7.73 3.25
C ALA A 64 -5.04 8.82 2.70
N GLY A 65 -4.35 8.52 1.61
CA GLY A 65 -3.45 9.50 1.01
C GLY A 65 -2.12 8.88 0.64
N ASP A 66 -2.14 7.61 0.26
CA ASP A 66 -0.91 6.91 -0.13
C ASP A 66 -0.91 6.61 -1.62
N GLU A 67 0.23 6.13 -2.13
CA GLU A 67 0.36 5.81 -3.54
C GLU A 67 0.78 4.35 -3.73
N ILE A 68 -0.03 3.60 -4.45
CA ILE A 68 0.25 2.19 -4.71
C ILE A 68 1.13 2.03 -5.95
N LEU A 69 2.26 1.36 -5.77
CA LEU A 69 3.19 1.13 -6.88
C LEU A 69 2.78 -0.09 -7.70
N GLU A 70 2.32 -1.13 -7.00
CA GLU A 70 1.89 -2.36 -7.67
C GLU A 70 0.81 -3.06 -6.86
N ILE A 71 0.01 -3.89 -7.53
CA ILE A 71 -1.06 -4.62 -6.88
C ILE A 71 -1.12 -6.06 -7.36
N ASN A 72 -0.76 -6.99 -6.49
CA ASN A 72 -0.77 -8.41 -6.83
C ASN A 72 0.19 -8.71 -7.97
N ASN A 73 1.39 -8.13 -7.90
CA ASN A 73 2.40 -8.33 -8.93
C ASN A 73 1.92 -7.76 -10.27
N ARG A 74 1.22 -6.64 -10.21
CA ARG A 74 0.72 -5.99 -11.41
C ARG A 74 0.88 -4.47 -11.34
N ALA A 75 1.19 -3.85 -12.47
CA ALA A 75 1.39 -2.41 -12.53
C ALA A 75 0.05 -1.68 -12.37
N ALA A 76 -0.02 -0.82 -11.35
CA ALA A 76 -1.24 -0.06 -11.10
C ALA A 76 -1.71 0.67 -12.36
N ASP A 77 -0.78 1.36 -13.02
CA ASP A 77 -1.08 2.10 -14.23
C ASP A 77 -1.69 1.18 -15.28
N ALA A 78 -1.24 -0.07 -15.30
CA ALA A 78 -1.74 -1.05 -16.26
C ALA A 78 -3.16 -1.48 -15.92
N LEU A 79 -3.49 -1.46 -14.63
CA LEU A 79 -4.82 -1.85 -14.16
C LEU A 79 -5.79 -0.67 -14.25
N ASN A 80 -6.98 -0.95 -14.77
CA ASN A 80 -8.00 0.08 -14.90
C ASN A 80 -9.06 -0.05 -13.80
N SER A 81 -9.89 0.98 -13.67
CA SER A 81 -10.94 0.99 -12.66
C SER A 81 -11.60 -0.38 -12.56
N SER A 82 -11.85 -1.00 -13.71
CA SER A 82 -12.48 -2.32 -13.74
C SER A 82 -11.60 -3.36 -13.05
N MET A 83 -10.39 -3.53 -13.54
CA MET A 83 -9.45 -4.50 -12.97
C MET A 83 -9.32 -4.30 -11.46
N LEU A 84 -9.05 -3.06 -11.06
CA LEU A 84 -8.89 -2.73 -9.64
C LEU A 84 -10.07 -3.27 -8.84
N LYS A 85 -11.28 -2.85 -9.21
CA LYS A 85 -12.49 -3.29 -8.52
C LYS A 85 -12.37 -4.76 -8.10
N ASP A 86 -11.96 -5.60 -9.04
CA ASP A 86 -11.80 -7.03 -8.77
C ASP A 86 -10.77 -7.27 -7.68
N PHE A 87 -9.59 -6.66 -7.84
CA PHE A 87 -8.52 -6.81 -6.87
C PHE A 87 -9.02 -6.55 -5.46
N LEU A 88 -9.82 -5.51 -5.30
CA LEU A 88 -10.36 -5.15 -4.00
C LEU A 88 -11.39 -6.18 -3.54
N SER A 89 -12.01 -6.86 -4.50
CA SER A 89 -13.01 -7.88 -4.19
C SER A 89 -12.36 -9.25 -3.99
N GLN A 90 -11.14 -9.23 -3.46
CA GLN A 90 -10.40 -10.47 -3.21
C GLN A 90 -10.02 -10.60 -1.74
N PRO A 91 -9.92 -11.84 -1.26
CA PRO A 91 -9.56 -12.13 0.13
C PRO A 91 -8.10 -11.79 0.43
N SER A 92 -7.26 -11.86 -0.59
CA SER A 92 -5.84 -11.57 -0.44
C SER A 92 -5.39 -10.52 -1.45
N LEU A 93 -4.59 -9.56 -0.98
CA LEU A 93 -4.08 -8.50 -1.83
C LEU A 93 -2.68 -8.07 -1.42
N GLY A 94 -1.79 -7.96 -2.40
CA GLY A 94 -0.42 -7.57 -2.11
C GLY A 94 -0.07 -6.22 -2.70
N LEU A 95 -0.20 -5.17 -1.89
CA LEU A 95 0.11 -3.82 -2.33
C LEU A 95 1.56 -3.45 -2.01
N LEU A 96 2.21 -2.76 -2.95
CA LEU A 96 3.60 -2.34 -2.76
C LEU A 96 3.69 -0.83 -2.60
N VAL A 97 3.88 -0.37 -1.38
CA VAL A 97 3.98 1.06 -1.10
C VAL A 97 5.34 1.40 -0.48
N ARG A 98 5.71 2.67 -0.52
CA ARG A 98 6.98 3.12 0.03
C ARG A 98 6.76 3.87 1.34
N THR A 99 7.67 3.66 2.30
CA THR A 99 7.58 4.32 3.59
C THR A 99 8.96 4.73 4.10
N TYR A 100 8.98 5.55 5.15
CA TYR A 100 10.24 6.01 5.73
C TYR A 100 10.79 4.99 6.70
N PRO A 101 12.11 4.73 6.61
CA PRO A 101 12.80 3.77 7.48
C PRO A 101 12.91 4.27 8.91
N GLU A 102 12.49 3.42 9.85
CA GLU A 102 12.53 3.78 11.27
C GLU A 102 13.25 2.69 12.07
N LEU A 103 13.78 3.08 13.23
CA LEU A 103 14.48 2.14 14.10
C LEU A 103 13.51 1.32 14.93
N GLU A 104 12.24 1.70 14.89
CA GLU A 104 11.21 1.00 15.64
C GLU A 104 10.10 0.50 14.72
N GLU A 105 10.10 -0.80 14.45
CA GLU A 105 9.09 -1.40 13.57
C GLU A 105 8.71 -2.80 14.06
N GLY A 106 7.44 -2.97 14.40
CA GLY A 106 6.96 -4.25 14.88
C GLY A 106 5.47 -4.26 15.15
N VAL A 107 5.04 -5.12 16.06
CA VAL A 107 3.63 -5.24 16.42
C VAL A 107 3.45 -5.25 17.93
N GLU A 108 2.38 -4.59 18.39
CA GLU A 108 2.09 -4.52 19.82
C GLU A 108 0.65 -4.06 20.06
N SER A 109 0.08 -4.48 21.18
CA SER A 109 -1.29 -4.10 21.52
C SER A 109 -1.44 -2.59 21.62
N GLY A 110 -2.66 -2.11 21.44
CA GLY A 110 -2.92 -0.68 21.51
C GLY A 110 -3.09 -0.06 20.13
N PRO A 111 -3.54 1.20 20.10
CA PRO A 111 -3.77 1.92 18.85
C PRO A 111 -2.47 2.27 18.14
N SER A 112 -2.01 1.37 17.27
CA SER A 112 -0.77 1.59 16.54
C SER A 112 0.38 1.90 17.48
N SER A 113 0.46 1.16 18.58
CA SER A 113 1.52 1.36 19.57
C SER A 113 2.83 0.78 19.07
N GLY A 114 2.82 -0.49 18.72
CA GLY A 114 4.02 -1.15 18.24
C GLY A 114 3.92 -1.55 16.79
N GLY A 1 34.44 3.96 4.80
CA GLY A 1 33.04 4.28 4.93
C GLY A 1 32.42 3.70 6.20
N SER A 2 31.09 3.58 6.19
CA SER A 2 30.38 3.04 7.35
C SER A 2 30.29 1.52 7.27
N SER A 3 31.43 0.85 7.42
CA SER A 3 31.47 -0.60 7.36
C SER A 3 31.04 -1.21 8.69
N GLY A 4 29.85 -0.81 9.15
CA GLY A 4 29.34 -1.33 10.40
C GLY A 4 27.98 -1.99 10.26
N SER A 5 27.49 -2.58 11.33
CA SER A 5 26.19 -3.25 11.32
C SER A 5 25.06 -2.24 11.44
N SER A 6 25.11 -1.43 12.49
CA SER A 6 24.08 -0.42 12.72
C SER A 6 24.55 0.96 12.27
N GLY A 7 23.64 1.72 11.68
CA GLY A 7 23.99 3.05 11.20
C GLY A 7 22.78 3.96 11.11
N GLU A 8 22.94 5.08 10.42
CA GLU A 8 21.85 6.05 10.26
C GLU A 8 21.40 6.12 8.81
N ILE A 9 20.45 7.01 8.53
CA ILE A 9 19.93 7.18 7.18
C ILE A 9 21.05 7.17 6.15
N GLU A 10 20.82 6.49 5.04
CA GLU A 10 21.81 6.41 3.97
C GLU A 10 21.34 7.15 2.73
N ILE A 11 22.29 7.53 1.88
CA ILE A 11 21.97 8.25 0.65
C ILE A 11 20.72 7.68 -0.01
N CYS A 12 20.55 6.36 0.09
CA CYS A 12 19.39 5.69 -0.50
C CYS A 12 18.10 6.37 -0.06
N PRO A 13 17.24 6.68 -1.05
CA PRO A 13 15.95 7.34 -0.78
C PRO A 13 14.96 6.40 -0.08
N LYS A 14 13.69 6.80 -0.07
CA LYS A 14 12.65 6.01 0.57
C LYS A 14 12.78 4.54 0.19
N VAL A 15 12.05 3.68 0.90
CA VAL A 15 12.09 2.25 0.64
C VAL A 15 10.71 1.72 0.28
N THR A 16 10.67 0.55 -0.34
CA THR A 16 9.40 -0.06 -0.75
C THR A 16 9.05 -1.24 0.16
N GLN A 17 7.83 -1.22 0.68
CA GLN A 17 7.37 -2.29 1.57
C GLN A 17 6.18 -3.02 0.96
N SER A 18 6.10 -4.32 1.19
CA SER A 18 5.01 -5.13 0.66
C SER A 18 3.99 -5.44 1.75
N ILE A 19 2.76 -5.01 1.53
CA ILE A 19 1.68 -5.24 2.50
C ILE A 19 0.75 -6.35 2.03
N HIS A 20 0.92 -7.53 2.63
CA HIS A 20 0.10 -8.68 2.28
C HIS A 20 -1.12 -8.78 3.20
N ILE A 21 -2.28 -8.36 2.69
CA ILE A 21 -3.50 -8.41 3.46
C ILE A 21 -4.36 -9.60 3.06
N GLU A 22 -4.82 -10.35 4.05
CA GLU A 22 -5.66 -11.53 3.81
C GLU A 22 -6.95 -11.45 4.61
N LYS A 23 -8.05 -11.87 3.99
CA LYS A 23 -9.35 -11.85 4.65
C LYS A 23 -9.97 -13.24 4.65
N SER A 24 -10.82 -13.50 5.65
CA SER A 24 -11.47 -14.80 5.77
C SER A 24 -12.75 -14.84 4.94
N ASP A 25 -13.52 -13.77 5.00
CA ASP A 25 -14.77 -13.68 4.25
C ASP A 25 -15.00 -12.26 3.73
N THR A 26 -15.25 -12.13 2.44
CA THR A 26 -15.48 -10.84 1.82
C THR A 26 -16.92 -10.38 2.03
N ALA A 27 -17.82 -11.34 2.21
CA ALA A 27 -19.23 -11.04 2.41
C ALA A 27 -19.44 -10.26 3.70
N ALA A 28 -18.65 -10.58 4.73
CA ALA A 28 -18.75 -9.90 6.01
C ALA A 28 -17.65 -8.86 6.17
N ASP A 29 -16.42 -9.32 6.38
CA ASP A 29 -15.28 -8.43 6.54
C ASP A 29 -14.78 -7.92 5.19
N THR A 30 -14.72 -6.60 5.04
CA THR A 30 -14.27 -5.99 3.80
C THR A 30 -13.12 -5.03 4.05
N TYR A 31 -12.10 -5.09 3.18
CA TYR A 31 -10.94 -4.23 3.31
C TYR A 31 -11.33 -2.85 3.83
N GLY A 32 -12.43 -2.31 3.31
CA GLY A 32 -12.89 -1.01 3.73
C GLY A 32 -12.16 0.12 3.06
N PHE A 33 -10.99 -0.18 2.50
CA PHE A 33 -10.17 0.81 1.81
C PHE A 33 -10.31 0.69 0.31
N SER A 34 -10.58 1.81 -0.36
CA SER A 34 -10.74 1.83 -1.80
C SER A 34 -9.54 2.49 -2.47
N LEU A 35 -9.54 2.49 -3.81
CA LEU A 35 -8.45 3.09 -4.57
C LEU A 35 -8.99 4.03 -5.65
N SER A 36 -8.38 5.20 -5.75
CA SER A 36 -8.81 6.19 -6.73
C SER A 36 -7.72 6.42 -7.78
N SER A 37 -8.12 6.45 -9.05
CA SER A 37 -7.18 6.65 -10.15
C SER A 37 -7.04 8.14 -10.47
N VAL A 38 -5.81 8.57 -10.72
CA VAL A 38 -5.54 9.96 -11.05
C VAL A 38 -4.47 10.07 -12.14
N GLU A 39 -4.84 10.69 -13.25
CA GLU A 39 -3.92 10.86 -14.37
C GLU A 39 -3.19 12.21 -14.27
N GLU A 40 -1.87 12.15 -14.22
CA GLU A 40 -1.04 13.35 -14.13
C GLU A 40 0.02 13.37 -15.21
N ASP A 41 -0.19 14.20 -16.23
CA ASP A 41 0.76 14.31 -17.33
C ASP A 41 0.86 13.00 -18.11
N GLY A 42 -0.27 12.31 -18.23
CA GLY A 42 -0.28 11.04 -18.94
C GLY A 42 -0.07 9.86 -18.02
N ILE A 43 0.67 10.08 -16.95
CA ILE A 43 0.94 9.02 -15.98
C ILE A 43 -0.24 8.79 -15.05
N ARG A 44 -0.84 7.60 -15.14
CA ARG A 44 -1.98 7.26 -14.32
C ARG A 44 -1.55 6.50 -13.07
N ARG A 45 -1.95 6.99 -11.90
CA ARG A 45 -1.59 6.36 -10.64
C ARG A 45 -2.83 6.17 -9.77
N LEU A 46 -2.67 5.40 -8.69
CA LEU A 46 -3.77 5.14 -7.77
C LEU A 46 -3.45 5.66 -6.38
N TYR A 47 -4.49 5.91 -5.59
CA TYR A 47 -4.31 6.41 -4.23
C TYR A 47 -5.38 5.85 -3.30
N VAL A 48 -5.02 5.67 -2.03
CA VAL A 48 -5.95 5.13 -1.04
C VAL A 48 -6.91 6.21 -0.55
N ASN A 49 -8.08 6.28 -1.19
CA ASN A 49 -9.09 7.27 -0.82
C ASN A 49 -9.40 7.20 0.67
N SER A 50 -9.80 6.02 1.13
CA SER A 50 -10.14 5.80 2.53
C SER A 50 -9.62 4.46 3.02
N VAL A 51 -9.70 4.23 4.33
CA VAL A 51 -9.24 2.99 4.93
C VAL A 51 -10.08 2.63 6.15
N LYS A 52 -10.20 1.33 6.42
CA LYS A 52 -10.97 0.85 7.56
C LYS A 52 -10.26 1.19 8.87
N GLU A 53 -10.92 2.01 9.68
CA GLU A 53 -10.36 2.41 10.98
C GLU A 53 -10.02 1.18 11.82
N THR A 54 -10.86 0.16 11.73
CA THR A 54 -10.66 -1.08 12.49
C THR A 54 -10.61 -2.28 11.56
N GLY A 55 -9.63 -2.31 10.67
CA GLY A 55 -9.50 -3.41 9.74
C GLY A 55 -8.07 -3.94 9.67
N LEU A 56 -7.74 -4.57 8.55
CA LEU A 56 -6.41 -5.12 8.35
C LEU A 56 -5.47 -4.08 7.74
N ALA A 57 -5.85 -3.56 6.57
CA ALA A 57 -5.06 -2.55 5.89
C ALA A 57 -4.41 -1.59 6.88
N SER A 58 -5.23 -0.74 7.49
CA SER A 58 -4.74 0.23 8.46
C SER A 58 -3.69 -0.39 9.37
N LYS A 59 -4.05 -1.48 10.03
CA LYS A 59 -3.14 -2.18 10.93
C LYS A 59 -1.79 -2.41 10.27
N LYS A 60 -1.80 -3.12 9.15
CA LYS A 60 -0.57 -3.42 8.41
C LYS A 60 0.29 -2.16 8.28
N GLY A 61 -0.26 -1.12 7.67
CA GLY A 61 0.47 0.11 7.50
C GLY A 61 -0.24 1.09 6.58
N LEU A 62 -1.10 0.57 5.71
CA LEU A 62 -1.85 1.40 4.78
C LEU A 62 -2.48 2.59 5.49
N LYS A 63 -2.86 3.60 4.72
CA LYS A 63 -3.48 4.80 5.28
C LYS A 63 -4.03 5.69 4.17
N ALA A 64 -5.10 6.42 4.48
CA ALA A 64 -5.72 7.32 3.51
C ALA A 64 -4.70 8.28 2.92
N GLY A 65 -4.37 8.10 1.64
CA GLY A 65 -3.41 8.96 0.99
C GLY A 65 -2.22 8.20 0.45
N ASP A 66 -2.01 7.00 0.98
CA ASP A 66 -0.89 6.16 0.55
C ASP A 66 -0.86 6.04 -0.98
N GLU A 67 0.34 6.07 -1.54
CA GLU A 67 0.52 5.97 -2.98
C GLU A 67 0.87 4.54 -3.39
N ILE A 68 -0.02 3.90 -4.14
CA ILE A 68 0.20 2.54 -4.60
C ILE A 68 1.14 2.49 -5.79
N LEU A 69 2.09 1.57 -5.77
CA LEU A 69 3.04 1.43 -6.86
C LEU A 69 2.73 0.20 -7.70
N GLU A 70 2.46 -0.92 -7.03
CA GLU A 70 2.15 -2.17 -7.72
C GLU A 70 1.10 -2.97 -6.95
N ILE A 71 0.41 -3.87 -7.65
CA ILE A 71 -0.62 -4.70 -7.03
C ILE A 71 -0.53 -6.14 -7.53
N ASN A 72 -0.03 -7.02 -6.67
CA ASN A 72 0.09 -8.43 -7.03
C ASN A 72 0.98 -8.61 -8.26
N ASN A 73 2.04 -7.83 -8.33
CA ASN A 73 2.96 -7.90 -9.46
C ASN A 73 2.34 -7.29 -10.71
N ARG A 74 1.59 -6.21 -10.52
CA ARG A 74 0.94 -5.53 -11.64
C ARG A 74 1.08 -4.02 -11.52
N ALA A 75 1.35 -3.36 -12.64
CA ALA A 75 1.52 -1.91 -12.65
C ALA A 75 0.18 -1.21 -12.47
N ALA A 76 0.10 -0.34 -11.46
CA ALA A 76 -1.12 0.40 -11.18
C ALA A 76 -1.64 1.11 -12.43
N ASP A 77 -0.72 1.47 -13.31
CA ASP A 77 -1.08 2.16 -14.55
C ASP A 77 -1.75 1.20 -15.53
N ALA A 78 -1.32 -0.06 -15.49
CA ALA A 78 -1.89 -1.07 -16.38
C ALA A 78 -3.21 -1.58 -15.86
N LEU A 79 -3.45 -1.41 -14.56
CA LEU A 79 -4.69 -1.85 -13.94
C LEU A 79 -5.79 -0.80 -14.09
N ASN A 80 -6.95 -1.24 -14.56
CA ASN A 80 -8.08 -0.34 -14.76
C ASN A 80 -9.21 -0.67 -13.78
N SER A 81 -10.21 0.20 -13.74
CA SER A 81 -11.35 0.02 -12.85
C SER A 81 -11.76 -1.45 -12.79
N SER A 82 -12.01 -2.04 -13.96
CA SER A 82 -12.40 -3.43 -14.04
C SER A 82 -11.50 -4.32 -13.19
N MET A 83 -10.25 -4.46 -13.63
CA MET A 83 -9.28 -5.27 -12.91
C MET A 83 -9.28 -4.93 -11.43
N LEU A 84 -9.07 -3.66 -11.12
CA LEU A 84 -9.05 -3.20 -9.73
C LEU A 84 -10.22 -3.77 -8.95
N LYS A 85 -11.42 -3.66 -9.52
CA LYS A 85 -12.63 -4.17 -8.87
C LYS A 85 -12.48 -5.65 -8.56
N ASP A 86 -12.05 -6.43 -9.54
CA ASP A 86 -11.87 -7.86 -9.36
C ASP A 86 -10.78 -8.15 -8.34
N PHE A 87 -9.79 -7.26 -8.27
CA PHE A 87 -8.69 -7.42 -7.33
C PHE A 87 -9.15 -7.15 -5.90
N LEU A 88 -10.10 -6.23 -5.75
CA LEU A 88 -10.61 -5.88 -4.44
C LEU A 88 -11.68 -6.87 -3.98
N SER A 89 -12.22 -7.63 -4.94
CA SER A 89 -13.25 -8.62 -4.64
C SER A 89 -12.63 -9.87 -4.02
N GLN A 90 -11.31 -9.90 -3.95
CA GLN A 90 -10.60 -11.04 -3.38
C GLN A 90 -10.25 -10.79 -1.92
N PRO A 91 -10.26 -11.88 -1.12
CA PRO A 91 -9.95 -11.80 0.30
C PRO A 91 -8.48 -11.47 0.57
N SER A 92 -7.62 -11.75 -0.42
CA SER A 92 -6.20 -11.49 -0.29
C SER A 92 -5.73 -10.51 -1.35
N LEU A 93 -4.75 -9.69 -0.99
CA LEU A 93 -4.21 -8.69 -1.91
C LEU A 93 -2.80 -8.28 -1.51
N GLY A 94 -2.01 -7.87 -2.49
CA GLY A 94 -0.64 -7.44 -2.20
C GLY A 94 -0.32 -6.09 -2.80
N LEU A 95 -0.28 -5.07 -1.96
CA LEU A 95 0.02 -3.71 -2.41
C LEU A 95 1.49 -3.37 -2.17
N LEU A 96 1.97 -2.33 -2.84
CA LEU A 96 3.36 -1.90 -2.71
C LEU A 96 3.44 -0.39 -2.55
N VAL A 97 3.75 0.06 -1.34
CA VAL A 97 3.86 1.49 -1.07
C VAL A 97 5.29 1.86 -0.67
N ARG A 98 5.62 3.14 -0.78
CA ARG A 98 6.95 3.63 -0.44
C ARG A 98 6.92 4.45 0.85
N THR A 99 7.83 4.15 1.77
CA THR A 99 7.90 4.85 3.04
C THR A 99 9.34 5.25 3.36
N TYR A 100 9.50 6.08 4.39
CA TYR A 100 10.82 6.54 4.80
C TYR A 100 11.42 5.61 5.84
N PRO A 101 12.70 5.26 5.65
CA PRO A 101 13.42 4.37 6.56
C PRO A 101 13.71 5.03 7.91
N GLU A 102 13.63 4.25 8.97
CA GLU A 102 13.87 4.75 10.32
C GLU A 102 14.79 3.81 11.10
N LEU A 103 15.12 4.20 12.32
CA LEU A 103 15.98 3.39 13.17
C LEU A 103 15.19 2.29 13.87
N GLU A 104 14.29 1.66 13.14
CA GLU A 104 13.47 0.59 13.70
C GLU A 104 13.68 -0.71 12.92
N GLU A 105 14.87 -1.28 13.04
CA GLU A 105 15.20 -2.52 12.36
C GLU A 105 15.71 -3.57 13.36
N GLY A 106 15.43 -4.83 13.07
CA GLY A 106 15.87 -5.90 13.94
C GLY A 106 15.25 -5.82 15.32
N VAL A 107 15.77 -4.92 16.15
CA VAL A 107 15.27 -4.74 17.51
C VAL A 107 13.98 -3.92 17.51
N GLU A 108 12.94 -4.47 18.13
CA GLU A 108 11.65 -3.79 18.20
C GLU A 108 11.49 -3.08 19.54
N SER A 109 11.13 -1.80 19.48
CA SER A 109 10.94 -1.01 20.70
C SER A 109 9.59 -1.32 21.34
N GLY A 110 9.47 -2.50 21.92
CA GLY A 110 8.23 -2.90 22.56
C GLY A 110 8.38 -4.13 23.44
N PRO A 111 7.63 -5.19 23.13
CA PRO A 111 7.67 -6.44 23.88
C PRO A 111 8.99 -7.19 23.69
N SER A 112 9.30 -8.08 24.63
CA SER A 112 10.53 -8.86 24.55
C SER A 112 10.23 -10.35 24.57
N SER A 113 11.13 -11.14 23.99
CA SER A 113 10.95 -12.58 23.93
C SER A 113 12.08 -13.29 24.69
N GLY A 114 11.82 -14.54 25.09
CA GLY A 114 12.82 -15.30 25.81
C GLY A 114 12.81 -16.77 25.42
N GLY A 1 14.48 7.98 -32.11
CA GLY A 1 14.60 6.55 -31.94
C GLY A 1 14.14 6.08 -30.58
N SER A 2 14.29 4.78 -30.33
CA SER A 2 13.87 4.21 -29.05
C SER A 2 15.05 4.09 -28.09
N SER A 3 15.08 4.94 -27.07
CA SER A 3 16.17 4.93 -26.09
C SER A 3 15.64 5.28 -24.70
N GLY A 4 16.24 4.68 -23.68
CA GLY A 4 15.83 4.95 -22.32
C GLY A 4 16.22 3.83 -21.37
N SER A 5 15.79 3.95 -20.11
CA SER A 5 16.11 2.94 -19.11
C SER A 5 15.02 2.87 -18.05
N SER A 6 14.94 1.74 -17.36
CA SER A 6 13.94 1.53 -16.32
C SER A 6 14.35 2.23 -15.02
N GLY A 7 13.94 3.48 -14.87
CA GLY A 7 14.27 4.24 -13.67
C GLY A 7 13.10 5.05 -13.15
N GLU A 8 12.55 4.64 -12.02
CA GLU A 8 11.42 5.34 -11.42
C GLU A 8 11.71 5.68 -9.95
N ILE A 9 12.93 6.14 -9.69
CA ILE A 9 13.32 6.51 -8.33
C ILE A 9 13.36 8.03 -8.17
N GLU A 10 12.84 8.50 -7.03
CA GLU A 10 12.81 9.94 -6.74
C GLU A 10 13.95 10.32 -5.81
N ILE A 11 14.36 11.58 -5.87
CA ILE A 11 15.43 12.08 -5.02
C ILE A 11 15.23 11.67 -3.57
N CYS A 12 14.09 12.08 -3.00
CA CYS A 12 13.78 11.74 -1.63
C CYS A 12 13.97 10.25 -1.35
N PRO A 13 14.62 9.94 -0.23
CA PRO A 13 14.89 8.55 0.17
C PRO A 13 13.62 7.81 0.58
N LYS A 14 13.17 6.90 -0.28
CA LYS A 14 11.98 6.11 -0.02
C LYS A 14 12.25 4.62 -0.18
N VAL A 15 11.74 3.82 0.74
CA VAL A 15 11.92 2.38 0.69
C VAL A 15 10.61 1.67 0.36
N THR A 16 10.73 0.51 -0.30
CA THR A 16 9.55 -0.26 -0.67
C THR A 16 9.16 -1.24 0.42
N GLN A 17 7.87 -1.25 0.77
CA GLN A 17 7.37 -2.14 1.81
C GLN A 17 6.19 -2.97 1.30
N SER A 18 6.32 -4.28 1.40
CA SER A 18 5.27 -5.19 0.94
C SER A 18 4.22 -5.40 2.03
N ILE A 19 2.98 -5.10 1.71
CA ILE A 19 1.89 -5.26 2.66
C ILE A 19 0.80 -6.18 2.10
N HIS A 20 0.78 -7.42 2.58
CA HIS A 20 -0.21 -8.40 2.14
C HIS A 20 -1.35 -8.50 3.13
N ILE A 21 -2.55 -8.18 2.67
CA ILE A 21 -3.74 -8.23 3.51
C ILE A 21 -4.52 -9.51 3.29
N GLU A 22 -4.88 -10.20 4.37
CA GLU A 22 -5.62 -11.44 4.29
C GLU A 22 -6.95 -11.33 5.04
N LYS A 23 -8.04 -11.67 4.37
CA LYS A 23 -9.36 -11.61 4.97
C LYS A 23 -9.69 -12.91 5.71
N SER A 24 -10.64 -12.84 6.64
CA SER A 24 -11.03 -14.01 7.41
C SER A 24 -12.21 -14.72 6.77
N ASP A 25 -13.30 -13.98 6.56
CA ASP A 25 -14.49 -14.54 5.96
C ASP A 25 -15.01 -13.63 4.84
N THR A 26 -14.49 -13.82 3.64
CA THR A 26 -14.88 -13.01 2.49
C THR A 26 -16.39 -12.76 2.49
N ALA A 27 -17.16 -13.84 2.66
CA ALA A 27 -18.62 -13.74 2.68
C ALA A 27 -19.06 -12.43 3.32
N ALA A 28 -18.64 -12.20 4.56
CA ALA A 28 -19.00 -10.99 5.28
C ALA A 28 -17.85 -10.00 5.31
N ASP A 29 -16.70 -10.46 5.80
CA ASP A 29 -15.51 -9.62 5.88
C ASP A 29 -15.16 -9.04 4.51
N THR A 30 -14.92 -7.73 4.47
CA THR A 30 -14.57 -7.06 3.22
C THR A 30 -13.74 -5.80 3.48
N TYR A 31 -12.80 -5.53 2.59
CA TYR A 31 -11.93 -4.36 2.72
C TYR A 31 -12.76 -3.08 2.76
N GLY A 32 -12.12 -2.00 3.22
CA GLY A 32 -12.81 -0.72 3.30
C GLY A 32 -11.96 0.43 2.78
N PHE A 33 -10.91 0.09 2.05
CA PHE A 33 -10.01 1.11 1.50
C PHE A 33 -10.28 1.33 0.02
N SER A 34 -10.45 2.59 -0.37
CA SER A 34 -10.73 2.94 -1.75
C SER A 34 -9.47 3.43 -2.46
N LEU A 35 -9.53 3.53 -3.78
CA LEU A 35 -8.39 3.99 -4.56
C LEU A 35 -8.82 5.02 -5.60
N SER A 36 -8.18 6.18 -5.56
CA SER A 36 -8.50 7.26 -6.49
C SER A 36 -7.46 7.35 -7.60
N SER A 37 -7.91 7.45 -8.84
CA SER A 37 -7.02 7.54 -9.99
C SER A 37 -6.63 8.99 -10.26
N VAL A 38 -5.34 9.20 -10.53
CA VAL A 38 -4.83 10.54 -10.80
C VAL A 38 -3.83 10.53 -11.95
N GLU A 39 -4.19 11.20 -13.05
CA GLU A 39 -3.32 11.25 -14.22
C GLU A 39 -2.51 12.55 -14.23
N GLU A 40 -1.24 12.44 -14.60
CA GLU A 40 -0.37 13.61 -14.65
C GLU A 40 0.67 13.46 -15.77
N ASP A 41 0.55 14.29 -16.79
CA ASP A 41 1.47 14.26 -17.92
C ASP A 41 1.36 12.93 -18.66
N GLY A 42 0.21 12.30 -18.58
CA GLY A 42 0.00 11.03 -19.24
C GLY A 42 0.09 9.85 -18.29
N ILE A 43 0.89 10.00 -17.24
CA ILE A 43 1.07 8.94 -16.25
C ILE A 43 -0.12 8.88 -15.30
N ARG A 44 -0.79 7.73 -15.27
CA ARG A 44 -1.93 7.53 -14.40
C ARG A 44 -1.65 6.46 -13.35
N ARG A 45 -1.93 6.78 -12.09
CA ARG A 45 -1.70 5.84 -11.00
C ARG A 45 -2.86 5.88 -10.00
N LEU A 46 -2.84 4.96 -9.04
CA LEU A 46 -3.89 4.89 -8.03
C LEU A 46 -3.34 5.28 -6.66
N TYR A 47 -4.19 5.91 -5.85
CA TYR A 47 -3.78 6.33 -4.51
C TYR A 47 -4.89 6.07 -3.50
N VAL A 48 -4.51 5.56 -2.34
CA VAL A 48 -5.47 5.26 -1.27
C VAL A 48 -6.20 6.52 -0.81
N ASN A 49 -7.50 6.54 -1.01
CA ASN A 49 -8.32 7.69 -0.63
C ASN A 49 -8.70 7.61 0.85
N SER A 50 -9.24 6.46 1.25
CA SER A 50 -9.65 6.25 2.64
C SER A 50 -9.34 4.83 3.09
N VAL A 51 -9.33 4.62 4.40
CA VAL A 51 -9.05 3.30 4.96
C VAL A 51 -9.85 3.06 6.23
N LYS A 52 -10.41 1.86 6.35
CA LYS A 52 -11.20 1.50 7.53
C LYS A 52 -10.30 1.16 8.71
N GLU A 53 -10.57 1.80 9.85
CA GLU A 53 -9.78 1.56 11.05
C GLU A 53 -9.90 0.11 11.51
N THR A 54 -11.14 -0.32 11.74
CA THR A 54 -11.40 -1.69 12.18
C THR A 54 -11.30 -2.67 11.02
N GLY A 55 -10.21 -2.58 10.26
CA GLY A 55 -10.02 -3.46 9.13
C GLY A 55 -8.71 -4.21 9.20
N LEU A 56 -8.04 -4.33 8.06
CA LEU A 56 -6.76 -5.02 7.99
C LEU A 56 -5.68 -4.14 7.39
N ALA A 57 -6.09 -3.25 6.48
CA ALA A 57 -5.15 -2.33 5.84
C ALA A 57 -4.65 -1.28 6.81
N SER A 58 -5.56 -0.74 7.61
CA SER A 58 -5.20 0.28 8.60
C SER A 58 -4.15 -0.24 9.56
N LYS A 59 -4.33 -1.48 10.02
CA LYS A 59 -3.40 -2.10 10.95
C LYS A 59 -2.17 -2.61 10.22
N LYS A 60 -2.38 -3.27 9.08
CA LYS A 60 -1.28 -3.80 8.28
C LYS A 60 -0.24 -2.73 8.01
N GLY A 61 -0.70 -1.58 7.50
CA GLY A 61 0.22 -0.50 7.20
C GLY A 61 -0.27 0.37 6.06
N LEU A 62 -1.54 0.78 6.13
CA LEU A 62 -2.14 1.62 5.09
C LEU A 62 -2.84 2.82 5.71
N LYS A 63 -2.85 3.93 4.98
CA LYS A 63 -3.49 5.15 5.45
C LYS A 63 -3.99 5.99 4.27
N ALA A 64 -4.93 6.88 4.55
CA ALA A 64 -5.48 7.75 3.51
C ALA A 64 -4.47 8.79 3.06
N GLY A 65 -3.71 8.45 2.02
CA GLY A 65 -2.71 9.37 1.51
C GLY A 65 -1.46 8.65 1.04
N ASP A 66 -1.63 7.45 0.49
CA ASP A 66 -0.50 6.67 0.00
C ASP A 66 -0.72 6.25 -1.45
N GLU A 67 0.35 6.23 -2.23
CA GLU A 67 0.29 5.85 -3.63
C GLU A 67 0.62 4.39 -3.82
N ILE A 68 -0.11 3.72 -4.72
CA ILE A 68 0.13 2.31 -4.99
C ILE A 68 0.93 2.12 -6.27
N LEU A 69 2.13 1.57 -6.13
CA LEU A 69 3.00 1.33 -7.28
C LEU A 69 2.56 0.10 -8.05
N GLU A 70 2.38 -1.01 -7.34
CA GLU A 70 1.96 -2.26 -7.94
C GLU A 70 0.91 -2.97 -7.09
N ILE A 71 0.06 -3.76 -7.73
CA ILE A 71 -0.99 -4.49 -7.03
C ILE A 71 -0.98 -5.97 -7.41
N ASN A 72 -0.44 -6.80 -6.54
CA ASN A 72 -0.37 -8.23 -6.79
C ASN A 72 0.43 -8.53 -8.05
N ASN A 73 1.58 -7.88 -8.18
CA ASN A 73 2.44 -8.08 -9.35
C ASN A 73 1.79 -7.51 -10.61
N ARG A 74 1.19 -6.33 -10.47
CA ARG A 74 0.53 -5.68 -11.59
C ARG A 74 0.70 -4.16 -11.51
N ALA A 75 1.04 -3.55 -12.64
CA ALA A 75 1.23 -2.11 -12.71
C ALA A 75 -0.10 -1.37 -12.56
N ALA A 76 -0.17 -0.46 -11.59
CA ALA A 76 -1.38 0.30 -11.34
C ALA A 76 -1.94 0.88 -12.65
N ASP A 77 -1.12 1.65 -13.36
CA ASP A 77 -1.54 2.25 -14.61
C ASP A 77 -2.20 1.21 -15.51
N ALA A 78 -1.61 0.03 -15.57
CA ALA A 78 -2.15 -1.06 -16.40
C ALA A 78 -3.52 -1.49 -15.90
N LEU A 79 -3.71 -1.46 -14.59
CA LEU A 79 -4.99 -1.86 -13.99
C LEU A 79 -6.02 -0.74 -14.12
N ASN A 80 -7.19 -1.09 -14.65
CA ASN A 80 -8.27 -0.12 -14.83
C ASN A 80 -9.38 -0.35 -13.81
N SER A 81 -10.29 0.61 -13.71
CA SER A 81 -11.40 0.53 -12.78
C SER A 81 -11.94 -0.90 -12.69
N SER A 82 -11.95 -1.58 -13.84
CA SER A 82 -12.45 -2.95 -13.90
C SER A 82 -11.55 -3.89 -13.10
N MET A 83 -10.31 -4.05 -13.56
CA MET A 83 -9.36 -4.92 -12.90
C MET A 83 -9.31 -4.64 -11.40
N LEU A 84 -9.12 -3.37 -11.05
CA LEU A 84 -9.07 -2.97 -9.65
C LEU A 84 -10.24 -3.55 -8.86
N LYS A 85 -11.43 -3.46 -9.43
CA LYS A 85 -12.63 -3.99 -8.79
C LYS A 85 -12.41 -5.42 -8.31
N ASP A 86 -11.93 -6.26 -9.22
CA ASP A 86 -11.68 -7.66 -8.89
C ASP A 86 -10.78 -7.78 -7.66
N PHE A 87 -9.61 -7.17 -7.73
CA PHE A 87 -8.66 -7.20 -6.63
C PHE A 87 -9.36 -6.90 -5.31
N LEU A 88 -9.98 -5.73 -5.22
CA LEU A 88 -10.68 -5.32 -4.02
C LEU A 88 -11.69 -6.37 -3.58
N SER A 89 -12.07 -7.24 -4.52
CA SER A 89 -13.04 -8.30 -4.24
C SER A 89 -12.33 -9.64 -4.09
N GLN A 90 -11.14 -9.61 -3.50
CA GLN A 90 -10.36 -10.83 -3.30
C GLN A 90 -10.09 -11.05 -1.81
N PRO A 91 -9.90 -12.33 -1.42
CA PRO A 91 -9.63 -12.70 -0.04
C PRO A 91 -8.26 -12.26 0.43
N SER A 92 -7.32 -12.18 -0.51
CA SER A 92 -5.95 -11.77 -0.19
C SER A 92 -5.42 -10.81 -1.25
N LEU A 93 -4.92 -9.65 -0.81
CA LEU A 93 -4.37 -8.66 -1.73
C LEU A 93 -2.95 -8.28 -1.32
N GLY A 94 -2.12 -7.98 -2.32
CA GLY A 94 -0.74 -7.60 -2.05
C GLY A 94 -0.36 -6.30 -2.73
N LEU A 95 -0.40 -5.20 -1.97
CA LEU A 95 -0.05 -3.90 -2.51
C LEU A 95 1.42 -3.58 -2.26
N LEU A 96 1.93 -2.57 -2.96
CA LEU A 96 3.33 -2.17 -2.81
C LEU A 96 3.44 -0.65 -2.68
N VAL A 97 3.66 -0.17 -1.46
CA VAL A 97 3.79 1.25 -1.20
C VAL A 97 5.19 1.60 -0.69
N ARG A 98 5.55 2.87 -0.80
CA ARG A 98 6.85 3.33 -0.34
C ARG A 98 6.74 4.14 0.95
N THR A 99 7.80 4.15 1.74
CA THR A 99 7.82 4.88 3.00
C THR A 99 9.23 5.37 3.34
N TYR A 100 9.30 6.37 4.21
CA TYR A 100 10.59 6.92 4.62
C TYR A 100 11.19 6.12 5.77
N PRO A 101 12.49 5.80 5.66
CA PRO A 101 13.22 5.04 6.67
C PRO A 101 13.42 5.83 7.96
N GLU A 102 12.87 5.31 9.06
CA GLU A 102 13.00 5.97 10.35
C GLU A 102 13.03 4.94 11.49
N LEU A 103 13.06 5.43 12.72
CA LEU A 103 13.10 4.55 13.89
C LEU A 103 11.69 4.08 14.25
N GLU A 104 10.72 4.41 13.41
CA GLU A 104 9.34 4.02 13.64
C GLU A 104 8.95 2.84 12.75
N GLU A 105 9.73 1.77 12.81
CA GLU A 105 9.47 0.57 12.01
C GLU A 105 9.28 -0.65 12.90
N GLY A 106 8.08 -1.22 12.84
CA GLY A 106 7.78 -2.40 13.64
C GLY A 106 6.40 -2.33 14.27
N VAL A 107 5.62 -3.40 14.09
CA VAL A 107 4.27 -3.45 14.65
C VAL A 107 4.28 -3.18 16.14
N GLU A 108 3.44 -2.25 16.58
CA GLU A 108 3.35 -1.90 17.99
C GLU A 108 2.00 -1.27 18.31
N SER A 109 1.40 -1.68 19.44
CA SER A 109 0.12 -1.16 19.85
C SER A 109 0.18 0.35 20.07
N GLY A 110 -0.98 0.94 20.37
CA GLY A 110 -1.03 2.38 20.58
C GLY A 110 -1.60 2.73 21.94
N PRO A 111 -0.74 2.71 22.98
CA PRO A 111 -1.15 3.03 24.36
C PRO A 111 -1.48 4.50 24.53
N SER A 112 -2.74 4.85 24.31
CA SER A 112 -3.19 6.23 24.44
C SER A 112 -3.71 6.50 25.85
N SER A 113 -3.68 7.77 26.25
CA SER A 113 -4.14 8.16 27.58
C SER A 113 -5.52 7.60 27.86
N GLY A 114 -5.58 6.54 28.66
CA GLY A 114 -6.85 5.92 28.99
C GLY A 114 -7.17 4.72 28.11
N GLY A 1 25.11 -5.40 -17.76
CA GLY A 1 25.49 -4.03 -18.06
C GLY A 1 25.20 -3.07 -16.92
N SER A 2 23.96 -3.08 -16.45
CA SER A 2 23.55 -2.20 -15.36
C SER A 2 23.86 -2.84 -14.01
N SER A 3 24.35 -2.03 -13.07
CA SER A 3 24.69 -2.51 -11.75
C SER A 3 23.54 -3.31 -11.15
N GLY A 4 23.81 -4.56 -10.78
CA GLY A 4 22.79 -5.41 -10.21
C GLY A 4 21.99 -4.71 -9.13
N SER A 5 20.75 -5.15 -8.94
CA SER A 5 19.88 -4.55 -7.94
C SER A 5 20.62 -4.36 -6.61
N SER A 6 21.14 -5.46 -6.08
CA SER A 6 21.87 -5.42 -4.82
C SER A 6 22.91 -4.32 -4.82
N GLY A 7 22.78 -3.37 -3.88
CA GLY A 7 23.72 -2.28 -3.79
C GLY A 7 23.66 -1.57 -2.46
N GLU A 8 24.46 -0.52 -2.31
CA GLU A 8 24.49 0.25 -1.07
C GLU A 8 23.21 1.05 -0.88
N ILE A 9 22.63 0.96 0.31
CA ILE A 9 21.41 1.68 0.62
C ILE A 9 21.68 2.93 1.44
N GLU A 10 20.76 3.89 1.39
CA GLU A 10 20.91 5.13 2.14
C GLU A 10 19.60 5.52 2.83
N ILE A 11 19.69 6.45 3.77
CA ILE A 11 18.51 6.89 4.51
C ILE A 11 17.84 8.07 3.80
N CYS A 12 18.62 8.80 3.02
CA CYS A 12 18.10 9.95 2.28
C CYS A 12 16.87 9.56 1.45
N PRO A 13 17.07 8.61 0.52
CA PRO A 13 15.99 8.13 -0.35
C PRO A 13 14.96 7.30 0.40
N LYS A 14 13.97 6.79 -0.32
CA LYS A 14 12.91 5.99 0.28
C LYS A 14 13.13 4.50 -0.01
N VAL A 15 12.28 3.67 0.58
CA VAL A 15 12.38 2.22 0.39
C VAL A 15 11.03 1.63 0.01
N THR A 16 11.06 0.40 -0.52
CA THR A 16 9.84 -0.28 -0.93
C THR A 16 9.33 -1.19 0.19
N GLN A 17 8.05 -1.06 0.51
CA GLN A 17 7.45 -1.87 1.56
C GLN A 17 6.33 -2.75 1.00
N SER A 18 6.41 -4.05 1.27
CA SER A 18 5.41 -4.99 0.78
C SER A 18 4.28 -5.17 1.81
N ILE A 19 3.05 -4.92 1.37
CA ILE A 19 1.89 -5.05 2.24
C ILE A 19 0.82 -5.94 1.61
N HIS A 20 0.64 -7.13 2.16
CA HIS A 20 -0.35 -8.07 1.66
C HIS A 20 -1.45 -8.30 2.69
N ILE A 21 -2.69 -8.10 2.27
CA ILE A 21 -3.84 -8.28 3.15
C ILE A 21 -4.55 -9.60 2.85
N GLU A 22 -5.15 -10.18 3.88
CA GLU A 22 -5.87 -11.44 3.73
C GLU A 22 -7.04 -11.53 4.70
N LYS A 23 -8.25 -11.60 4.16
CA LYS A 23 -9.45 -11.69 4.98
C LYS A 23 -9.92 -13.14 5.11
N SER A 24 -10.44 -13.47 6.28
CA SER A 24 -10.92 -14.83 6.54
C SER A 24 -11.95 -15.25 5.49
N ASP A 25 -13.00 -14.45 5.36
CA ASP A 25 -14.06 -14.74 4.39
C ASP A 25 -14.59 -13.45 3.78
N THR A 26 -14.68 -13.42 2.46
CA THR A 26 -15.18 -12.24 1.75
C THR A 26 -16.68 -12.08 1.95
N ALA A 27 -17.41 -13.19 1.89
CA ALA A 27 -18.86 -13.17 2.08
C ALA A 27 -19.26 -12.15 3.13
N ALA A 28 -18.47 -12.05 4.19
CA ALA A 28 -18.75 -11.10 5.27
C ALA A 28 -17.59 -10.13 5.45
N ASP A 29 -16.43 -10.66 5.82
CA ASP A 29 -15.24 -9.83 6.04
C ASP A 29 -14.76 -9.24 4.72
N THR A 30 -14.93 -7.93 4.57
CA THR A 30 -14.51 -7.23 3.35
C THR A 30 -13.75 -5.95 3.69
N TYR A 31 -12.74 -5.64 2.88
CA TYR A 31 -11.94 -4.45 3.09
C TYR A 31 -12.82 -3.21 3.25
N GLY A 32 -12.19 -2.04 3.35
CA GLY A 32 -12.93 -0.81 3.50
C GLY A 32 -12.12 0.41 3.09
N PHE A 33 -11.08 0.18 2.30
CA PHE A 33 -10.22 1.27 1.84
C PHE A 33 -10.47 1.59 0.38
N SER A 34 -10.68 2.87 0.08
CA SER A 34 -10.94 3.30 -1.29
C SER A 34 -9.68 3.92 -1.90
N LEU A 35 -9.54 3.77 -3.22
CA LEU A 35 -8.38 4.31 -3.94
C LEU A 35 -8.82 5.38 -4.93
N SER A 36 -7.88 6.22 -5.33
CA SER A 36 -8.16 7.29 -6.27
C SER A 36 -7.16 7.27 -7.44
N SER A 37 -7.68 7.09 -8.65
CA SER A 37 -6.84 7.05 -9.84
C SER A 37 -6.58 8.45 -10.38
N VAL A 38 -5.33 8.88 -10.32
CA VAL A 38 -4.94 10.20 -10.80
C VAL A 38 -3.99 10.10 -11.99
N GLU A 39 -4.31 10.83 -13.05
CA GLU A 39 -3.48 10.82 -14.26
C GLU A 39 -2.62 12.08 -14.33
N GLU A 40 -1.31 11.90 -14.36
CA GLU A 40 -0.38 13.02 -14.42
C GLU A 40 0.65 12.80 -15.53
N ASP A 41 0.59 13.64 -16.55
CA ASP A 41 1.52 13.54 -17.68
C ASP A 41 1.36 12.21 -18.40
N GLY A 42 0.13 11.73 -18.48
CA GLY A 42 -0.14 10.47 -19.14
C GLY A 42 0.03 9.28 -18.22
N ILE A 43 0.85 9.44 -17.19
CA ILE A 43 1.09 8.37 -16.23
C ILE A 43 -0.03 8.30 -15.20
N ARG A 44 -0.66 7.14 -15.10
CA ARG A 44 -1.75 6.94 -14.15
C ARG A 44 -1.22 6.38 -12.82
N ARG A 45 -1.74 6.90 -11.72
CA ARG A 45 -1.32 6.47 -10.39
C ARG A 45 -2.51 6.29 -9.47
N LEU A 46 -2.33 5.52 -8.40
CA LEU A 46 -3.40 5.27 -7.44
C LEU A 46 -3.03 5.80 -6.07
N TYR A 47 -4.04 6.22 -5.31
CA TYR A 47 -3.82 6.75 -3.97
C TYR A 47 -4.98 6.39 -3.04
N VAL A 48 -4.65 5.97 -1.83
CA VAL A 48 -5.67 5.60 -0.85
C VAL A 48 -6.46 6.82 -0.40
N ASN A 49 -7.70 6.92 -0.87
CA ASN A 49 -8.57 8.04 -0.51
C ASN A 49 -9.08 7.90 0.92
N SER A 50 -9.44 6.68 1.30
CA SER A 50 -9.95 6.41 2.64
C SER A 50 -9.52 5.03 3.12
N VAL A 51 -9.69 4.78 4.41
CA VAL A 51 -9.31 3.49 4.99
C VAL A 51 -10.26 3.11 6.12
N LYS A 52 -10.56 1.83 6.22
CA LYS A 52 -11.47 1.32 7.25
C LYS A 52 -10.93 1.65 8.65
N GLU A 53 -11.72 1.33 9.67
CA GLU A 53 -11.33 1.59 11.05
C GLU A 53 -10.80 0.32 11.71
N THR A 54 -9.59 0.41 12.28
CA THR A 54 -8.98 -0.73 12.95
C THR A 54 -9.24 -2.02 12.18
N GLY A 55 -8.98 -1.99 10.87
CA GLY A 55 -9.19 -3.17 10.05
C GLY A 55 -7.89 -3.86 9.70
N LEU A 56 -7.72 -4.19 8.42
CA LEU A 56 -6.51 -4.87 7.97
C LEU A 56 -5.54 -3.88 7.34
N ALA A 57 -6.06 -2.92 6.59
CA ALA A 57 -5.23 -1.91 5.95
C ALA A 57 -4.71 -0.91 6.96
N SER A 58 -5.53 -0.61 7.97
CA SER A 58 -5.14 0.35 9.01
C SER A 58 -4.05 -0.25 9.90
N LYS A 59 -4.22 -1.51 10.27
CA LYS A 59 -3.25 -2.19 11.13
C LYS A 59 -1.95 -2.44 10.38
N LYS A 60 -2.06 -2.88 9.13
CA LYS A 60 -0.89 -3.16 8.31
C LYS A 60 0.01 -1.93 8.21
N GLY A 61 -0.50 -0.87 7.61
CA GLY A 61 0.28 0.34 7.46
C GLY A 61 -0.24 1.24 6.34
N LEU A 62 -1.55 1.28 6.18
CA LEU A 62 -2.17 2.10 5.14
C LEU A 62 -3.02 3.20 5.75
N LYS A 63 -3.07 4.34 5.08
CA LYS A 63 -3.86 5.47 5.56
C LYS A 63 -4.33 6.34 4.39
N ALA A 64 -5.28 7.22 4.66
CA ALA A 64 -5.81 8.12 3.64
C ALA A 64 -4.78 9.18 3.25
N GLY A 65 -3.97 8.87 2.25
CA GLY A 65 -2.96 9.81 1.80
C GLY A 65 -1.70 9.12 1.33
N ASP A 66 -1.85 7.95 0.72
CA ASP A 66 -0.71 7.19 0.21
C ASP A 66 -0.83 6.97 -1.29
N GLU A 67 0.25 6.48 -1.89
CA GLU A 67 0.27 6.23 -3.32
C GLU A 67 0.64 4.77 -3.62
N ILE A 68 -0.19 4.10 -4.41
CA ILE A 68 0.04 2.71 -4.77
C ILE A 68 1.06 2.59 -5.90
N LEU A 69 1.91 1.58 -5.82
CA LEU A 69 2.93 1.35 -6.84
C LEU A 69 2.57 0.16 -7.71
N GLU A 70 2.13 -0.93 -7.08
CA GLU A 70 1.75 -2.13 -7.81
C GLU A 70 0.74 -2.96 -7.01
N ILE A 71 0.03 -3.83 -7.70
CA ILE A 71 -0.98 -4.67 -7.06
C ILE A 71 -0.84 -6.13 -7.51
N ASN A 72 -0.24 -6.95 -6.65
CA ASN A 72 -0.05 -8.36 -6.96
C ASN A 72 0.82 -8.54 -8.19
N ASN A 73 1.90 -7.75 -8.27
CA ASN A 73 2.81 -7.83 -9.40
C ASN A 73 2.18 -7.21 -10.66
N ARG A 74 1.37 -6.18 -10.45
CA ARG A 74 0.71 -5.50 -11.57
C ARG A 74 0.82 -3.99 -11.43
N ALA A 75 1.06 -3.31 -12.55
CA ALA A 75 1.19 -1.86 -12.55
C ALA A 75 -0.18 -1.19 -12.46
N ALA A 76 -0.31 -0.25 -11.53
CA ALA A 76 -1.57 0.47 -11.35
C ALA A 76 -2.05 1.07 -12.67
N ASP A 77 -1.13 1.59 -13.46
CA ASP A 77 -1.46 2.20 -14.75
C ASP A 77 -1.88 1.12 -15.76
N ALA A 78 -1.35 -0.08 -15.58
CA ALA A 78 -1.67 -1.19 -16.47
C ALA A 78 -3.04 -1.78 -16.15
N LEU A 79 -3.47 -1.62 -14.91
CA LEU A 79 -4.76 -2.13 -14.48
C LEU A 79 -5.87 -1.12 -14.76
N ASN A 80 -7.08 -1.63 -14.97
CA ASN A 80 -8.23 -0.77 -15.24
C ASN A 80 -9.29 -0.91 -14.16
N SER A 81 -10.22 0.04 -14.12
CA SER A 81 -11.29 0.03 -13.13
C SER A 81 -11.87 -1.38 -12.98
N SER A 82 -12.04 -2.06 -14.11
CA SER A 82 -12.59 -3.41 -14.11
C SER A 82 -11.73 -4.35 -13.27
N MET A 83 -10.41 -4.21 -13.39
CA MET A 83 -9.48 -5.04 -12.63
C MET A 83 -9.61 -4.78 -11.14
N LEU A 84 -9.51 -3.50 -10.75
CA LEU A 84 -9.60 -3.12 -9.35
C LEU A 84 -10.75 -3.86 -8.67
N LYS A 85 -11.92 -3.85 -9.31
CA LYS A 85 -13.10 -4.52 -8.76
C LYS A 85 -12.78 -5.97 -8.41
N ASP A 86 -12.16 -6.68 -9.35
CA ASP A 86 -11.80 -8.08 -9.13
C ASP A 86 -10.81 -8.22 -7.99
N PHE A 87 -9.81 -7.34 -7.97
CA PHE A 87 -8.79 -7.36 -6.92
C PHE A 87 -9.42 -7.27 -5.54
N LEU A 88 -10.32 -6.32 -5.37
CA LEU A 88 -11.00 -6.12 -4.10
C LEU A 88 -11.96 -7.26 -3.81
N SER A 89 -12.44 -7.90 -4.87
CA SER A 89 -13.37 -9.01 -4.74
C SER A 89 -12.68 -10.23 -4.12
N GLN A 90 -11.35 -10.21 -4.12
CA GLN A 90 -10.58 -11.31 -3.56
C GLN A 90 -10.23 -11.05 -2.09
N PRO A 91 -10.20 -12.12 -1.29
CA PRO A 91 -9.90 -12.03 0.14
C PRO A 91 -8.43 -11.68 0.40
N SER A 92 -7.57 -12.06 -0.54
CA SER A 92 -6.15 -11.78 -0.42
C SER A 92 -5.68 -10.79 -1.48
N LEU A 93 -5.11 -9.68 -1.04
CA LEU A 93 -4.62 -8.65 -1.96
C LEU A 93 -3.19 -8.25 -1.62
N GLY A 94 -2.40 -7.99 -2.64
CA GLY A 94 -1.01 -7.59 -2.43
C GLY A 94 -0.71 -6.23 -3.04
N LEU A 95 -0.43 -5.25 -2.18
CA LEU A 95 -0.12 -3.90 -2.64
C LEU A 95 1.35 -3.58 -2.40
N LEU A 96 1.83 -2.49 -3.00
CA LEU A 96 3.22 -2.07 -2.85
C LEU A 96 3.31 -0.56 -2.72
N VAL A 97 3.62 -0.09 -1.52
CA VAL A 97 3.75 1.34 -1.26
C VAL A 97 5.16 1.69 -0.81
N ARG A 98 5.50 2.98 -0.89
CA ARG A 98 6.83 3.45 -0.50
C ARG A 98 6.82 3.89 0.96
N THR A 99 7.95 3.69 1.64
CA THR A 99 8.08 4.08 3.03
C THR A 99 9.45 4.70 3.30
N TYR A 100 9.57 5.37 4.45
CA TYR A 100 10.82 6.01 4.82
C TYR A 100 11.72 5.05 5.59
N PRO A 101 13.01 5.04 5.25
CA PRO A 101 14.00 4.17 5.89
C PRO A 101 14.28 4.59 7.34
N GLU A 102 14.26 3.61 8.24
CA GLU A 102 14.51 3.88 9.64
C GLU A 102 15.86 3.30 10.08
N LEU A 103 16.47 3.92 11.08
CA LEU A 103 17.76 3.46 11.59
C LEU A 103 17.79 1.95 11.73
N GLU A 104 18.98 1.40 11.89
CA GLU A 104 19.15 -0.05 12.04
C GLU A 104 17.98 -0.65 12.80
N GLU A 105 17.08 -1.31 12.06
CA GLU A 105 15.91 -1.94 12.66
C GLU A 105 16.30 -3.19 13.43
N GLY A 106 15.43 -3.61 14.34
CA GLY A 106 15.70 -4.80 15.13
C GLY A 106 16.77 -4.58 16.17
N VAL A 107 18.01 -4.42 15.71
CA VAL A 107 19.14 -4.19 16.62
C VAL A 107 18.98 -2.88 17.36
N GLU A 108 18.49 -2.95 18.59
CA GLU A 108 18.29 -1.76 19.41
C GLU A 108 19.56 -1.43 20.19
N SER A 109 20.28 -0.41 19.74
CA SER A 109 21.51 0.01 20.39
C SER A 109 21.27 1.22 21.28
N GLY A 110 21.91 1.23 22.45
CA GLY A 110 21.75 2.35 23.37
C GLY A 110 21.85 3.69 22.69
N PRO A 111 21.07 4.67 23.19
CA PRO A 111 21.04 6.02 22.63
C PRO A 111 22.34 6.78 22.89
N SER A 112 22.50 7.93 22.22
CA SER A 112 23.70 8.74 22.38
C SER A 112 23.43 9.93 23.30
N SER A 113 24.06 9.91 24.47
CA SER A 113 23.90 10.98 25.45
C SER A 113 25.25 11.53 25.89
N GLY A 114 26.14 10.63 26.29
CA GLY A 114 27.46 11.04 26.73
C GLY A 114 27.66 10.82 28.22
N GLY A 1 -21.31 15.11 -0.39
CA GLY A 1 -20.74 14.72 0.88
C GLY A 1 -19.30 15.17 1.04
N SER A 2 -18.88 15.42 2.27
CA SER A 2 -17.52 15.86 2.55
C SER A 2 -16.81 14.87 3.49
N SER A 3 -15.49 14.98 3.56
CA SER A 3 -14.69 14.11 4.40
C SER A 3 -13.97 14.91 5.48
N GLY A 4 -13.18 15.90 5.04
CA GLY A 4 -12.44 16.72 5.98
C GLY A 4 -11.02 17.01 5.50
N SER A 5 -10.04 16.55 6.26
CA SER A 5 -8.64 16.77 5.92
C SER A 5 -8.12 15.65 5.02
N SER A 6 -6.93 15.84 4.48
CA SER A 6 -6.32 14.85 3.60
C SER A 6 -5.05 14.28 4.22
N GLY A 7 -4.06 15.15 4.46
CA GLY A 7 -2.81 14.73 5.04
C GLY A 7 -1.70 15.70 4.80
N GLU A 8 -0.46 15.24 4.95
CA GLU A 8 0.72 16.09 4.75
C GLU A 8 1.99 15.26 4.66
N ILE A 9 2.71 15.41 3.56
CA ILE A 9 3.95 14.67 3.35
C ILE A 9 5.02 15.11 4.34
N GLU A 10 6.00 14.24 4.59
CA GLU A 10 7.08 14.54 5.51
C GLU A 10 8.40 14.71 4.75
N ILE A 11 9.19 15.69 5.17
CA ILE A 11 10.47 15.96 4.54
C ILE A 11 11.32 14.69 4.45
N CYS A 12 11.37 13.93 5.54
CA CYS A 12 12.13 12.70 5.57
C CYS A 12 11.79 11.81 4.37
N PRO A 13 12.77 11.02 3.93
CA PRO A 13 12.61 10.10 2.79
C PRO A 13 11.68 8.94 3.11
N LYS A 14 11.49 8.06 2.14
CA LYS A 14 10.62 6.90 2.31
C LYS A 14 11.17 5.69 1.54
N VAL A 15 10.57 4.53 1.79
CA VAL A 15 10.99 3.31 1.12
C VAL A 15 9.79 2.47 0.69
N THR A 16 10.04 1.44 -0.12
CA THR A 16 8.99 0.57 -0.60
C THR A 16 8.63 -0.49 0.44
N GLN A 17 7.33 -0.65 0.69
CA GLN A 17 6.86 -1.62 1.66
C GLN A 17 5.77 -2.51 1.06
N SER A 18 5.89 -3.82 1.28
CA SER A 18 4.92 -4.76 0.75
C SER A 18 3.84 -5.07 1.78
N ILE A 19 2.59 -4.78 1.42
CA ILE A 19 1.47 -5.03 2.32
C ILE A 19 0.61 -6.18 1.82
N HIS A 20 0.74 -7.34 2.46
CA HIS A 20 -0.03 -8.51 2.09
C HIS A 20 -1.24 -8.68 2.99
N ILE A 21 -2.42 -8.37 2.46
CA ILE A 21 -3.66 -8.48 3.23
C ILE A 21 -4.36 -9.80 2.93
N GLU A 22 -5.08 -10.32 3.92
CA GLU A 22 -5.81 -11.57 3.75
C GLU A 22 -7.11 -11.56 4.56
N LYS A 23 -8.20 -11.94 3.91
CA LYS A 23 -9.51 -11.99 4.57
C LYS A 23 -10.10 -13.39 4.53
N SER A 24 -10.42 -13.92 5.70
CA SER A 24 -11.00 -15.26 5.81
C SER A 24 -12.51 -15.21 5.64
N ASP A 25 -13.19 -14.64 6.61
CA ASP A 25 -14.65 -14.53 6.58
C ASP A 25 -15.13 -14.21 5.16
N THR A 26 -14.52 -13.19 4.56
CA THR A 26 -14.89 -12.76 3.21
C THR A 26 -16.40 -12.72 3.04
N ALA A 27 -17.10 -12.34 4.11
CA ALA A 27 -18.56 -12.25 4.07
C ALA A 27 -19.04 -10.93 4.66
N ALA A 28 -18.47 -10.55 5.80
CA ALA A 28 -18.85 -9.31 6.45
C ALA A 28 -17.67 -8.35 6.53
N ASP A 29 -16.47 -8.90 6.55
CA ASP A 29 -15.25 -8.10 6.62
C ASP A 29 -14.89 -7.53 5.25
N THR A 30 -14.73 -6.23 5.17
CA THR A 30 -14.38 -5.56 3.91
C THR A 30 -13.17 -4.66 4.09
N TYR A 31 -12.35 -4.59 3.04
CA TYR A 31 -11.14 -3.76 3.08
C TYR A 31 -11.49 -2.32 3.45
N GLY A 32 -12.73 -1.93 3.19
CA GLY A 32 -13.16 -0.58 3.52
C GLY A 32 -12.19 0.47 3.00
N PHE A 33 -11.36 0.08 2.04
CA PHE A 33 -10.39 1.01 1.46
C PHE A 33 -10.62 1.18 -0.03
N SER A 34 -10.46 2.42 -0.51
CA SER A 34 -10.66 2.72 -1.92
C SER A 34 -9.37 3.26 -2.54
N LEU A 35 -9.38 3.39 -3.86
CA LEU A 35 -8.22 3.90 -4.59
C LEU A 35 -8.62 4.91 -5.65
N SER A 36 -7.97 6.08 -5.63
CA SER A 36 -8.27 7.13 -6.58
C SER A 36 -7.22 7.19 -7.68
N SER A 37 -7.66 7.42 -8.92
CA SER A 37 -6.76 7.49 -10.06
C SER A 37 -6.46 8.94 -10.42
N VAL A 38 -5.18 9.24 -10.65
CA VAL A 38 -4.77 10.58 -11.00
C VAL A 38 -3.71 10.56 -12.10
N GLU A 39 -4.04 11.17 -13.24
CA GLU A 39 -3.11 11.21 -14.37
C GLU A 39 -2.29 12.49 -14.34
N GLU A 40 -0.97 12.34 -14.29
CA GLU A 40 -0.08 13.49 -14.27
C GLU A 40 0.98 13.39 -15.37
N ASP A 41 0.95 14.35 -16.29
CA ASP A 41 1.89 14.38 -17.40
C ASP A 41 1.93 13.02 -18.11
N GLY A 42 0.77 12.38 -18.18
CA GLY A 42 0.69 11.09 -18.84
C GLY A 42 0.87 9.93 -17.87
N ILE A 43 1.55 10.19 -16.76
CA ILE A 43 1.80 9.17 -15.75
C ILE A 43 0.60 9.00 -14.83
N ARG A 44 -0.11 7.88 -14.98
CA ARG A 44 -1.28 7.61 -14.17
C ARG A 44 -0.90 6.80 -12.92
N ARG A 45 -1.30 7.32 -11.75
CA ARG A 45 -0.99 6.64 -10.50
C ARG A 45 -2.24 6.53 -9.63
N LEU A 46 -2.17 5.68 -8.61
CA LEU A 46 -3.31 5.47 -7.71
C LEU A 46 -2.97 5.97 -6.31
N TYR A 47 -3.99 6.41 -5.59
CA TYR A 47 -3.81 6.92 -4.23
C TYR A 47 -5.00 6.53 -3.35
N VAL A 48 -4.69 5.88 -2.23
CA VAL A 48 -5.73 5.46 -1.29
C VAL A 48 -6.46 6.65 -0.69
N ASN A 49 -7.78 6.66 -0.84
CA ASN A 49 -8.60 7.75 -0.31
C ASN A 49 -8.96 7.51 1.15
N SER A 50 -9.62 6.38 1.41
CA SER A 50 -10.03 6.03 2.76
C SER A 50 -9.56 4.63 3.13
N VAL A 51 -9.45 4.37 4.43
CA VAL A 51 -9.01 3.06 4.91
C VAL A 51 -9.75 2.67 6.18
N LYS A 52 -10.17 1.41 6.26
CA LYS A 52 -10.88 0.92 7.42
C LYS A 52 -10.08 1.15 8.70
N GLU A 53 -10.62 1.98 9.59
CA GLU A 53 -9.95 2.29 10.85
C GLU A 53 -9.48 1.02 11.54
N THR A 54 -10.42 0.28 12.10
CA THR A 54 -10.11 -0.96 12.81
C THR A 54 -10.20 -2.16 11.87
N GLY A 55 -9.27 -2.23 10.93
CA GLY A 55 -9.26 -3.34 9.98
C GLY A 55 -7.87 -3.89 9.74
N LEU A 56 -7.67 -4.50 8.59
CA LEU A 56 -6.37 -5.09 8.24
C LEU A 56 -5.49 -4.06 7.54
N ALA A 57 -5.85 -3.72 6.31
CA ALA A 57 -5.10 -2.75 5.53
C ALA A 57 -4.51 -1.66 6.42
N SER A 58 -5.32 -1.16 7.34
CA SER A 58 -4.87 -0.11 8.26
C SER A 58 -3.68 -0.58 9.09
N LYS A 59 -3.93 -1.51 10.00
CA LYS A 59 -2.89 -2.05 10.86
C LYS A 59 -1.66 -2.43 10.04
N LYS A 60 -1.89 -3.08 8.90
CA LYS A 60 -0.80 -3.49 8.02
C LYS A 60 0.15 -2.35 7.76
N GLY A 61 -0.36 -1.26 7.20
CA GLY A 61 0.47 -0.10 6.91
C GLY A 61 -0.24 0.90 6.01
N LEU A 62 -1.24 0.44 5.29
CA LEU A 62 -2.00 1.30 4.39
C LEU A 62 -2.64 2.46 5.15
N LYS A 63 -2.82 3.59 4.47
CA LYS A 63 -3.41 4.77 5.08
C LYS A 63 -3.86 5.76 4.01
N ALA A 64 -4.96 6.46 4.29
CA ALA A 64 -5.49 7.45 3.36
C ALA A 64 -4.40 8.38 2.86
N GLY A 65 -3.85 8.07 1.69
CA GLY A 65 -2.79 8.88 1.12
C GLY A 65 -1.71 8.06 0.44
N ASP A 66 -1.49 6.85 0.96
CA ASP A 66 -0.49 5.95 0.39
C ASP A 66 -0.77 5.68 -1.08
N GLU A 67 0.28 5.70 -1.89
CA GLU A 67 0.15 5.45 -3.32
C GLU A 67 0.51 4.01 -3.66
N ILE A 68 -0.24 3.40 -4.57
CA ILE A 68 0.00 2.03 -4.98
C ILE A 68 0.90 1.97 -6.22
N LEU A 69 2.13 1.52 -6.04
CA LEU A 69 3.08 1.41 -7.14
C LEU A 69 2.80 0.17 -7.97
N GLU A 70 2.23 -0.84 -7.34
CA GLU A 70 1.92 -2.10 -8.04
C GLU A 70 0.87 -2.89 -7.26
N ILE A 71 0.14 -3.74 -7.97
CA ILE A 71 -0.90 -4.56 -7.35
C ILE A 71 -0.83 -6.00 -7.86
N ASN A 72 -0.29 -6.89 -7.03
CA ASN A 72 -0.16 -8.30 -7.39
C ASN A 72 0.70 -8.46 -8.63
N ASN A 73 1.85 -7.80 -8.65
CA ASN A 73 2.77 -7.88 -9.77
C ASN A 73 2.12 -7.30 -11.03
N ARG A 74 1.41 -6.19 -10.88
CA ARG A 74 0.74 -5.53 -11.99
C ARG A 74 0.83 -4.02 -11.87
N ALA A 75 0.98 -3.34 -13.00
CA ALA A 75 1.07 -1.89 -13.01
C ALA A 75 -0.29 -1.26 -12.75
N ALA A 76 -0.37 -0.45 -11.69
CA ALA A 76 -1.61 0.21 -11.34
C ALA A 76 -2.30 0.80 -12.56
N ASP A 77 -1.58 1.65 -13.28
CA ASP A 77 -2.11 2.28 -14.48
C ASP A 77 -2.71 1.24 -15.42
N ALA A 78 -2.04 0.10 -15.53
CA ALA A 78 -2.50 -0.99 -16.40
C ALA A 78 -3.84 -1.53 -15.92
N LEU A 79 -4.05 -1.50 -14.61
CA LEU A 79 -5.29 -2.01 -14.01
C LEU A 79 -6.38 -0.95 -14.06
N ASN A 80 -7.54 -1.32 -14.61
CA ASN A 80 -8.67 -0.40 -14.72
C ASN A 80 -9.85 -0.89 -13.88
N SER A 81 -10.91 -0.09 -13.84
CA SER A 81 -12.10 -0.45 -13.08
C SER A 81 -12.34 -1.95 -13.09
N SER A 82 -12.23 -2.54 -14.28
CA SER A 82 -12.44 -3.98 -14.45
C SER A 82 -11.52 -4.76 -13.51
N MET A 83 -10.22 -4.74 -13.81
CA MET A 83 -9.24 -5.45 -12.99
C MET A 83 -9.36 -5.05 -11.53
N LEU A 84 -9.29 -3.75 -11.26
CA LEU A 84 -9.39 -3.24 -9.89
C LEU A 84 -10.54 -3.91 -9.15
N LYS A 85 -11.68 -4.03 -9.81
CA LYS A 85 -12.85 -4.65 -9.21
C LYS A 85 -12.57 -6.10 -8.82
N ASP A 86 -11.92 -6.83 -9.73
CA ASP A 86 -11.59 -8.23 -9.48
C ASP A 86 -10.64 -8.36 -8.29
N PHE A 87 -9.50 -7.67 -8.37
CA PHE A 87 -8.51 -7.71 -7.30
C PHE A 87 -9.16 -7.41 -5.96
N LEU A 88 -9.97 -6.37 -5.91
CA LEU A 88 -10.65 -5.99 -4.68
C LEU A 88 -11.66 -7.05 -4.24
N SER A 89 -12.03 -7.92 -5.19
CA SER A 89 -12.97 -8.99 -4.91
C SER A 89 -12.25 -10.28 -4.55
N GLN A 90 -11.09 -10.14 -3.90
CA GLN A 90 -10.29 -11.30 -3.51
C GLN A 90 -9.96 -11.24 -2.03
N PRO A 91 -9.79 -12.41 -1.40
CA PRO A 91 -9.46 -12.52 0.03
C PRO A 91 -8.05 -12.05 0.33
N SER A 92 -7.12 -12.36 -0.57
CA SER A 92 -5.73 -11.97 -0.40
C SER A 92 -5.29 -10.98 -1.48
N LEU A 93 -4.61 -9.92 -1.07
CA LEU A 93 -4.15 -8.89 -1.99
C LEU A 93 -2.75 -8.41 -1.62
N GLY A 94 -1.91 -8.19 -2.64
CA GLY A 94 -0.56 -7.73 -2.39
C GLY A 94 -0.30 -6.37 -2.98
N LEU A 95 -0.43 -5.33 -2.16
CA LEU A 95 -0.20 -3.96 -2.60
C LEU A 95 1.23 -3.52 -2.32
N LEU A 96 1.69 -2.49 -3.03
CA LEU A 96 3.03 -1.97 -2.85
C LEU A 96 3.02 -0.46 -2.70
N VAL A 97 3.10 0.01 -1.46
CA VAL A 97 3.10 1.44 -1.18
C VAL A 97 4.43 1.88 -0.57
N ARG A 98 4.68 3.18 -0.61
CA ARG A 98 5.92 3.73 -0.06
C ARG A 98 5.69 4.31 1.33
N THR A 99 6.51 3.89 2.29
CA THR A 99 6.39 4.36 3.66
C THR A 99 7.75 4.63 4.27
N TYR A 100 7.80 5.52 5.26
CA TYR A 100 9.05 5.87 5.91
C TYR A 100 9.64 4.66 6.63
N PRO A 101 10.95 4.45 6.45
CA PRO A 101 11.67 3.33 7.07
C PRO A 101 11.81 3.50 8.58
N GLU A 102 11.96 2.38 9.28
CA GLU A 102 12.10 2.41 10.73
C GLU A 102 13.41 1.73 11.16
N LEU A 103 13.63 1.68 12.47
CA LEU A 103 14.85 1.07 13.01
C LEU A 103 14.75 -0.44 12.96
N GLU A 104 13.71 -0.95 12.33
CA GLU A 104 13.50 -2.40 12.21
C GLU A 104 13.75 -2.86 10.78
N GLU A 105 14.93 -2.55 10.26
CA GLU A 105 15.29 -2.94 8.91
C GLU A 105 16.62 -3.70 8.88
N GLY A 106 16.82 -4.51 7.85
CA GLY A 106 18.05 -5.27 7.74
C GLY A 106 17.84 -6.61 7.06
N VAL A 107 18.12 -6.66 5.76
CA VAL A 107 17.96 -7.90 5.00
C VAL A 107 19.30 -8.50 4.64
N GLU A 108 19.45 -9.81 4.87
CA GLU A 108 20.69 -10.50 4.57
C GLU A 108 20.44 -11.71 3.67
N SER A 109 20.81 -11.58 2.40
CA SER A 109 20.62 -12.66 1.43
C SER A 109 21.28 -13.94 1.91
N GLY A 110 20.56 -15.05 1.81
CA GLY A 110 21.10 -16.33 2.23
C GLY A 110 21.26 -16.41 3.74
N PRO A 111 21.06 -17.62 4.30
CA PRO A 111 21.18 -17.86 5.73
C PRO A 111 22.63 -17.78 6.22
N SER A 112 22.81 -17.81 7.53
CA SER A 112 24.14 -17.72 8.12
C SER A 112 24.36 -18.86 9.12
N SER A 113 25.61 -19.01 9.56
CA SER A 113 25.95 -20.06 10.52
C SER A 113 24.91 -20.15 11.62
N GLY A 114 24.66 -19.04 12.30
CA GLY A 114 23.68 -19.02 13.37
C GLY A 114 24.32 -18.99 14.74
#